data_7E3W
#
_entry.id   7E3W
#
_cell.length_a   70.729
_cell.length_b   121.503
_cell.length_c   187.251
_cell.angle_alpha   90.000
_cell.angle_beta   90.000
_cell.angle_gamma   90.000
#
_symmetry.space_group_name_H-M   'P 21 21 21'
#
loop_
_entity.id
_entity.type
_entity.pdbx_description
1 polymer 'UPF0173 metal-dependent hydrolase C7P97_11315'
2 non-polymer "ADENOSINE-3',5'-CYCLIC-MONOPHOSPHATE"
3 non-polymer 2-AMINO-2-HYDROXYMETHYL-PROPANE-1,3-DIOL
4 non-polymer 'CHLORIDE ION'
5 non-polymer 'ZINC ION'
6 non-polymer 'NICKEL (II) ION'
7 water water
#
_entity_poly.entity_id   1
_entity_poly.type   'polypeptide(L)'
_entity_poly.pdbx_seq_one_letter_code
;HHHHHHSSGLVPRGSHMMKLSFHGQSTIYLEGNNKKVIVDPFISNNPKCDLNIETVQVDYIVLTHGHFDHFGDVVELAKK
TGATVIGSAEMADYLSSYHGVENVHGMNIGGKANFDFGSVKFVQAFHSSSFTHENGIPVYLGMPMGIVFEVEGKTIYHTG
DTGLFSDMSLIAKRHPVDVCFVPIGDNFTMGIDDASYAINEFIKPKISVPIHYDTFPLIEQDPQQFKDAVNVGDVQILKP
GESVQF
;
_entity_poly.pdbx_strand_id   A,B,C,D,E,F
#
# COMPACT_ATOMS: atom_id res chain seq x y z
N GLY A 9 -40.82 -38.49 -3.48
CA GLY A 9 -40.04 -38.91 -4.65
C GLY A 9 -39.75 -37.76 -5.61
N LEU A 10 -40.42 -36.62 -5.45
CA LEU A 10 -40.22 -35.43 -6.33
C LEU A 10 -38.77 -34.97 -6.13
N VAL A 11 -38.11 -34.65 -7.23
CA VAL A 11 -36.74 -34.06 -7.28
C VAL A 11 -36.87 -32.65 -6.70
N PRO A 12 -35.88 -32.16 -5.92
CA PRO A 12 -35.93 -30.80 -5.42
C PRO A 12 -35.94 -29.81 -6.59
N ARG A 13 -36.46 -28.61 -6.37
CA ARG A 13 -36.59 -27.58 -7.43
C ARG A 13 -35.22 -27.30 -8.07
N GLY A 14 -35.19 -27.12 -9.40
CA GLY A 14 -33.96 -26.85 -10.16
C GLY A 14 -33.56 -25.39 -10.09
N SER A 15 -32.66 -24.98 -10.97
CA SER A 15 -31.90 -23.70 -10.84
C SER A 15 -32.74 -22.55 -11.38
N HIS A 16 -32.47 -21.36 -10.86
CA HIS A 16 -33.20 -20.11 -11.13
C HIS A 16 -32.24 -18.97 -10.79
N MET A 17 -32.58 -17.73 -11.11
CA MET A 17 -31.88 -16.54 -10.55
C MET A 17 -31.73 -16.72 -9.03
N MET A 18 -30.52 -16.51 -8.53
CA MET A 18 -30.28 -16.59 -7.07
C MET A 18 -31.26 -15.66 -6.34
N LYS A 19 -31.92 -16.20 -5.32
CA LYS A 19 -32.91 -15.49 -4.51
C LYS A 19 -32.22 -14.79 -3.33
N LEU A 20 -32.32 -13.48 -3.30
CA LEU A 20 -31.62 -12.65 -2.32
C LEU A 20 -32.46 -11.39 -2.10
N SER A 21 -32.99 -11.21 -0.90
CA SER A 21 -33.88 -10.05 -0.62
C SER A 21 -33.53 -9.31 0.66
N PHE A 22 -33.95 -8.06 0.72
CA PHE A 22 -33.75 -7.13 1.86
C PHE A 22 -35.09 -6.90 2.56
N HIS A 23 -35.08 -6.84 3.89
CA HIS A 23 -36.31 -6.82 4.74
C HIS A 23 -36.25 -5.74 5.83
N GLY A 24 -35.43 -4.72 5.66
CA GLY A 24 -35.33 -3.59 6.60
C GLY A 24 -34.19 -3.78 7.59
N GLN A 25 -33.66 -2.67 8.10
CA GLN A 25 -32.47 -2.60 8.98
C GLN A 25 -31.34 -3.39 8.31
N SER A 26 -30.85 -4.48 8.88
CA SER A 26 -29.76 -5.27 8.26
C SER A 26 -30.24 -6.67 7.91
N THR A 27 -31.57 -6.87 7.87
CA THR A 27 -32.14 -8.20 7.61
C THR A 27 -32.03 -8.53 6.12
N ILE A 28 -31.37 -9.62 5.79
CA ILE A 28 -31.44 -10.15 4.42
C ILE A 28 -31.86 -11.60 4.49
N TYR A 29 -32.39 -12.08 3.37
CA TYR A 29 -32.95 -13.44 3.23
C TYR A 29 -32.39 -13.99 1.93
N LEU A 30 -31.96 -15.24 1.95
CA LEU A 30 -31.47 -15.84 0.71
C LEU A 30 -31.81 -17.30 0.71
N GLU A 31 -31.77 -17.88 -0.48
CA GLU A 31 -32.00 -19.30 -0.72
C GLU A 31 -30.78 -19.87 -1.41
N GLY A 32 -30.31 -21.00 -0.94
CA GLY A 32 -29.22 -21.76 -1.56
C GLY A 32 -29.55 -23.23 -1.55
N ASN A 33 -29.54 -23.88 -2.71
CA ASN A 33 -29.82 -25.33 -2.81
C ASN A 33 -31.13 -25.66 -2.04
N ASN A 34 -32.13 -24.80 -2.17
CA ASN A 34 -33.52 -24.98 -1.66
C ASN A 34 -33.52 -24.91 -0.14
N LYS A 35 -32.47 -24.32 0.47
CA LYS A 35 -32.45 -24.03 1.93
C LYS A 35 -32.53 -22.53 2.12
N LYS A 36 -33.22 -22.15 3.16
CA LYS A 36 -33.63 -20.76 3.44
C LYS A 36 -32.76 -20.22 4.57
N VAL A 37 -32.24 -19.00 4.40
CA VAL A 37 -31.25 -18.39 5.32
C VAL A 37 -31.72 -16.98 5.63
N ILE A 38 -31.72 -16.56 6.89
CA ILE A 38 -32.01 -15.15 7.24
C ILE A 38 -30.85 -14.65 8.09
N VAL A 39 -30.50 -13.40 7.86
CA VAL A 39 -29.47 -12.64 8.63
C VAL A 39 -30.16 -11.62 9.52
N ASP A 40 -29.80 -11.59 10.81
CA ASP A 40 -30.15 -10.45 11.70
C ASP A 40 -31.68 -10.25 11.66
N PRO A 41 -32.46 -11.26 12.13
CA PRO A 41 -33.93 -11.25 12.02
C PRO A 41 -34.68 -10.35 13.02
N PHE A 42 -34.60 -9.06 12.78
CA PHE A 42 -35.32 -7.98 13.49
C PHE A 42 -36.68 -7.75 12.82
N ILE A 43 -37.64 -8.63 13.14
CA ILE A 43 -38.90 -8.74 12.38
C ILE A 43 -40.06 -8.12 13.19
N SER A 44 -40.41 -8.73 14.32
CA SER A 44 -41.62 -8.35 15.09
C SER A 44 -41.50 -6.90 15.58
N ASN A 45 -40.32 -6.38 15.94
CA ASN A 45 -40.16 -5.02 16.54
C ASN A 45 -39.68 -3.99 15.51
N ASN A 46 -39.65 -4.34 14.23
CA ASN A 46 -39.38 -3.39 13.11
C ASN A 46 -40.67 -3.24 12.30
N PRO A 47 -41.48 -2.19 12.52
CA PRO A 47 -42.72 -2.02 11.77
C PRO A 47 -42.49 -1.84 10.26
N LYS A 48 -41.30 -1.42 9.84
CA LYS A 48 -40.92 -1.28 8.39
C LYS A 48 -40.57 -2.65 7.78
N CYS A 49 -40.36 -3.69 8.60
CA CYS A 49 -40.06 -5.08 8.14
C CYS A 49 -41.36 -5.69 7.62
N ASP A 50 -41.32 -6.25 6.40
CA ASP A 50 -42.45 -6.84 5.64
C ASP A 50 -42.69 -8.27 6.14
N LEU A 51 -41.75 -8.83 6.89
CA LEU A 51 -41.85 -10.26 7.27
C LEU A 51 -42.72 -10.38 8.51
N ASN A 52 -43.08 -11.62 8.80
CA ASN A 52 -43.94 -11.99 9.96
C ASN A 52 -43.33 -13.24 10.59
N ILE A 53 -43.02 -13.12 11.88
CA ILE A 53 -42.41 -14.18 12.73
C ILE A 53 -43.21 -15.48 12.59
N GLU A 54 -44.53 -15.39 12.43
CA GLU A 54 -45.39 -16.59 12.41
C GLU A 54 -45.29 -17.31 11.06
N THR A 55 -44.94 -16.63 9.98
CA THR A 55 -45.01 -17.25 8.63
C THR A 55 -43.63 -17.44 8.02
N VAL A 56 -42.60 -16.73 8.49
CA VAL A 56 -41.26 -16.79 7.80
C VAL A 56 -40.70 -18.21 7.97
N GLN A 57 -40.26 -18.80 6.87
CA GLN A 57 -39.64 -20.15 6.82
C GLN A 57 -38.13 -19.98 6.70
N VAL A 58 -37.38 -20.57 7.65
CA VAL A 58 -35.89 -20.54 7.62
C VAL A 58 -35.34 -21.87 8.08
N ASP A 59 -34.23 -22.26 7.45
CA ASP A 59 -33.40 -23.42 7.83
C ASP A 59 -32.18 -22.95 8.62
N TYR A 60 -31.74 -21.69 8.42
CA TYR A 60 -30.55 -21.13 9.11
C TYR A 60 -30.81 -19.67 9.44
N ILE A 61 -30.31 -19.25 10.59
CA ILE A 61 -30.24 -17.84 11.04
C ILE A 61 -28.77 -17.52 11.26
N VAL A 62 -28.27 -16.46 10.65
CA VAL A 62 -26.87 -16.01 10.85
C VAL A 62 -26.90 -14.65 11.53
N LEU A 63 -26.09 -14.49 12.57
CA LEU A 63 -26.08 -13.22 13.32
C LEU A 63 -24.73 -12.53 13.20
N THR A 64 -24.74 -11.28 12.74
CA THR A 64 -23.48 -10.50 12.57
C THR A 64 -23.00 -10.04 13.95
N HIS A 65 -23.91 -9.83 14.88
CA HIS A 65 -23.59 -9.31 16.23
C HIS A 65 -24.88 -9.33 17.07
N GLY A 66 -24.74 -8.99 18.34
CA GLY A 66 -25.74 -9.29 19.39
C GLY A 66 -26.76 -8.20 19.59
N HIS A 67 -26.57 -7.02 19.02
CA HIS A 67 -27.47 -5.87 19.32
C HIS A 67 -28.93 -6.21 19.01
N PHE A 68 -29.88 -5.63 19.79
CA PHE A 68 -31.33 -5.93 19.77
C PHE A 68 -31.86 -5.85 18.33
N ASP A 69 -31.36 -4.91 17.51
CA ASP A 69 -31.88 -4.62 16.15
C ASP A 69 -31.27 -5.62 15.14
N HIS A 70 -30.56 -6.64 15.63
CA HIS A 70 -30.04 -7.75 14.80
C HIS A 70 -30.43 -9.09 15.40
N PHE A 71 -30.10 -9.31 16.66
CA PHE A 71 -30.53 -10.48 17.48
C PHE A 71 -32.04 -10.70 17.28
N GLY A 72 -32.80 -9.63 17.50
CA GLY A 72 -34.25 -9.57 17.18
C GLY A 72 -34.98 -10.80 17.68
N ASP A 73 -35.65 -11.52 16.79
CA ASP A 73 -36.54 -12.64 17.17
C ASP A 73 -35.81 -13.97 17.11
N VAL A 74 -34.48 -13.99 17.19
CA VAL A 74 -33.73 -15.24 16.94
C VAL A 74 -34.27 -16.37 17.83
N VAL A 75 -34.52 -16.12 19.10
CA VAL A 75 -34.86 -17.25 20.03
C VAL A 75 -36.21 -17.83 19.61
N GLU A 76 -37.22 -16.99 19.45
CA GLU A 76 -38.59 -17.47 19.10
C GLU A 76 -38.58 -18.03 17.68
N LEU A 77 -37.82 -17.45 16.73
CA LEU A 77 -37.81 -17.93 15.34
C LEU A 77 -37.14 -19.30 15.31
N ALA A 78 -35.99 -19.47 15.98
CA ALA A 78 -35.27 -20.76 16.01
C ALA A 78 -36.17 -21.83 16.63
N LYS A 79 -36.95 -21.48 17.66
CA LYS A 79 -37.80 -22.45 18.39
C LYS A 79 -38.90 -22.94 17.45
N LYS A 80 -39.59 -22.03 16.78
CA LYS A 80 -40.69 -22.36 15.84
C LYS A 80 -40.17 -23.15 14.64
N THR A 81 -39.05 -22.78 14.03
CA THR A 81 -38.61 -23.31 12.71
C THR A 81 -37.68 -24.51 12.88
N GLY A 82 -37.02 -24.65 14.04
CA GLY A 82 -35.91 -25.60 14.24
C GLY A 82 -34.63 -25.18 13.48
N ALA A 83 -34.57 -23.92 13.02
CA ALA A 83 -33.41 -23.39 12.27
C ALA A 83 -32.12 -23.49 13.11
N THR A 84 -30.98 -23.69 12.43
CA THR A 84 -29.64 -23.66 13.04
C THR A 84 -29.19 -22.20 13.10
N VAL A 85 -28.71 -21.75 14.24
CA VAL A 85 -28.27 -20.33 14.43
C VAL A 85 -26.75 -20.34 14.35
N ILE A 86 -26.20 -19.60 13.39
CA ILE A 86 -24.74 -19.56 13.09
C ILE A 86 -24.25 -18.20 13.61
N GLY A 87 -23.24 -18.19 14.46
CA GLY A 87 -22.75 -16.91 15.03
C GLY A 87 -21.40 -17.15 15.70
N SER A 88 -20.98 -16.18 16.52
CA SER A 88 -19.72 -16.27 17.28
C SER A 88 -19.82 -17.44 18.25
N ALA A 89 -18.69 -17.92 18.77
CA ALA A 89 -18.72 -18.94 19.84
C ALA A 89 -19.53 -18.39 21.03
N GLU A 90 -19.39 -17.13 21.43
CA GLU A 90 -20.14 -16.55 22.59
C GLU A 90 -21.65 -16.59 22.28
N MET A 91 -22.03 -16.23 21.07
CA MET A 91 -23.47 -16.20 20.68
C MET A 91 -24.02 -17.63 20.74
N ALA A 92 -23.29 -18.60 20.21
CA ALA A 92 -23.71 -20.03 20.27
C ALA A 92 -23.86 -20.48 21.74
N ASP A 93 -22.90 -20.18 22.62
CA ASP A 93 -22.97 -20.59 24.04
C ASP A 93 -24.20 -19.95 24.69
N TYR A 94 -24.34 -18.63 24.57
CA TYR A 94 -25.46 -17.85 25.15
C TYR A 94 -26.78 -18.43 24.66
N LEU A 95 -26.96 -18.52 23.36
CA LEU A 95 -28.26 -19.05 22.81
C LEU A 95 -28.52 -20.44 23.37
N SER A 96 -27.52 -21.31 23.36
CA SER A 96 -27.71 -22.74 23.69
C SER A 96 -27.95 -22.87 25.20
N SER A 97 -27.10 -22.24 26.01
CA SER A 97 -27.08 -22.45 27.47
C SER A 97 -28.09 -21.56 28.19
N TYR A 98 -28.20 -20.29 27.81
CA TYR A 98 -29.09 -19.33 28.50
C TYR A 98 -30.50 -19.40 27.93
N HIS A 99 -30.66 -19.51 26.60
CA HIS A 99 -32.00 -19.44 25.94
C HIS A 99 -32.52 -20.80 25.51
N GLY A 100 -31.74 -21.88 25.58
CA GLY A 100 -32.21 -23.24 25.24
C GLY A 100 -32.41 -23.44 23.74
N VAL A 101 -31.73 -22.66 22.90
CA VAL A 101 -31.84 -22.87 21.43
C VAL A 101 -31.28 -24.26 21.13
N GLU A 102 -32.03 -25.07 20.37
CA GLU A 102 -31.68 -26.49 20.12
C GLU A 102 -30.47 -26.58 19.18
N ASN A 103 -30.40 -25.74 18.15
CA ASN A 103 -29.47 -25.98 17.02
C ASN A 103 -28.60 -24.71 16.80
N VAL A 104 -27.34 -24.80 17.22
CA VAL A 104 -26.38 -23.67 17.08
C VAL A 104 -25.12 -24.19 16.41
N HIS A 105 -24.42 -23.29 15.70
CA HIS A 105 -23.09 -23.60 15.15
C HIS A 105 -22.23 -22.37 15.44
N GLY A 106 -21.32 -22.53 16.39
CA GLY A 106 -20.38 -21.48 16.77
C GLY A 106 -19.20 -21.44 15.80
N MET A 107 -18.79 -20.22 15.51
CA MET A 107 -17.66 -19.90 14.59
C MET A 107 -16.94 -18.67 15.13
N ASN A 108 -15.94 -18.20 14.38
CA ASN A 108 -15.31 -16.92 14.77
C ASN A 108 -14.70 -16.29 13.51
N ILE A 109 -14.16 -15.12 13.72
CA ILE A 109 -13.67 -14.30 12.61
C ILE A 109 -12.61 -15.07 11.83
N GLY A 110 -12.79 -15.05 10.50
CA GLY A 110 -11.93 -15.73 9.53
C GLY A 110 -12.30 -17.17 9.29
N GLY A 111 -13.13 -17.76 10.15
CA GLY A 111 -13.60 -19.13 9.97
C GLY A 111 -14.59 -19.23 8.84
N LYS A 112 -14.49 -20.30 8.10
CA LYS A 112 -15.46 -20.62 7.04
C LYS A 112 -16.08 -21.96 7.38
N ALA A 113 -17.38 -22.13 7.12
CA ALA A 113 -18.06 -23.41 7.30
C ALA A 113 -18.94 -23.68 6.09
N ASN A 114 -18.99 -24.94 5.68
CA ASN A 114 -19.78 -25.41 4.53
C ASN A 114 -21.07 -26.05 5.04
N PHE A 115 -22.20 -25.58 4.53
CA PHE A 115 -23.55 -26.07 4.85
C PHE A 115 -24.22 -26.48 3.54
N ASP A 116 -25.40 -27.08 3.67
CA ASP A 116 -26.12 -27.58 2.47
C ASP A 116 -26.55 -26.39 1.61
N PHE A 117 -26.69 -25.18 2.17
CA PHE A 117 -27.07 -24.00 1.35
C PHE A 117 -25.88 -23.38 0.64
N GLY A 118 -24.65 -23.68 1.07
CA GLY A 118 -23.45 -22.94 0.64
C GLY A 118 -22.56 -22.67 1.84
N SER A 119 -21.74 -21.64 1.74
CA SER A 119 -20.69 -21.37 2.76
C SER A 119 -20.95 -20.04 3.46
N VAL A 120 -20.52 -19.98 4.72
CA VAL A 120 -20.53 -18.78 5.58
C VAL A 120 -19.10 -18.59 6.06
N LYS A 121 -18.57 -17.39 5.81
CA LYS A 121 -17.27 -16.98 6.39
C LYS A 121 -17.48 -15.70 7.17
N PHE A 122 -17.12 -15.69 8.44
CA PHE A 122 -17.21 -14.45 9.23
C PHE A 122 -15.94 -13.63 9.01
N VAL A 123 -16.12 -12.32 8.95
CA VAL A 123 -15.01 -11.36 8.75
C VAL A 123 -15.13 -10.28 9.81
N GLN A 124 -14.07 -9.49 9.90
CA GLN A 124 -13.99 -8.47 10.95
C GLN A 124 -14.96 -7.31 10.68
N ALA A 125 -15.23 -6.56 11.73
CA ALA A 125 -16.07 -5.35 11.74
C ALA A 125 -15.64 -4.51 12.93
N PHE A 126 -16.02 -3.25 12.94
CA PHE A 126 -15.66 -2.31 14.01
C PHE A 126 -16.96 -1.68 14.47
N HIS A 127 -17.37 -2.10 15.65
CA HIS A 127 -18.70 -1.80 16.22
C HIS A 127 -18.65 -2.33 17.64
N SER A 128 -19.70 -2.96 18.09
CA SER A 128 -19.73 -3.68 19.39
C SER A 128 -20.72 -4.83 19.27
N SER A 129 -20.75 -5.76 20.23
CA SER A 129 -21.65 -6.93 20.10
C SER A 129 -22.09 -7.37 21.48
N SER A 130 -23.33 -7.07 21.81
CA SER A 130 -23.91 -7.42 23.12
C SER A 130 -25.41 -7.37 23.00
N PHE A 131 -26.07 -7.99 23.96
CA PHE A 131 -27.51 -7.88 24.17
C PHE A 131 -27.72 -7.38 25.60
N THR A 132 -28.48 -6.31 25.79
CA THR A 132 -28.57 -5.67 27.14
C THR A 132 -29.82 -6.24 27.82
N HIS A 133 -29.61 -6.85 28.98
CA HIS A 133 -30.68 -7.29 29.91
C HIS A 133 -31.30 -6.04 30.57
N GLU A 134 -32.41 -6.20 31.29
CA GLU A 134 -33.24 -5.07 31.81
C GLU A 134 -32.43 -4.13 32.72
N ASN A 135 -31.40 -4.66 33.40
CA ASN A 135 -30.62 -4.00 34.48
C ASN A 135 -29.51 -3.08 33.92
N GLY A 136 -29.35 -3.00 32.59
CA GLY A 136 -28.38 -2.13 31.91
C GLY A 136 -27.00 -2.79 31.75
N ILE A 137 -26.89 -4.08 32.07
CA ILE A 137 -25.64 -4.89 32.00
C ILE A 137 -25.66 -5.66 30.68
N PRO A 138 -24.80 -5.25 29.73
CA PRO A 138 -24.70 -6.02 28.50
C PRO A 138 -24.20 -7.45 28.70
N VAL A 139 -24.69 -8.34 27.85
CA VAL A 139 -24.14 -9.71 27.70
C VAL A 139 -23.18 -9.64 26.51
N TYR A 140 -21.88 -9.88 26.76
CA TYR A 140 -20.84 -9.84 25.71
C TYR A 140 -21.06 -10.98 24.74
N LEU A 141 -21.06 -10.71 23.43
CA LEU A 141 -21.34 -11.80 22.45
C LEU A 141 -20.27 -11.84 21.35
N GLY A 142 -19.06 -11.40 21.71
CA GLY A 142 -17.90 -11.56 20.81
C GLY A 142 -17.52 -10.26 20.14
N MET A 143 -16.60 -10.31 19.20
CA MET A 143 -16.36 -9.11 18.38
C MET A 143 -17.46 -9.08 17.33
N PRO A 144 -17.89 -7.87 16.92
CA PRO A 144 -18.84 -7.73 15.82
C PRO A 144 -18.18 -8.29 14.56
N MET A 145 -19.03 -8.72 13.63
CA MET A 145 -18.58 -9.36 12.39
C MET A 145 -19.37 -8.91 11.16
N GLY A 146 -18.75 -9.12 9.99
CA GLY A 146 -19.46 -9.18 8.71
C GLY A 146 -19.53 -10.63 8.27
N ILE A 147 -20.18 -10.86 7.15
CA ILE A 147 -20.35 -12.21 6.57
C ILE A 147 -20.04 -12.17 5.09
N VAL A 148 -19.26 -13.14 4.68
CA VAL A 148 -19.09 -13.50 3.25
C VAL A 148 -19.80 -14.84 3.03
N PHE A 149 -20.88 -14.81 2.25
CA PHE A 149 -21.56 -16.05 1.77
C PHE A 149 -21.04 -16.41 0.38
N GLU A 150 -20.87 -17.70 0.07
CA GLU A 150 -20.82 -18.19 -1.32
C GLU A 150 -22.06 -19.10 -1.50
N VAL A 151 -23.03 -18.59 -2.25
CA VAL A 151 -24.29 -19.31 -2.49
C VAL A 151 -24.61 -19.27 -3.98
N GLU A 152 -24.87 -20.45 -4.57
CA GLU A 152 -25.25 -20.59 -6.01
C GLU A 152 -24.35 -19.71 -6.88
N GLY A 153 -23.06 -19.73 -6.60
CA GLY A 153 -22.06 -19.08 -7.48
C GLY A 153 -21.99 -17.59 -7.22
N LYS A 154 -22.68 -17.09 -6.20
CA LYS A 154 -22.66 -15.64 -5.89
C LYS A 154 -21.89 -15.44 -4.59
N THR A 155 -21.08 -14.40 -4.52
CA THR A 155 -20.32 -14.04 -3.31
C THR A 155 -21.02 -12.80 -2.76
N ILE A 156 -21.62 -12.95 -1.57
CA ILE A 156 -22.39 -11.88 -0.90
C ILE A 156 -21.59 -11.42 0.32
N TYR A 157 -21.27 -10.13 0.39
CA TYR A 157 -20.54 -9.53 1.54
C TYR A 157 -21.55 -8.64 2.26
N HIS A 158 -22.04 -9.10 3.41
CA HIS A 158 -22.83 -8.25 4.33
C HIS A 158 -21.83 -7.69 5.32
N THR A 159 -21.60 -6.38 5.35
CA THR A 159 -20.48 -5.85 6.16
C THR A 159 -20.79 -5.88 7.66
N GLY A 160 -22.02 -6.22 8.05
CA GLY A 160 -22.45 -6.08 9.44
C GLY A 160 -22.58 -4.61 9.78
N ASP A 161 -22.83 -4.31 11.02
CA ASP A 161 -22.72 -2.92 11.53
C ASP A 161 -21.23 -2.62 11.69
N THR A 162 -20.74 -1.58 11.04
CA THR A 162 -19.28 -1.31 11.06
C THR A 162 -19.01 0.14 10.69
N GLY A 163 -17.86 0.62 11.16
CA GLY A 163 -17.11 1.73 10.61
C GLY A 163 -16.26 1.30 9.43
N LEU A 164 -15.73 2.29 8.75
CA LEU A 164 -14.86 2.13 7.59
C LEU A 164 -13.53 1.50 8.06
N PHE A 165 -13.01 0.52 7.31
CA PHE A 165 -11.67 -0.03 7.62
C PHE A 165 -11.03 -0.53 6.33
N SER A 166 -9.72 -0.32 6.20
CA SER A 166 -9.00 -0.61 4.94
C SER A 166 -9.04 -2.12 4.64
N ASP A 167 -9.18 -3.01 5.66
CA ASP A 167 -9.21 -4.48 5.36
C ASP A 167 -10.51 -4.88 4.68
N MET A 168 -11.44 -3.95 4.51
CA MET A 168 -12.56 -4.20 3.57
C MET A 168 -11.98 -4.52 2.19
N SER A 169 -10.86 -3.91 1.82
CA SER A 169 -10.20 -4.18 0.52
C SER A 169 -9.61 -5.59 0.52
N LEU A 170 -9.05 -6.03 1.64
CA LEU A 170 -8.46 -7.39 1.74
C LEU A 170 -9.56 -8.43 1.58
N ILE A 171 -10.66 -8.24 2.31
CA ILE A 171 -11.80 -9.16 2.23
C ILE A 171 -12.24 -9.22 0.75
N ALA A 172 -12.47 -8.07 0.14
CA ALA A 172 -13.02 -8.02 -1.25
C ALA A 172 -12.01 -8.54 -2.28
N LYS A 173 -10.71 -8.31 -2.11
CA LYS A 173 -9.71 -8.83 -3.08
C LYS A 173 -9.60 -10.35 -2.98
N ARG A 174 -9.70 -10.90 -1.76
CA ARG A 174 -9.59 -12.35 -1.49
C ARG A 174 -10.89 -13.06 -1.91
N HIS A 175 -12.02 -12.36 -1.83
CA HIS A 175 -13.38 -12.91 -2.10
C HIS A 175 -14.15 -11.95 -2.97
N PRO A 176 -13.83 -11.84 -4.27
CA PRO A 176 -14.46 -10.82 -5.09
C PRO A 176 -15.98 -10.87 -4.96
N VAL A 177 -16.61 -9.69 -4.82
CA VAL A 177 -18.00 -9.57 -4.31
C VAL A 177 -19.02 -9.34 -5.46
N ASP A 178 -20.06 -10.15 -5.48
CA ASP A 178 -21.24 -9.96 -6.37
C ASP A 178 -22.15 -8.90 -5.73
N VAL A 179 -22.55 -9.10 -4.48
CA VAL A 179 -23.46 -8.15 -3.82
C VAL A 179 -22.83 -7.75 -2.49
N CYS A 180 -22.80 -6.46 -2.22
CA CYS A 180 -22.38 -5.93 -0.91
C CYS A 180 -23.57 -5.21 -0.28
N PHE A 181 -23.96 -5.64 0.90
CA PHE A 181 -24.90 -4.93 1.78
C PHE A 181 -24.08 -4.08 2.75
N VAL A 182 -24.29 -2.76 2.71
CA VAL A 182 -23.43 -1.82 3.47
C VAL A 182 -24.30 -0.85 4.23
N PRO A 183 -24.05 -0.62 5.53
CA PRO A 183 -24.85 0.34 6.29
C PRO A 183 -24.55 1.80 5.96
N ILE A 184 -25.61 2.61 5.90
CA ILE A 184 -25.48 4.07 5.57
C ILE A 184 -26.12 4.95 6.63
N GLY A 185 -26.65 4.40 7.73
CA GLY A 185 -27.53 5.18 8.63
C GLY A 185 -26.79 6.27 9.39
N ASP A 186 -25.48 6.16 9.55
CA ASP A 186 -24.68 7.03 10.44
C ASP A 186 -25.05 6.80 11.93
N ASN A 187 -24.33 7.53 12.79
CA ASN A 187 -24.45 7.59 14.28
C ASN A 187 -23.88 6.32 14.90
N PHE A 188 -24.37 5.17 14.44
CA PHE A 188 -23.99 3.84 14.96
C PHE A 188 -23.08 3.10 13.97
N THR A 189 -23.00 3.57 12.73
CA THR A 189 -22.23 2.90 11.65
C THR A 189 -21.69 3.99 10.77
N MET A 190 -21.04 3.58 9.71
CA MET A 190 -20.78 4.44 8.55
C MET A 190 -22.05 5.21 8.20
N GLY A 191 -21.88 6.46 7.75
CA GLY A 191 -22.93 7.22 7.05
C GLY A 191 -22.69 7.18 5.55
N ILE A 192 -23.29 8.10 4.84
CA ILE A 192 -23.32 8.13 3.36
C ILE A 192 -21.88 8.19 2.81
N ASP A 193 -21.09 9.11 3.35
CA ASP A 193 -19.75 9.41 2.79
C ASP A 193 -18.83 8.20 3.01
N ASP A 194 -18.82 7.65 4.22
CA ASP A 194 -17.88 6.52 4.48
C ASP A 194 -18.35 5.30 3.69
N ALA A 195 -19.65 4.99 3.64
CA ALA A 195 -20.15 3.78 2.96
C ALA A 195 -19.83 3.87 1.46
N SER A 196 -20.07 5.01 0.84
CA SER A 196 -19.75 5.18 -0.60
C SER A 196 -18.23 5.08 -0.84
N TYR A 197 -17.41 5.59 0.06
CA TYR A 197 -15.93 5.44 0.03
C TYR A 197 -15.60 3.94 0.13
N ALA A 198 -16.19 3.24 1.08
CA ALA A 198 -15.95 1.79 1.24
C ALA A 198 -16.19 1.12 -0.11
N ILE A 199 -17.33 1.39 -0.73
CA ILE A 199 -17.72 0.73 -2.01
C ILE A 199 -16.74 1.14 -3.12
N ASN A 200 -16.49 2.41 -3.26
CA ASN A 200 -15.66 2.93 -4.41
C ASN A 200 -14.19 2.47 -4.27
N GLU A 201 -13.60 2.63 -3.09
CA GLU A 201 -12.14 2.49 -2.87
C GLU A 201 -11.76 1.06 -2.50
N PHE A 202 -12.58 0.39 -1.70
CA PHE A 202 -12.17 -0.90 -1.08
C PHE A 202 -12.91 -2.11 -1.70
N ILE A 203 -14.23 -2.09 -1.74
CA ILE A 203 -15.03 -3.35 -1.96
C ILE A 203 -15.28 -3.56 -3.44
N LYS A 204 -15.68 -2.53 -4.18
CA LYS A 204 -15.85 -2.60 -5.66
C LYS A 204 -16.71 -3.81 -6.04
N PRO A 205 -17.94 -3.94 -5.51
CA PRO A 205 -18.78 -5.09 -5.84
C PRO A 205 -19.47 -4.88 -7.17
N LYS A 206 -20.09 -5.94 -7.70
CA LYS A 206 -20.93 -5.78 -8.91
C LYS A 206 -22.15 -4.93 -8.53
N ILE A 207 -22.75 -5.23 -7.36
CA ILE A 207 -24.01 -4.60 -6.90
C ILE A 207 -23.86 -4.20 -5.45
N SER A 208 -24.27 -2.99 -5.11
CA SER A 208 -24.33 -2.48 -3.72
C SER A 208 -25.77 -2.24 -3.32
N VAL A 209 -26.11 -2.62 -2.11
CA VAL A 209 -27.42 -2.32 -1.49
C VAL A 209 -27.16 -1.61 -0.18
N PRO A 210 -27.62 -0.36 -0.02
CA PRO A 210 -27.48 0.32 1.27
C PRO A 210 -28.50 -0.31 2.24
N ILE A 211 -28.09 -0.44 3.49
CA ILE A 211 -28.92 -1.02 4.58
C ILE A 211 -28.83 -0.10 5.79
N HIS A 212 -29.59 -0.44 6.84
CA HIS A 212 -29.40 0.12 8.20
C HIS A 212 -29.64 1.64 8.18
N TYR A 213 -30.76 2.04 7.58
CA TYR A 213 -31.23 3.45 7.60
C TYR A 213 -32.75 3.48 7.79
N ASP A 214 -33.24 4.63 8.25
CA ASP A 214 -34.69 4.97 8.30
C ASP A 214 -35.43 4.21 9.41
N THR A 215 -34.92 3.09 9.90
CA THR A 215 -35.60 2.26 10.94
C THR A 215 -35.98 3.13 12.16
N PHE A 216 -35.12 4.06 12.55
CA PHE A 216 -35.28 4.96 13.71
C PHE A 216 -34.95 6.35 13.21
N PRO A 217 -35.58 7.41 13.75
CA PRO A 217 -35.32 8.79 13.31
C PRO A 217 -33.83 9.18 13.23
N LEU A 218 -33.01 8.67 14.14
CA LEU A 218 -31.58 9.06 14.26
C LEU A 218 -30.80 8.58 13.02
N ILE A 219 -31.23 7.48 12.37
CA ILE A 219 -30.52 6.87 11.20
C ILE A 219 -31.34 7.07 9.91
N GLU A 220 -32.19 8.11 9.86
CA GLU A 220 -32.90 8.43 8.60
C GLU A 220 -31.87 8.96 7.60
N GLN A 221 -31.92 8.47 6.38
CA GLN A 221 -31.04 8.95 5.30
C GLN A 221 -31.79 8.82 3.99
N ASP A 222 -31.35 9.60 3.01
CA ASP A 222 -31.79 9.46 1.62
C ASP A 222 -30.81 8.52 0.95
N PRO A 223 -31.20 7.26 0.65
CA PRO A 223 -30.28 6.32 0.00
C PRO A 223 -29.88 6.76 -1.41
N GLN A 224 -30.64 7.66 -2.06
CA GLN A 224 -30.23 8.21 -3.38
C GLN A 224 -28.89 8.92 -3.25
N GLN A 225 -28.58 9.55 -2.10
CA GLN A 225 -27.27 10.23 -1.92
C GLN A 225 -26.13 9.21 -1.96
N PHE A 226 -26.36 8.05 -1.37
CA PHE A 226 -25.41 6.91 -1.46
C PHE A 226 -25.26 6.50 -2.93
N LYS A 227 -26.38 6.34 -3.65
CA LYS A 227 -26.35 5.89 -5.04
C LYS A 227 -25.57 6.91 -5.86
N ASP A 228 -25.80 8.19 -5.64
CA ASP A 228 -25.19 9.28 -6.42
C ASP A 228 -23.66 9.25 -6.18
N ALA A 229 -23.22 8.88 -4.97
CA ALA A 229 -21.80 8.95 -4.54
C ALA A 229 -21.04 7.71 -5.02
N VAL A 230 -21.72 6.62 -5.32
CA VAL A 230 -21.08 5.34 -5.79
C VAL A 230 -20.83 5.41 -7.30
N ASN A 231 -19.61 5.08 -7.73
CA ASN A 231 -19.17 5.20 -9.15
C ASN A 231 -18.83 3.83 -9.74
N VAL A 232 -18.93 2.77 -8.91
CA VAL A 232 -18.54 1.40 -9.35
C VAL A 232 -19.76 0.49 -9.21
N GLY A 233 -19.90 -0.38 -10.21
CA GLY A 233 -20.99 -1.36 -10.25
C GLY A 233 -22.34 -0.68 -10.34
N ASP A 234 -23.34 -1.39 -9.84
CA ASP A 234 -24.77 -1.03 -9.85
C ASP A 234 -25.15 -0.84 -8.37
N VAL A 235 -25.94 0.17 -8.07
CA VAL A 235 -26.58 0.32 -6.74
C VAL A 235 -28.06 -0.04 -6.90
N GLN A 236 -28.56 -0.97 -6.10
CA GLN A 236 -30.00 -1.31 -6.01
C GLN A 236 -30.51 -0.86 -4.64
N ILE A 237 -31.25 0.24 -4.61
CA ILE A 237 -31.92 0.74 -3.39
C ILE A 237 -33.15 -0.13 -3.18
N LEU A 238 -33.04 -1.16 -2.37
CA LEU A 238 -34.15 -2.09 -2.08
C LEU A 238 -34.99 -1.58 -0.93
N LYS A 239 -36.31 -1.58 -1.12
CA LYS A 239 -37.27 -1.43 -0.01
C LYS A 239 -37.48 -2.81 0.61
N PRO A 240 -37.92 -2.85 1.90
CA PRO A 240 -38.26 -4.11 2.55
C PRO A 240 -39.17 -4.97 1.66
N GLY A 241 -38.78 -6.20 1.40
CA GLY A 241 -39.50 -7.17 0.56
C GLY A 241 -38.95 -7.28 -0.84
N GLU A 242 -38.08 -6.35 -1.27
CA GLU A 242 -37.54 -6.37 -2.64
C GLU A 242 -36.30 -7.27 -2.72
N SER A 243 -36.13 -7.87 -3.88
CA SER A 243 -35.09 -8.85 -4.26
C SER A 243 -34.02 -8.17 -5.13
N VAL A 244 -32.78 -8.58 -4.92
CA VAL A 244 -31.67 -8.18 -5.82
C VAL A 244 -31.98 -8.76 -7.21
N GLN A 245 -31.80 -7.91 -8.23
CA GLN A 245 -31.87 -8.29 -9.66
C GLN A 245 -30.45 -8.50 -10.20
N PHE A 246 -30.15 -9.73 -10.61
CA PHE A 246 -28.86 -10.17 -11.17
C PHE A 246 -28.84 -10.04 -12.71
N SER B 8 23.74 -23.11 46.06
CA SER B 8 23.32 -21.74 45.65
C SER B 8 24.51 -20.92 45.09
N GLY B 9 25.75 -21.37 45.32
CA GLY B 9 26.98 -20.74 44.76
C GLY B 9 27.18 -21.05 43.28
N LEU B 10 26.45 -22.04 42.76
CA LEU B 10 26.51 -22.51 41.34
C LEU B 10 26.06 -21.39 40.41
N VAL B 11 26.80 -21.13 39.34
CA VAL B 11 26.44 -20.12 38.32
C VAL B 11 25.22 -20.67 37.59
N PRO B 12 24.24 -19.83 37.18
CA PRO B 12 23.14 -20.30 36.33
C PRO B 12 23.64 -20.99 35.05
N ARG B 13 22.85 -21.93 34.55
CA ARG B 13 23.17 -22.65 33.29
C ARG B 13 23.44 -21.62 32.17
N GLY B 14 24.47 -21.86 31.37
CA GLY B 14 24.92 -20.96 30.29
C GLY B 14 24.10 -21.17 29.03
N SER B 15 24.47 -20.52 27.93
CA SER B 15 23.59 -20.43 26.74
C SER B 15 23.63 -21.74 25.94
N HIS B 16 22.57 -21.91 25.16
CA HIS B 16 22.28 -23.09 24.33
C HIS B 16 21.37 -22.61 23.18
N MET B 17 21.02 -23.49 22.27
CA MET B 17 19.96 -23.18 21.28
C MET B 17 18.70 -22.75 22.04
N MET B 18 18.08 -21.65 21.61
CA MET B 18 16.85 -21.19 22.29
C MET B 18 15.85 -22.34 22.36
N LYS B 19 15.31 -22.61 23.55
CA LYS B 19 14.29 -23.63 23.80
C LYS B 19 12.88 -23.10 23.52
N LEU B 20 12.16 -23.75 22.60
CA LEU B 20 10.81 -23.30 22.15
C LEU B 20 10.12 -24.55 21.66
N SER B 21 9.04 -24.96 22.33
CA SER B 21 8.33 -26.19 21.99
C SER B 21 6.81 -25.96 21.89
N PHE B 22 6.15 -26.83 21.15
CA PHE B 22 4.69 -26.81 20.92
C PHE B 22 4.10 -27.98 21.67
N HIS B 23 2.88 -27.82 22.19
CA HIS B 23 2.26 -28.84 23.07
C HIS B 23 0.79 -29.10 22.75
N GLY B 24 0.31 -28.74 21.57
CA GLY B 24 -1.09 -28.98 21.20
C GLY B 24 -1.90 -27.72 21.28
N GLN B 25 -2.90 -27.61 20.43
CA GLN B 25 -3.82 -26.46 20.33
C GLN B 25 -2.94 -25.22 20.11
N SER B 26 -2.89 -24.26 21.05
CA SER B 26 -2.10 -23.01 20.92
C SER B 26 -1.02 -22.93 21.99
N THR B 27 -0.77 -24.06 22.66
CA THR B 27 0.17 -24.12 23.79
C THR B 27 1.60 -24.13 23.27
N ILE B 28 2.37 -23.14 23.67
CA ILE B 28 3.83 -23.16 23.45
C ILE B 28 4.53 -22.94 24.78
N TYR B 29 5.77 -23.40 24.84
CA TYR B 29 6.62 -23.38 26.04
C TYR B 29 7.98 -22.89 25.57
N LEU B 30 8.57 -21.98 26.34
CA LEU B 30 9.89 -21.45 26.03
C LEU B 30 10.62 -21.13 27.34
N GLU B 31 11.93 -21.06 27.21
CA GLU B 31 12.86 -20.68 28.29
C GLU B 31 13.65 -19.46 27.85
N GLY B 32 13.75 -18.45 28.70
CA GLY B 32 14.63 -17.30 28.51
C GLY B 32 15.36 -17.00 29.79
N ASN B 33 16.68 -16.87 29.73
CA ASN B 33 17.55 -16.62 30.91
C ASN B 33 17.10 -17.54 32.05
N ASN B 34 16.90 -18.83 31.76
CA ASN B 34 16.65 -19.92 32.75
C ASN B 34 15.30 -19.75 33.44
N LYS B 35 14.44 -18.87 32.92
CA LYS B 35 13.01 -18.77 33.31
C LYS B 35 12.12 -19.50 32.29
N LYS B 36 11.03 -20.09 32.76
CA LYS B 36 10.15 -21.00 31.99
C LYS B 36 8.81 -20.28 31.75
N VAL B 37 8.36 -20.25 30.52
CA VAL B 37 7.13 -19.50 30.09
C VAL B 37 6.22 -20.46 29.35
N ILE B 38 4.92 -20.44 29.64
CA ILE B 38 3.94 -21.23 28.85
C ILE B 38 2.85 -20.27 28.39
N VAL B 39 2.35 -20.56 27.20
CA VAL B 39 1.26 -19.75 26.58
C VAL B 39 0.03 -20.63 26.52
N ASP B 40 -1.13 -20.12 26.89
CA ASP B 40 -2.42 -20.81 26.61
C ASP B 40 -2.36 -22.28 27.06
N PRO B 41 -2.20 -22.51 28.37
CA PRO B 41 -2.01 -23.86 28.92
C PRO B 41 -3.28 -24.73 29.04
N PHE B 42 -3.73 -25.25 27.91
CA PHE B 42 -4.86 -26.18 27.78
C PHE B 42 -4.27 -27.58 27.89
N ILE B 43 -3.95 -28.02 29.12
CA ILE B 43 -3.14 -29.26 29.32
C ILE B 43 -4.06 -30.41 29.73
N SER B 44 -4.70 -30.30 30.88
CA SER B 44 -5.40 -31.47 31.47
C SER B 44 -6.58 -31.93 30.61
N ASN B 45 -7.26 -31.02 29.87
CA ASN B 45 -8.48 -31.33 29.10
C ASN B 45 -8.17 -31.47 27.62
N ASN B 46 -6.89 -31.47 27.22
CA ASN B 46 -6.46 -31.77 25.82
C ASN B 46 -5.79 -33.13 25.86
N PRO B 47 -6.47 -34.23 25.48
CA PRO B 47 -5.83 -35.55 25.46
C PRO B 47 -4.58 -35.60 24.56
N LYS B 48 -4.42 -34.70 23.57
CA LYS B 48 -3.23 -34.74 22.67
C LYS B 48 -2.06 -33.95 23.24
N CYS B 49 -2.29 -33.20 24.31
CA CYS B 49 -1.23 -32.46 25.01
C CYS B 49 -0.34 -33.43 25.79
N ASP B 50 0.98 -33.41 25.51
CA ASP B 50 1.98 -34.30 26.15
C ASP B 50 2.36 -33.81 27.57
N LEU B 51 1.98 -32.59 27.96
CA LEU B 51 2.33 -32.06 29.30
C LEU B 51 1.37 -32.64 30.34
N ASN B 52 1.75 -32.49 31.59
CA ASN B 52 0.99 -32.94 32.78
C ASN B 52 1.03 -31.80 33.80
N ILE B 53 -0.12 -31.30 34.29
CA ILE B 53 -0.12 -30.10 35.18
C ILE B 53 0.61 -30.41 36.50
N GLU B 54 0.76 -31.67 36.89
CA GLU B 54 1.49 -32.03 38.15
C GLU B 54 2.99 -31.80 38.02
N THR B 55 3.53 -31.90 36.81
CA THR B 55 5.00 -31.92 36.57
C THR B 55 5.46 -30.67 35.81
N VAL B 56 4.58 -29.93 35.15
CA VAL B 56 4.95 -28.71 34.38
C VAL B 56 5.68 -27.71 35.30
N GLN B 57 6.79 -27.15 34.84
CA GLN B 57 7.51 -26.11 35.63
C GLN B 57 7.42 -24.78 34.87
N VAL B 58 6.90 -23.74 35.52
CA VAL B 58 6.71 -22.44 34.85
C VAL B 58 6.87 -21.35 35.87
N ASP B 59 7.48 -20.29 35.41
CA ASP B 59 7.68 -19.01 36.12
C ASP B 59 6.62 -18.00 35.65
N TYR B 60 6.14 -18.14 34.41
CA TYR B 60 5.21 -17.23 33.72
C TYR B 60 4.22 -18.01 32.86
N ILE B 61 2.99 -17.50 32.84
CA ILE B 61 1.90 -18.00 31.95
C ILE B 61 1.36 -16.80 31.18
N VAL B 62 1.30 -16.88 29.86
CA VAL B 62 0.79 -15.73 29.06
C VAL B 62 -0.48 -16.21 28.37
N LEU B 63 -1.55 -15.43 28.43
CA LEU B 63 -2.83 -15.82 27.80
C LEU B 63 -3.13 -14.88 26.64
N THR B 64 -3.35 -15.40 25.45
CA THR B 64 -3.77 -14.61 24.28
C THR B 64 -5.21 -14.12 24.45
N HIS B 65 -6.07 -14.95 25.01
CA HIS B 65 -7.50 -14.64 25.18
C HIS B 65 -8.09 -15.64 26.18
N GLY B 66 -9.36 -15.50 26.54
CA GLY B 66 -9.92 -16.21 27.71
C GLY B 66 -10.70 -17.47 27.37
N HIS B 67 -10.79 -17.87 26.10
CA HIS B 67 -11.57 -19.07 25.72
C HIS B 67 -11.02 -20.30 26.43
N PHE B 68 -11.92 -21.24 26.71
CA PHE B 68 -11.64 -22.47 27.49
C PHE B 68 -10.40 -23.21 26.98
N ASP B 69 -10.15 -23.23 25.65
CA ASP B 69 -9.09 -24.03 25.02
C ASP B 69 -7.75 -23.26 25.08
N HIS B 70 -7.71 -22.11 25.77
CA HIS B 70 -6.48 -21.30 26.01
C HIS B 70 -6.31 -21.06 27.52
N PHE B 71 -7.39 -20.61 28.18
CA PHE B 71 -7.46 -20.38 29.64
C PHE B 71 -7.02 -21.69 30.33
N GLY B 72 -7.66 -22.79 29.93
CA GLY B 72 -7.25 -24.14 30.34
C GLY B 72 -7.03 -24.24 31.84
N ASP B 73 -5.81 -24.64 32.23
CA ASP B 73 -5.45 -25.00 33.62
C ASP B 73 -4.78 -23.80 34.29
N VAL B 74 -4.93 -22.59 33.77
CA VAL B 74 -4.13 -21.44 34.27
C VAL B 74 -4.26 -21.31 35.79
N VAL B 75 -5.47 -21.41 36.33
CA VAL B 75 -5.68 -21.04 37.75
C VAL B 75 -4.93 -22.07 38.63
N GLU B 76 -5.15 -23.34 38.38
CA GLU B 76 -4.48 -24.43 39.16
C GLU B 76 -2.97 -24.36 38.94
N LEU B 77 -2.54 -24.14 37.71
CA LEU B 77 -1.09 -24.09 37.37
C LEU B 77 -0.45 -22.92 38.09
N ALA B 78 -1.06 -21.72 38.07
CA ALA B 78 -0.50 -20.54 38.72
C ALA B 78 -0.45 -20.75 40.23
N LYS B 79 -1.52 -21.28 40.80
CA LYS B 79 -1.58 -21.49 42.26
C LYS B 79 -0.52 -22.51 42.68
N LYS B 80 -0.32 -23.59 41.94
CA LYS B 80 0.69 -24.63 42.28
C LYS B 80 2.10 -24.05 42.13
N THR B 81 2.39 -23.32 41.04
CA THR B 81 3.79 -22.94 40.71
C THR B 81 4.19 -21.58 41.31
N GLY B 82 3.22 -20.73 41.67
CA GLY B 82 3.48 -19.32 41.99
C GLY B 82 3.82 -18.53 40.72
N ALA B 83 3.57 -19.10 39.56
CA ALA B 83 3.88 -18.40 38.28
C ALA B 83 3.08 -17.09 38.18
N THR B 84 3.64 -16.09 37.50
CA THR B 84 2.97 -14.81 37.22
C THR B 84 2.19 -14.98 35.94
N VAL B 85 0.93 -14.57 35.96
CA VAL B 85 0.08 -14.69 34.74
C VAL B 85 0.04 -13.34 34.07
N ILE B 86 0.38 -13.31 32.77
CA ILE B 86 0.43 -12.06 31.98
C ILE B 86 -0.73 -12.08 30.99
N GLY B 87 -1.53 -11.02 30.96
CA GLY B 87 -2.71 -10.97 30.11
C GLY B 87 -3.27 -9.59 30.06
N SER B 88 -4.46 -9.49 29.50
CA SER B 88 -5.18 -8.21 29.44
C SER B 88 -5.47 -7.69 30.86
N ALA B 89 -5.79 -6.40 30.96
CA ALA B 89 -6.19 -5.81 32.27
C ALA B 89 -7.38 -6.60 32.83
N GLU B 90 -8.36 -6.93 32.00
CA GLU B 90 -9.58 -7.68 32.43
C GLU B 90 -9.19 -9.08 32.91
N MET B 91 -8.33 -9.77 32.18
CA MET B 91 -7.82 -11.10 32.51
C MET B 91 -7.12 -11.04 33.87
N ALA B 92 -6.30 -10.04 34.11
CA ALA B 92 -5.54 -9.97 35.39
C ALA B 92 -6.54 -9.77 36.54
N ASP B 93 -7.51 -8.85 36.39
CA ASP B 93 -8.48 -8.55 37.47
C ASP B 93 -9.37 -9.76 37.73
N TYR B 94 -9.79 -10.46 36.69
CA TYR B 94 -10.61 -11.69 36.81
C TYR B 94 -9.83 -12.77 37.58
N LEU B 95 -8.59 -13.03 37.15
CA LEU B 95 -7.77 -14.06 37.79
C LEU B 95 -7.54 -13.67 39.24
N SER B 96 -7.23 -12.39 39.52
CA SER B 96 -6.90 -11.91 40.88
C SER B 96 -8.16 -11.97 41.75
N SER B 97 -9.23 -11.33 41.33
CA SER B 97 -10.41 -11.03 42.20
C SER B 97 -11.45 -12.14 42.17
N TYR B 98 -11.63 -12.84 41.05
CA TYR B 98 -12.60 -13.96 40.97
C TYR B 98 -11.94 -15.26 41.37
N HIS B 99 -10.72 -15.52 40.90
CA HIS B 99 -10.06 -16.82 41.16
C HIS B 99 -9.04 -16.78 42.31
N GLY B 100 -8.63 -15.62 42.80
CA GLY B 100 -7.62 -15.54 43.90
C GLY B 100 -6.23 -15.90 43.45
N VAL B 101 -5.92 -15.71 42.17
CA VAL B 101 -4.50 -15.88 41.71
C VAL B 101 -3.66 -14.73 42.27
N GLU B 102 -2.53 -15.05 42.90
CA GLU B 102 -1.73 -14.07 43.68
C GLU B 102 -0.83 -13.24 42.74
N ASN B 103 -0.39 -13.78 41.61
CA ASN B 103 0.67 -13.11 40.82
C ASN B 103 0.17 -12.86 39.38
N VAL B 104 -0.28 -11.65 39.13
CA VAL B 104 -0.78 -11.31 37.76
C VAL B 104 -0.12 -10.03 37.30
N HIS B 105 0.00 -9.85 35.98
CA HIS B 105 0.54 -8.60 35.40
C HIS B 105 -0.38 -8.22 34.25
N GLY B 106 -1.19 -7.19 34.45
CA GLY B 106 -2.12 -6.68 33.45
C GLY B 106 -1.38 -5.84 32.41
N MET B 107 -1.77 -6.01 31.15
CA MET B 107 -1.25 -5.24 30.00
C MET B 107 -2.41 -4.99 29.03
N ASN B 108 -2.10 -4.41 27.88
CA ASN B 108 -3.11 -4.38 26.81
C ASN B 108 -2.37 -4.26 25.47
N ILE B 109 -3.14 -4.19 24.40
CA ILE B 109 -2.59 -4.23 23.03
C ILE B 109 -1.63 -3.05 22.81
N GLY B 110 -0.48 -3.40 22.26
CA GLY B 110 0.58 -2.45 21.89
C GLY B 110 1.55 -2.33 23.04
N GLY B 111 1.14 -2.76 24.22
CA GLY B 111 1.96 -2.66 25.44
C GLY B 111 3.08 -3.69 25.45
N LYS B 112 4.27 -3.24 25.81
CA LYS B 112 5.46 -4.13 25.98
C LYS B 112 5.90 -4.09 27.46
N ALA B 113 6.32 -5.23 27.93
CA ALA B 113 6.87 -5.39 29.29
C ALA B 113 8.15 -6.23 29.23
N ASN B 114 9.12 -5.80 30.04
CA ASN B 114 10.46 -6.43 30.16
C ASN B 114 10.48 -7.23 31.46
N PHE B 115 10.66 -8.55 31.35
CA PHE B 115 10.78 -9.48 32.48
C PHE B 115 12.19 -10.09 32.44
N ASP B 116 12.51 -10.82 33.50
CA ASP B 116 13.81 -11.52 33.57
C ASP B 116 13.95 -12.54 32.42
N PHE B 117 12.88 -13.06 31.82
CA PHE B 117 12.99 -14.05 30.71
C PHE B 117 13.23 -13.38 29.36
N GLY B 118 12.85 -12.11 29.22
CA GLY B 118 12.82 -11.40 27.95
C GLY B 118 11.61 -10.49 27.95
N SER B 119 11.10 -10.15 26.78
CA SER B 119 10.04 -9.13 26.67
C SER B 119 8.80 -9.80 26.10
N VAL B 120 7.65 -9.27 26.51
CA VAL B 120 6.34 -9.67 25.96
C VAL B 120 5.62 -8.42 25.48
N LYS B 121 5.12 -8.46 24.25
CA LYS B 121 4.37 -7.34 23.66
C LYS B 121 3.06 -7.93 23.15
N PHE B 122 1.94 -7.37 23.56
CA PHE B 122 0.66 -7.82 23.00
C PHE B 122 0.34 -7.02 21.74
N VAL B 123 -0.23 -7.74 20.76
CA VAL B 123 -0.69 -7.16 19.49
C VAL B 123 -2.15 -7.56 19.23
N GLN B 124 -2.75 -6.87 18.28
CA GLN B 124 -4.17 -7.06 17.95
C GLN B 124 -4.39 -8.46 17.35
N ALA B 125 -5.64 -8.88 17.43
CA ALA B 125 -6.20 -10.12 16.83
C ALA B 125 -7.69 -9.89 16.58
N PHE B 126 -8.26 -10.68 15.68
CA PHE B 126 -9.69 -10.61 15.34
C PHE B 126 -10.28 -11.97 15.66
N HIS B 127 -11.06 -12.01 16.75
CA HIS B 127 -11.57 -13.23 17.38
C HIS B 127 -12.56 -12.78 18.45
N SER B 128 -12.57 -13.43 19.60
CA SER B 128 -13.30 -12.94 20.78
C SER B 128 -12.53 -13.33 22.04
N SER B 129 -12.94 -12.85 23.23
CA SER B 129 -12.24 -13.22 24.47
C SER B 129 -13.24 -13.23 25.62
N SER B 130 -13.54 -14.42 26.10
CA SER B 130 -14.47 -14.57 27.24
C SER B 130 -14.27 -15.94 27.84
N PHE B 131 -14.81 -16.11 29.04
CA PHE B 131 -14.95 -17.47 29.60
C PHE B 131 -16.42 -17.60 30.03
N THR B 132 -17.10 -18.67 29.61
CA THR B 132 -18.55 -18.77 29.83
C THR B 132 -18.78 -19.47 31.17
N HIS B 133 -19.51 -18.81 32.06
CA HIS B 133 -19.94 -19.33 33.39
C HIS B 133 -21.16 -20.24 33.26
N GLU B 134 -21.48 -20.92 34.37
CA GLU B 134 -22.49 -22.00 34.50
C GLU B 134 -23.86 -21.48 34.06
N ASN B 135 -24.19 -20.22 34.34
CA ASN B 135 -25.49 -19.65 33.90
C ASN B 135 -25.57 -19.43 32.39
N GLY B 136 -24.47 -19.63 31.64
CA GLY B 136 -24.44 -19.43 30.18
C GLY B 136 -24.06 -18.02 29.75
N ILE B 137 -23.58 -17.19 30.68
CA ILE B 137 -23.24 -15.77 30.37
C ILE B 137 -21.73 -15.71 30.17
N PRO B 138 -21.22 -15.32 28.98
CA PRO B 138 -19.79 -15.05 28.83
C PRO B 138 -19.31 -13.95 29.78
N VAL B 139 -18.15 -14.16 30.37
CA VAL B 139 -17.43 -13.09 31.08
C VAL B 139 -16.44 -12.50 30.08
N TYR B 140 -16.59 -11.22 29.76
CA TYR B 140 -15.69 -10.50 28.82
C TYR B 140 -14.30 -10.36 29.43
N LEU B 141 -13.26 -10.65 28.66
CA LEU B 141 -11.87 -10.65 29.19
C LEU B 141 -10.98 -9.85 28.25
N GLY B 142 -11.56 -8.87 27.57
CA GLY B 142 -10.82 -7.88 26.76
C GLY B 142 -10.90 -8.19 25.29
N MET B 143 -10.10 -7.47 24.49
CA MET B 143 -9.94 -7.83 23.06
C MET B 143 -8.99 -9.02 23.02
N PRO B 144 -9.19 -9.94 22.08
CA PRO B 144 -8.25 -11.02 21.85
C PRO B 144 -6.94 -10.48 21.29
N MET B 145 -5.85 -11.17 21.56
CA MET B 145 -4.49 -10.66 21.28
C MET B 145 -3.61 -11.77 20.71
N GLY B 146 -2.58 -11.34 19.98
CA GLY B 146 -1.37 -12.11 19.71
C GLY B 146 -0.25 -11.64 20.58
N ILE B 147 0.87 -12.35 20.51
CA ILE B 147 2.03 -12.07 21.39
C ILE B 147 3.27 -11.95 20.52
N VAL B 148 4.06 -10.93 20.79
CA VAL B 148 5.42 -10.84 20.24
C VAL B 148 6.36 -10.98 21.45
N PHE B 149 7.10 -12.07 21.47
CA PHE B 149 8.21 -12.29 22.44
C PHE B 149 9.56 -11.90 21.82
N GLU B 150 10.43 -11.32 22.65
CA GLU B 150 11.88 -11.19 22.34
C GLU B 150 12.61 -11.93 23.48
N VAL B 151 13.11 -13.11 23.15
CA VAL B 151 13.72 -14.05 24.12
C VAL B 151 15.03 -14.57 23.51
N GLU B 152 16.15 -14.32 24.20
CA GLU B 152 17.48 -14.87 23.79
C GLU B 152 17.75 -14.60 22.31
N GLY B 153 17.45 -13.38 21.88
CA GLY B 153 17.79 -12.88 20.53
C GLY B 153 16.81 -13.33 19.47
N LYS B 154 15.74 -14.04 19.84
CA LYS B 154 14.73 -14.60 18.91
C LYS B 154 13.43 -13.79 19.05
N THR B 155 12.83 -13.44 17.91
CA THR B 155 11.49 -12.78 17.91
C THR B 155 10.47 -13.85 17.55
N ILE B 156 9.53 -14.10 18.46
CA ILE B 156 8.51 -15.14 18.28
C ILE B 156 7.16 -14.40 18.23
N TYR B 157 6.43 -14.58 17.14
CA TYR B 157 5.07 -14.02 16.99
C TYR B 157 4.09 -15.16 17.06
N HIS B 158 3.31 -15.26 18.14
CA HIS B 158 2.17 -16.16 18.28
C HIS B 158 0.96 -15.31 17.93
N THR B 159 0.30 -15.61 16.84
CA THR B 159 -0.77 -14.75 16.33
C THR B 159 -1.98 -14.75 17.27
N GLY B 160 -2.04 -15.72 18.17
CA GLY B 160 -3.29 -15.99 18.90
C GLY B 160 -4.30 -16.65 18.00
N ASP B 161 -5.52 -16.77 18.48
CA ASP B 161 -6.67 -17.10 17.63
C ASP B 161 -7.03 -15.84 16.87
N THR B 162 -7.06 -15.89 15.55
CA THR B 162 -7.28 -14.66 14.75
C THR B 162 -7.77 -15.03 13.38
N GLY B 163 -8.53 -14.13 12.79
CA GLY B 163 -8.65 -14.03 11.32
C GLY B 163 -7.47 -13.32 10.71
N LEU B 164 -7.39 -13.34 9.39
CA LEU B 164 -6.39 -12.61 8.59
C LEU B 164 -6.60 -11.10 8.71
N PHE B 165 -5.52 -10.35 8.90
CA PHE B 165 -5.61 -8.88 8.89
C PHE B 165 -4.29 -8.31 8.36
N SER B 166 -4.38 -7.23 7.58
CA SER B 166 -3.20 -6.62 6.90
C SER B 166 -2.19 -6.07 7.92
N ASP B 167 -2.60 -5.70 9.14
CA ASP B 167 -1.58 -5.24 10.14
C ASP B 167 -0.72 -6.39 10.66
N MET B 168 -0.96 -7.63 10.26
CA MET B 168 0.04 -8.67 10.49
C MET B 168 1.37 -8.23 9.84
N SER B 169 1.28 -7.48 8.74
CA SER B 169 2.49 -7.03 8.00
C SER B 169 3.20 -5.92 8.79
N LEU B 170 2.41 -5.07 9.47
CA LEU B 170 2.93 -3.95 10.29
C LEU B 170 3.61 -4.53 11.53
N ILE B 171 3.00 -5.49 12.16
CA ILE B 171 3.62 -6.20 13.32
C ILE B 171 4.97 -6.76 12.86
N ALA B 172 4.97 -7.51 11.76
CA ALA B 172 6.18 -8.25 11.31
C ALA B 172 7.23 -7.27 10.76
N LYS B 173 6.84 -6.16 10.14
CA LYS B 173 7.84 -5.18 9.63
C LYS B 173 8.54 -4.49 10.82
N ARG B 174 7.80 -4.22 11.89
CA ARG B 174 8.30 -3.43 13.05
C ARG B 174 9.06 -4.37 13.97
N HIS B 175 8.76 -5.67 13.89
CA HIS B 175 9.34 -6.73 14.76
C HIS B 175 9.65 -7.95 13.92
N PRO B 176 10.70 -7.89 13.05
CA PRO B 176 10.97 -9.01 12.15
C PRO B 176 11.01 -10.35 12.90
N VAL B 177 10.39 -11.37 12.33
CA VAL B 177 9.96 -12.56 13.11
C VAL B 177 10.88 -13.77 12.84
N ASP B 178 11.43 -14.33 13.90
CA ASP B 178 12.16 -15.61 13.76
C ASP B 178 11.15 -16.76 13.62
N VAL B 179 10.19 -16.87 14.54
CA VAL B 179 9.24 -18.00 14.54
C VAL B 179 7.83 -17.41 14.63
N CYS B 180 6.95 -17.82 13.73
CA CYS B 180 5.52 -17.49 13.83
C CYS B 180 4.73 -18.77 14.10
N PHE B 181 3.90 -18.76 15.16
CA PHE B 181 2.89 -19.80 15.38
C PHE B 181 1.56 -19.27 14.86
N VAL B 182 0.93 -19.98 13.94
CA VAL B 182 -0.24 -19.45 13.20
C VAL B 182 -1.31 -20.53 13.19
N PRO B 183 -2.58 -20.19 13.56
CA PRO B 183 -3.66 -21.18 13.55
C PRO B 183 -4.13 -21.53 12.13
N ILE B 184 -4.40 -22.82 11.90
CA ILE B 184 -4.85 -23.32 10.59
C ILE B 184 -6.15 -24.09 10.70
N GLY B 185 -6.76 -24.19 11.89
CA GLY B 185 -7.84 -25.19 12.07
C GLY B 185 -9.14 -24.83 11.34
N ASP B 186 -9.33 -23.56 10.98
CA ASP B 186 -10.55 -23.02 10.35
C ASP B 186 -11.73 -23.06 11.35
N ASN B 187 -12.88 -22.60 10.89
CA ASN B 187 -14.15 -22.47 11.65
C ASN B 187 -14.06 -21.32 12.66
N PHE B 188 -13.10 -21.37 13.58
CA PHE B 188 -12.96 -20.41 14.69
C PHE B 188 -11.77 -19.49 14.42
N THR B 189 -10.98 -19.75 13.38
CA THR B 189 -9.75 -18.97 13.09
C THR B 189 -9.52 -19.07 11.59
N MET B 190 -8.48 -18.44 11.09
CA MET B 190 -7.93 -18.77 9.75
C MET B 190 -7.88 -20.28 9.56
N GLY B 191 -8.14 -20.70 8.34
CA GLY B 191 -7.85 -22.02 7.80
C GLY B 191 -6.54 -22.03 7.05
N ILE B 192 -6.32 -23.10 6.28
CA ILE B 192 -5.05 -23.33 5.55
C ILE B 192 -4.74 -22.17 4.60
N ASP B 193 -5.71 -21.73 3.82
CA ASP B 193 -5.49 -20.72 2.76
C ASP B 193 -5.15 -19.38 3.39
N ASP B 194 -5.92 -18.95 4.37
CA ASP B 194 -5.69 -17.63 4.98
C ASP B 194 -4.38 -17.65 5.77
N ALA B 195 -4.08 -18.74 6.52
CA ALA B 195 -2.84 -18.81 7.33
C ALA B 195 -1.61 -18.75 6.41
N SER B 196 -1.62 -19.52 5.31
CA SER B 196 -0.48 -19.57 4.37
C SER B 196 -0.34 -18.18 3.71
N TYR B 197 -1.44 -17.51 3.38
CA TYR B 197 -1.41 -16.13 2.83
C TYR B 197 -0.84 -15.17 3.88
N ALA B 198 -1.23 -15.34 5.13
CA ALA B 198 -0.68 -14.51 6.23
C ALA B 198 0.85 -14.64 6.23
N ILE B 199 1.36 -15.84 6.17
CA ILE B 199 2.81 -16.09 6.23
C ILE B 199 3.49 -15.56 4.96
N ASN B 200 2.99 -15.92 3.79
CA ASN B 200 3.62 -15.54 2.48
C ASN B 200 3.61 -14.02 2.26
N GLU B 201 2.46 -13.37 2.47
CA GLU B 201 2.24 -11.95 2.08
C GLU B 201 2.65 -11.00 3.21
N PHE B 202 2.33 -11.31 4.46
CA PHE B 202 2.39 -10.31 5.57
C PHE B 202 3.55 -10.58 6.51
N ILE B 203 3.69 -11.80 7.04
CA ILE B 203 4.59 -12.03 8.20
C ILE B 203 6.01 -12.38 7.72
N LYS B 204 6.12 -13.30 6.78
CA LYS B 204 7.45 -13.70 6.19
C LYS B 204 8.48 -13.95 7.29
N PRO B 205 8.19 -14.90 8.20
CA PRO B 205 9.11 -15.25 9.25
C PRO B 205 10.18 -16.22 8.73
N LYS B 206 11.22 -16.42 9.52
CA LYS B 206 12.24 -17.48 9.17
C LYS B 206 11.61 -18.87 9.27
N ILE B 207 10.76 -19.10 10.28
CA ILE B 207 10.13 -20.41 10.58
C ILE B 207 8.66 -20.19 10.92
N SER B 208 7.80 -20.98 10.31
CA SER B 208 6.35 -21.02 10.60
C SER B 208 6.04 -22.39 11.21
N VAL B 209 5.20 -22.39 12.25
CA VAL B 209 4.65 -23.63 12.85
C VAL B 209 3.14 -23.47 12.84
N PRO B 210 2.40 -24.36 12.17
CA PRO B 210 0.96 -24.31 12.23
C PRO B 210 0.52 -24.81 13.62
N ILE B 211 -0.54 -24.20 14.13
CA ILE B 211 -1.14 -24.52 15.44
C ILE B 211 -2.66 -24.60 15.33
N HIS B 212 -3.32 -25.02 16.40
CA HIS B 212 -4.78 -24.89 16.57
C HIS B 212 -5.48 -25.71 15.49
N TYR B 213 -5.07 -26.97 15.32
CA TYR B 213 -5.76 -27.95 14.43
C TYR B 213 -5.81 -29.28 15.16
N ASP B 214 -6.72 -30.14 14.72
CA ASP B 214 -6.87 -31.58 15.13
C ASP B 214 -7.39 -31.75 16.56
N THR B 215 -7.34 -30.75 17.42
CA THR B 215 -7.73 -30.92 18.84
C THR B 215 -9.19 -31.36 18.96
N PHE B 216 -10.04 -30.85 18.09
CA PHE B 216 -11.47 -31.18 18.03
C PHE B 216 -11.82 -31.52 16.58
N PRO B 217 -12.85 -32.36 16.32
CA PRO B 217 -13.21 -32.74 14.95
C PRO B 217 -13.36 -31.57 13.97
N LEU B 218 -14.01 -30.50 14.42
CA LEU B 218 -14.34 -29.34 13.56
C LEU B 218 -13.05 -28.70 13.02
N ILE B 219 -11.92 -28.80 13.74
CA ILE B 219 -10.64 -28.15 13.32
C ILE B 219 -9.59 -29.18 12.89
N GLU B 220 -9.99 -30.38 12.47
CA GLU B 220 -9.01 -31.34 11.89
C GLU B 220 -8.55 -30.78 10.53
N GLN B 221 -7.26 -30.84 10.30
CA GLN B 221 -6.67 -30.37 9.03
C GLN B 221 -5.41 -31.17 8.82
N ASP B 222 -5.01 -31.29 7.56
CA ASP B 222 -3.70 -31.86 7.19
C ASP B 222 -2.71 -30.70 7.13
N PRO B 223 -1.79 -30.56 8.11
CA PRO B 223 -0.83 -29.44 8.12
C PRO B 223 0.15 -29.48 6.94
N GLN B 224 0.33 -30.63 6.27
CA GLN B 224 1.14 -30.71 5.03
C GLN B 224 0.57 -29.74 3.98
N GLN B 225 -0.75 -29.53 3.92
CA GLN B 225 -1.35 -28.58 2.93
C GLN B 225 -0.92 -27.15 3.26
N PHE B 226 -0.79 -26.83 4.54
CA PHE B 226 -0.16 -25.55 4.95
C PHE B 226 1.29 -25.47 4.46
N LYS B 227 2.09 -26.49 4.74
CA LYS B 227 3.51 -26.50 4.39
C LYS B 227 3.62 -26.29 2.87
N ASP B 228 2.78 -26.97 2.11
CA ASP B 228 2.88 -26.97 0.62
C ASP B 228 2.52 -25.58 0.12
N ALA B 229 1.69 -24.83 0.86
CA ALA B 229 1.18 -23.50 0.41
C ALA B 229 2.15 -22.37 0.81
N VAL B 230 3.02 -22.62 1.77
CA VAL B 230 4.00 -21.61 2.27
C VAL B 230 5.23 -21.64 1.38
N ASN B 231 5.63 -20.47 0.92
CA ASN B 231 6.77 -20.31 -0.03
C ASN B 231 7.93 -19.57 0.60
N VAL B 232 7.79 -19.08 1.83
CA VAL B 232 8.78 -18.21 2.50
C VAL B 232 9.30 -18.91 3.76
N GLY B 233 10.61 -18.87 3.96
CA GLY B 233 11.25 -19.48 5.14
C GLY B 233 11.00 -20.98 5.21
N ASP B 234 10.97 -21.50 6.43
CA ASP B 234 10.94 -22.95 6.71
C ASP B 234 9.61 -23.17 7.44
N VAL B 235 8.94 -24.26 7.15
CA VAL B 235 7.81 -24.71 7.97
C VAL B 235 8.25 -25.93 8.77
N GLN B 236 8.05 -25.86 10.07
CA GLN B 236 8.23 -27.02 10.97
C GLN B 236 6.87 -27.44 11.48
N ILE B 237 6.35 -28.56 11.00
CA ILE B 237 5.11 -29.16 11.53
C ILE B 237 5.45 -29.90 12.82
N LEU B 238 5.29 -29.24 13.94
CA LEU B 238 5.61 -29.79 15.27
C LEU B 238 4.42 -30.59 15.79
N LYS B 239 4.72 -31.81 16.25
CA LYS B 239 3.80 -32.63 17.07
C LYS B 239 3.96 -32.13 18.50
N PRO B 240 2.93 -32.31 19.36
CA PRO B 240 3.05 -31.93 20.77
C PRO B 240 4.28 -32.58 21.38
N GLY B 241 5.10 -31.77 22.01
CA GLY B 241 6.32 -32.24 22.65
C GLY B 241 7.56 -31.82 21.90
N GLU B 242 7.42 -31.44 20.63
CA GLU B 242 8.58 -31.19 19.75
C GLU B 242 9.00 -29.73 19.85
N SER B 243 10.29 -29.51 19.68
CA SER B 243 11.00 -28.23 19.80
C SER B 243 11.31 -27.69 18.40
N VAL B 244 11.14 -26.40 18.22
CA VAL B 244 11.67 -25.67 17.03
C VAL B 244 13.17 -25.94 16.92
N GLN B 245 13.62 -26.27 15.70
CA GLN B 245 15.06 -26.42 15.36
C GLN B 245 15.52 -25.14 14.68
N PHE B 246 16.45 -24.40 15.30
CA PHE B 246 17.01 -23.11 14.79
C PHE B 246 18.26 -23.31 13.88
N MET C 17 -8.71 32.50 20.12
CA MET C 17 -8.00 31.19 19.97
C MET C 17 -8.88 30.09 20.58
N MET C 18 -9.16 29.05 19.82
CA MET C 18 -9.88 27.85 20.30
C MET C 18 -9.28 27.38 21.64
N LYS C 19 -10.12 27.04 22.60
CA LYS C 19 -9.72 26.60 23.95
C LYS C 19 -9.68 25.07 23.94
N LEU C 20 -8.50 24.52 24.23
CA LEU C 20 -8.23 23.06 24.21
C LEU C 20 -7.11 22.78 25.20
N SER C 21 -7.42 22.06 26.27
CA SER C 21 -6.51 21.84 27.42
C SER C 21 -6.44 20.37 27.81
N PHE C 22 -5.29 20.01 28.37
CA PHE C 22 -4.97 18.66 28.88
C PHE C 22 -4.98 18.66 30.41
N HIS C 23 -5.52 17.62 31.03
CA HIS C 23 -5.76 17.59 32.50
C HIS C 23 -5.22 16.33 33.15
N GLY C 24 -4.29 15.61 32.53
CA GLY C 24 -3.75 14.36 33.09
C GLY C 24 -4.38 13.10 32.49
N GLN C 25 -3.62 12.01 32.47
CA GLN C 25 -4.02 10.68 31.89
C GLN C 25 -4.50 10.93 30.46
N SER C 26 -5.77 10.69 30.13
CA SER C 26 -6.29 10.98 28.78
C SER C 26 -7.39 12.04 28.81
N THR C 27 -7.45 12.81 29.90
CA THR C 27 -8.49 13.85 30.05
C THR C 27 -8.15 15.09 29.22
N ILE C 28 -9.06 15.50 28.34
CA ILE C 28 -8.95 16.78 27.61
C ILE C 28 -10.26 17.53 27.79
N TYR C 29 -10.18 18.83 27.63
CA TYR C 29 -11.32 19.75 27.80
C TYR C 29 -11.27 20.72 26.63
N LEU C 30 -12.43 21.05 26.07
CA LEU C 30 -12.47 22.04 24.99
C LEU C 30 -13.79 22.80 25.06
N GLU C 31 -13.82 23.91 24.37
CA GLU C 31 -15.01 24.79 24.27
C GLU C 31 -15.32 24.97 22.80
N GLY C 32 -16.57 24.74 22.42
CA GLY C 32 -17.08 25.07 21.08
C GLY C 32 -18.38 25.84 21.17
N ASN C 33 -18.46 26.99 20.53
CA ASN C 33 -19.70 27.82 20.56
C ASN C 33 -20.23 27.92 22.00
N ASN C 34 -19.32 28.16 22.96
CA ASN C 34 -19.57 28.46 24.39
C ASN C 34 -20.01 27.21 25.16
N LYS C 35 -20.07 26.05 24.51
CA LYS C 35 -20.40 24.77 25.18
C LYS C 35 -19.07 24.11 25.58
N LYS C 36 -19.07 23.46 26.72
CA LYS C 36 -17.86 22.91 27.35
C LYS C 36 -17.95 21.39 27.29
N VAL C 37 -16.87 20.78 26.82
CA VAL C 37 -16.76 19.30 26.60
C VAL C 37 -15.58 18.75 27.38
N ILE C 38 -15.76 17.64 28.06
CA ILE C 38 -14.65 16.92 28.69
C ILE C 38 -14.62 15.47 28.18
N VAL C 39 -13.42 14.94 27.96
CA VAL C 39 -13.19 13.53 27.56
C VAL C 39 -12.56 12.80 28.74
N ASP C 40 -13.00 11.59 29.01
CA ASP C 40 -12.40 10.63 29.98
C ASP C 40 -12.09 11.34 31.30
N PRO C 41 -13.13 11.81 32.02
CA PRO C 41 -12.94 12.60 33.26
C PRO C 41 -12.48 11.82 34.50
N PHE C 42 -11.18 11.57 34.56
CA PHE C 42 -10.49 10.89 35.69
C PHE C 42 -9.90 12.00 36.56
N ILE C 43 -10.76 12.58 37.41
CA ILE C 43 -10.48 13.87 38.11
C ILE C 43 -10.15 13.54 39.58
N SER C 44 -11.13 13.02 40.33
CA SER C 44 -11.03 12.89 41.81
C SER C 44 -9.93 11.87 42.16
N ASN C 45 -9.75 10.81 41.37
CA ASN C 45 -8.81 9.72 41.74
C ASN C 45 -7.46 9.87 41.02
N ASN C 46 -7.22 10.96 40.29
CA ASN C 46 -5.90 11.28 39.68
C ASN C 46 -5.32 12.48 40.44
N PRO C 47 -4.35 12.23 41.36
CA PRO C 47 -3.70 13.31 42.10
C PRO C 47 -2.96 14.33 41.22
N LYS C 48 -2.68 13.99 39.95
CA LYS C 48 -1.99 14.92 39.02
C LYS C 48 -3.02 15.72 38.23
N CYS C 49 -4.30 15.36 38.33
CA CYS C 49 -5.37 16.12 37.63
C CYS C 49 -5.59 17.45 38.37
N ASP C 50 -5.54 18.57 37.65
CA ASP C 50 -5.63 19.93 38.25
C ASP C 50 -7.09 20.30 38.50
N LEU C 51 -8.04 19.55 37.92
CA LEU C 51 -9.49 19.85 38.02
C LEU C 51 -10.01 19.40 39.38
N ASN C 52 -11.22 19.85 39.74
CA ASN C 52 -11.97 19.43 40.96
C ASN C 52 -13.41 19.11 40.51
N ILE C 53 -13.89 17.93 40.85
CA ILE C 53 -15.25 17.43 40.46
C ILE C 53 -16.31 18.46 40.86
N GLU C 54 -16.14 19.06 42.04
CA GLU C 54 -17.16 19.96 42.63
C GLU C 54 -17.24 21.28 41.85
N THR C 55 -16.24 21.62 41.03
CA THR C 55 -16.24 22.94 40.33
C THR C 55 -16.06 22.82 38.80
N VAL C 56 -15.77 21.64 38.23
CA VAL C 56 -15.72 21.50 36.75
C VAL C 56 -17.10 21.87 36.20
N GLN C 57 -17.16 22.72 35.18
CA GLN C 57 -18.41 23.00 34.45
C GLN C 57 -18.30 22.26 33.11
N VAL C 58 -19.30 21.45 32.78
CA VAL C 58 -19.34 20.80 31.45
C VAL C 58 -20.78 20.65 30.99
N ASP C 59 -20.96 20.71 29.67
CA ASP C 59 -22.24 20.47 28.97
C ASP C 59 -22.22 19.07 28.36
N TYR C 60 -21.02 18.54 28.10
CA TYR C 60 -20.85 17.22 27.44
C TYR C 60 -19.65 16.49 28.05
N ILE C 61 -19.83 15.19 28.22
CA ILE C 61 -18.77 14.24 28.64
C ILE C 61 -18.68 13.22 27.50
N VAL C 62 -17.48 13.02 26.98
CA VAL C 62 -17.28 11.99 25.92
C VAL C 62 -16.32 10.92 26.45
N LEU C 63 -16.67 9.65 26.28
CA LEU C 63 -15.88 8.50 26.80
C LEU C 63 -15.34 7.63 25.66
N THR C 64 -14.02 7.50 25.63
CA THR C 64 -13.32 6.65 24.63
C THR C 64 -13.57 5.18 24.96
N HIS C 65 -13.72 4.84 26.25
CA HIS C 65 -13.81 3.45 26.72
C HIS C 65 -14.08 3.46 28.21
N GLY C 66 -14.39 2.30 28.75
CA GLY C 66 -14.99 2.14 30.08
C GLY C 66 -14.02 2.02 31.24
N HIS C 67 -12.72 1.90 31.01
CA HIS C 67 -11.72 1.64 32.08
C HIS C 67 -11.77 2.76 33.13
N PHE C 68 -11.50 2.37 34.39
CA PHE C 68 -11.63 3.19 35.62
C PHE C 68 -10.96 4.54 35.40
N ASP C 69 -9.83 4.57 34.66
CA ASP C 69 -8.95 5.76 34.48
C ASP C 69 -9.45 6.64 33.32
N HIS C 70 -10.64 6.37 32.80
CA HIS C 70 -11.33 7.14 31.71
C HIS C 70 -12.77 7.41 32.17
N PHE C 71 -13.50 6.35 32.51
CA PHE C 71 -14.86 6.41 33.13
C PHE C 71 -14.85 7.43 34.28
N GLY C 72 -13.93 7.24 35.22
CA GLY C 72 -13.64 8.19 36.30
C GLY C 72 -14.92 8.62 37.02
N ASP C 73 -15.11 9.94 37.10
CA ASP C 73 -16.20 10.59 37.86
C ASP C 73 -17.39 10.85 36.93
N VAL C 74 -17.61 10.03 35.90
CA VAL C 74 -18.65 10.38 34.88
C VAL C 74 -20.04 10.47 35.53
N VAL C 75 -20.40 9.53 36.40
CA VAL C 75 -21.79 9.43 36.96
C VAL C 75 -22.04 10.66 37.85
N GLU C 76 -21.15 10.91 38.80
CA GLU C 76 -21.21 12.08 39.72
C GLU C 76 -21.21 13.38 38.89
N LEU C 77 -20.29 13.54 37.92
CA LEU C 77 -20.16 14.80 37.13
C LEU C 77 -21.46 15.03 36.35
N ALA C 78 -21.95 13.99 35.67
CA ALA C 78 -23.19 14.05 34.87
C ALA C 78 -24.39 14.46 35.77
N LYS C 79 -24.58 13.75 36.88
CA LYS C 79 -25.67 14.01 37.86
C LYS C 79 -25.56 15.46 38.36
N LYS C 80 -24.36 15.95 38.64
CA LYS C 80 -24.17 17.33 39.14
C LYS C 80 -24.41 18.38 38.05
N THR C 81 -23.87 18.23 36.84
CA THR C 81 -23.88 19.31 35.82
C THR C 81 -25.11 19.21 34.90
N GLY C 82 -25.74 18.03 34.83
CA GLY C 82 -26.75 17.72 33.82
C GLY C 82 -26.13 17.48 32.44
N ALA C 83 -24.79 17.37 32.34
CA ALA C 83 -24.09 17.09 31.06
C ALA C 83 -24.68 15.85 30.37
N THR C 84 -24.67 15.87 29.04
CA THR C 84 -25.01 14.71 28.19
C THR C 84 -23.75 13.87 28.05
N VAL C 85 -23.83 12.56 28.27
CA VAL C 85 -22.64 11.65 28.16
C VAL C 85 -22.72 10.94 26.80
N ILE C 86 -21.67 11.11 25.99
CA ILE C 86 -21.60 10.57 24.61
C ILE C 86 -20.63 9.40 24.65
N GLY C 87 -21.06 8.23 24.18
CA GLY C 87 -20.22 7.02 24.15
C GLY C 87 -20.84 5.97 23.27
N SER C 88 -20.35 4.74 23.43
CA SER C 88 -20.86 3.56 22.71
C SER C 88 -22.31 3.32 23.13
N ALA C 89 -23.04 2.61 22.30
CA ALA C 89 -24.40 2.11 22.66
C ALA C 89 -24.35 1.50 24.06
N GLU C 90 -23.37 0.61 24.30
CA GLU C 90 -23.33 -0.17 25.55
C GLU C 90 -23.11 0.82 26.70
N MET C 91 -22.29 1.84 26.50
CA MET C 91 -21.97 2.82 27.57
C MET C 91 -23.22 3.66 27.86
N ALA C 92 -23.98 4.04 26.84
CA ALA C 92 -25.19 4.88 27.04
C ALA C 92 -26.24 4.05 27.83
N ASP C 93 -26.40 2.77 27.51
CA ASP C 93 -27.36 1.82 28.14
C ASP C 93 -26.98 1.59 29.59
N TYR C 94 -25.70 1.28 29.84
CA TYR C 94 -25.16 1.09 31.22
C TYR C 94 -25.37 2.36 32.05
N LEU C 95 -24.91 3.52 31.58
CA LEU C 95 -25.03 4.79 32.34
C LEU C 95 -26.51 5.10 32.60
N SER C 96 -27.38 4.96 31.60
CA SER C 96 -28.83 5.30 31.69
C SER C 96 -29.52 4.31 32.63
N SER C 97 -29.51 3.02 32.30
CA SER C 97 -30.30 1.97 33.00
C SER C 97 -29.68 1.53 34.31
N TYR C 98 -28.35 1.41 34.41
CA TYR C 98 -27.70 0.93 35.64
C TYR C 98 -27.43 2.10 36.57
N HIS C 99 -26.89 3.22 36.08
CA HIS C 99 -26.44 4.35 36.95
C HIS C 99 -27.50 5.46 37.03
N GLY C 100 -28.61 5.37 36.29
CA GLY C 100 -29.63 6.43 36.18
C GLY C 100 -29.11 7.78 35.69
N VAL C 101 -28.13 7.82 34.77
CA VAL C 101 -27.69 9.13 34.19
C VAL C 101 -28.82 9.62 33.29
N GLU C 102 -29.17 10.90 33.37
CA GLU C 102 -30.40 11.46 32.75
C GLU C 102 -30.20 11.58 31.23
N ASN C 103 -29.02 12.05 30.82
CA ASN C 103 -28.78 12.59 29.46
C ASN C 103 -27.62 11.80 28.85
N VAL C 104 -27.93 10.86 27.96
CA VAL C 104 -26.89 10.08 27.25
C VAL C 104 -27.15 10.16 25.75
N HIS C 105 -26.08 10.03 24.97
CA HIS C 105 -26.23 9.84 23.52
C HIS C 105 -25.35 8.66 23.10
N GLY C 106 -25.96 7.53 22.72
CA GLY C 106 -25.25 6.34 22.27
C GLY C 106 -24.85 6.50 20.80
N MET C 107 -23.65 6.03 20.44
CA MET C 107 -23.05 6.07 19.09
C MET C 107 -22.25 4.79 18.92
N ASN C 108 -21.63 4.61 17.76
CA ASN C 108 -20.68 3.49 17.64
C ASN C 108 -19.64 3.92 16.62
N ILE C 109 -18.66 3.04 16.44
CA ILE C 109 -17.49 3.36 15.58
C ILE C 109 -17.95 3.76 14.16
N GLY C 110 -17.34 4.83 13.65
CA GLY C 110 -17.63 5.37 12.33
C GLY C 110 -18.76 6.37 12.35
N GLY C 111 -19.59 6.35 13.37
CA GLY C 111 -20.68 7.32 13.47
C GLY C 111 -20.21 8.72 13.81
N LYS C 112 -20.88 9.68 13.20
CA LYS C 112 -20.70 11.13 13.47
C LYS C 112 -22.03 11.69 13.95
N ALA C 113 -21.98 12.57 14.93
CA ALA C 113 -23.13 13.33 15.42
C ALA C 113 -22.74 14.79 15.51
N ASN C 114 -23.69 15.65 15.15
CA ASN C 114 -23.55 17.12 15.21
C ASN C 114 -24.25 17.63 16.47
N PHE C 115 -23.50 18.30 17.35
CA PHE C 115 -24.01 18.99 18.56
C PHE C 115 -23.79 20.50 18.44
N ASP C 116 -24.36 21.25 19.37
CA ASP C 116 -24.20 22.74 19.35
C ASP C 116 -22.72 23.09 19.53
N PHE C 117 -21.89 22.22 20.13
CA PHE C 117 -20.44 22.48 20.35
C PHE C 117 -19.64 22.23 19.08
N GLY C 118 -20.18 21.48 18.12
CA GLY C 118 -19.43 20.98 16.96
C GLY C 118 -19.75 19.52 16.74
N SER C 119 -18.86 18.76 16.08
CA SER C 119 -19.15 17.34 15.79
C SER C 119 -18.22 16.40 16.56
N VAL C 120 -18.74 15.21 16.77
CA VAL C 120 -18.01 14.06 17.35
C VAL C 120 -18.17 12.85 16.41
N LYS C 121 -17.05 12.23 16.05
CA LYS C 121 -17.03 10.99 15.23
C LYS C 121 -16.17 9.98 16.01
N PHE C 122 -16.74 8.83 16.36
CA PHE C 122 -15.94 7.76 16.98
C PHE C 122 -15.21 6.96 15.91
N VAL C 123 -13.98 6.56 16.22
CA VAL C 123 -13.16 5.74 15.32
C VAL C 123 -12.62 4.52 16.09
N GLN C 124 -12.04 3.56 15.37
CA GLN C 124 -11.56 2.34 16.03
C GLN C 124 -10.34 2.61 16.93
N ALA C 125 -10.11 1.65 17.81
CA ALA C 125 -8.92 1.54 18.67
C ALA C 125 -8.70 0.08 19.00
N PHE C 126 -7.51 -0.25 19.45
CA PHE C 126 -7.13 -1.63 19.83
C PHE C 126 -6.71 -1.59 21.29
N HIS C 127 -7.56 -2.18 22.16
CA HIS C 127 -7.41 -2.03 23.62
C HIS C 127 -8.47 -2.96 24.23
N SER C 128 -9.14 -2.54 25.27
CA SER C 128 -10.37 -3.19 25.78
C SER C 128 -11.30 -2.13 26.35
N SER C 129 -12.54 -2.49 26.69
CA SER C 129 -13.48 -1.50 27.24
C SER C 129 -14.41 -2.18 28.22
N SER C 130 -14.24 -1.89 29.49
CA SER C 130 -15.13 -2.46 30.53
C SER C 130 -14.97 -1.62 31.78
N PHE C 131 -15.87 -1.82 32.73
CA PHE C 131 -15.72 -1.30 34.11
C PHE C 131 -15.92 -2.51 35.01
N THR C 132 -15.02 -2.76 35.96
CA THR C 132 -15.05 -4.01 36.76
C THR C 132 -15.95 -3.78 37.99
N HIS C 133 -17.01 -4.57 38.11
CA HIS C 133 -17.87 -4.61 39.32
C HIS C 133 -17.17 -5.50 40.33
N GLU C 134 -17.80 -5.78 41.47
CA GLU C 134 -17.17 -6.64 42.49
C GLU C 134 -16.80 -8.00 41.85
N ASN C 135 -15.79 -8.63 42.44
CA ASN C 135 -15.42 -10.04 42.22
C ASN C 135 -14.73 -10.22 40.88
N GLY C 136 -14.17 -9.14 40.30
CA GLY C 136 -13.38 -9.19 39.06
C GLY C 136 -14.20 -9.59 37.83
N ILE C 137 -15.52 -9.38 37.81
CA ILE C 137 -16.38 -9.63 36.62
C ILE C 137 -16.53 -8.31 35.85
N PRO C 138 -15.89 -8.12 34.68
CA PRO C 138 -16.08 -6.87 33.92
C PRO C 138 -17.50 -6.69 33.37
N VAL C 139 -17.97 -5.44 33.34
CA VAL C 139 -19.15 -5.01 32.54
C VAL C 139 -18.63 -4.59 31.16
N TYR C 140 -18.94 -5.37 30.12
CA TYR C 140 -18.52 -5.03 28.72
C TYR C 140 -19.14 -3.69 28.31
N LEU C 141 -18.36 -2.79 27.72
CA LEU C 141 -18.91 -1.48 27.33
C LEU C 141 -18.57 -1.15 25.88
N GLY C 142 -18.36 -2.20 25.09
CA GLY C 142 -18.20 -2.04 23.64
C GLY C 142 -16.79 -2.28 23.19
N MET C 143 -16.53 -1.97 21.93
CA MET C 143 -15.13 -1.87 21.46
C MET C 143 -14.58 -0.54 21.94
N PRO C 144 -13.26 -0.49 22.27
CA PRO C 144 -12.63 0.78 22.60
C PRO C 144 -12.55 1.65 21.35
N MET C 145 -12.51 2.97 21.55
CA MET C 145 -12.64 3.95 20.47
C MET C 145 -11.63 5.10 20.63
N GLY C 146 -11.33 5.74 19.52
CA GLY C 146 -10.82 7.13 19.50
C GLY C 146 -11.91 8.10 19.08
N ILE C 147 -11.63 9.39 19.13
CA ILE C 147 -12.59 10.46 18.79
C ILE C 147 -11.96 11.40 17.79
N VAL C 148 -12.72 11.71 16.74
CA VAL C 148 -12.44 12.87 15.87
C VAL C 148 -13.46 13.98 16.17
N PHE C 149 -12.99 15.10 16.73
CA PHE C 149 -13.84 16.28 16.93
C PHE C 149 -13.65 17.23 15.77
N GLU C 150 -14.72 17.91 15.34
CA GLU C 150 -14.61 19.17 14.57
C GLU C 150 -15.27 20.30 15.38
N VAL C 151 -14.43 21.16 15.92
CA VAL C 151 -14.80 22.22 16.91
C VAL C 151 -14.05 23.49 16.51
N GLU C 152 -14.82 24.55 16.21
CA GLU C 152 -14.29 25.90 15.84
C GLU C 152 -13.18 25.77 14.80
N GLY C 153 -13.44 24.99 13.76
CA GLY C 153 -12.62 24.91 12.56
C GLY C 153 -11.34 24.12 12.81
N LYS C 154 -11.25 23.44 13.96
CA LYS C 154 -10.09 22.56 14.30
C LYS C 154 -10.55 21.10 14.34
N THR C 155 -9.77 20.21 13.71
CA THR C 155 -9.98 18.75 13.77
C THR C 155 -9.04 18.20 14.83
N ILE C 156 -9.61 17.59 15.86
CA ILE C 156 -8.87 17.03 17.01
C ILE C 156 -9.05 15.50 17.00
N TYR C 157 -7.95 14.76 16.91
CA TYR C 157 -7.96 13.29 16.99
C TYR C 157 -7.36 12.89 18.33
N HIS C 158 -8.23 12.41 19.23
CA HIS C 158 -7.85 11.73 20.47
C HIS C 158 -7.83 10.24 20.15
N THR C 159 -6.66 9.61 20.12
CA THR C 159 -6.60 8.21 19.63
C THR C 159 -7.31 7.26 20.60
N GLY C 160 -7.66 7.70 21.81
CA GLY C 160 -8.06 6.80 22.90
C GLY C 160 -6.87 6.01 23.42
N ASP C 161 -7.10 5.05 24.30
CA ASP C 161 -6.08 4.04 24.64
C ASP C 161 -6.00 3.07 23.48
N THR C 162 -4.84 2.94 22.84
CA THR C 162 -4.77 2.06 21.66
C THR C 162 -3.33 1.57 21.49
N GLY C 163 -3.21 0.45 20.81
CA GLY C 163 -1.99 0.06 20.11
C GLY C 163 -1.91 0.70 18.73
N LEU C 164 -0.77 0.55 18.10
CA LEU C 164 -0.53 1.05 16.73
C LEU C 164 -1.41 0.30 15.73
N PHE C 165 -2.01 1.00 14.76
CA PHE C 165 -2.73 0.32 13.65
C PHE C 165 -2.65 1.21 12.41
N SER C 166 -2.51 0.61 11.24
CA SER C 166 -2.32 1.37 9.97
C SER C 166 -3.54 2.22 9.62
N ASP C 167 -4.76 1.88 10.07
CA ASP C 167 -5.96 2.70 9.77
C ASP C 167 -5.89 4.02 10.54
N MET C 168 -4.89 4.23 11.39
CA MET C 168 -4.64 5.63 11.87
C MET C 168 -4.43 6.55 10.65
N SER C 169 -3.77 6.07 9.59
CA SER C 169 -3.51 6.82 8.34
C SER C 169 -4.82 7.08 7.59
N LEU C 170 -5.72 6.10 7.57
CA LEU C 170 -7.02 6.25 6.88
C LEU C 170 -7.82 7.36 7.59
N ILE C 171 -7.87 7.30 8.93
CA ILE C 171 -8.60 8.28 9.78
C ILE C 171 -8.02 9.67 9.47
N ALA C 172 -6.70 9.79 9.47
CA ALA C 172 -6.05 11.11 9.33
C ALA C 172 -6.15 11.61 7.89
N LYS C 173 -6.13 10.73 6.88
CA LYS C 173 -6.19 11.15 5.47
C LYS C 173 -7.60 11.70 5.18
N ARG C 174 -8.63 11.02 5.70
CA ARG C 174 -10.07 11.40 5.54
C ARG C 174 -10.43 12.59 6.43
N HIS C 175 -9.74 12.80 7.55
CA HIS C 175 -10.01 13.90 8.53
C HIS C 175 -8.69 14.55 8.93
N PRO C 176 -8.04 15.35 8.03
CA PRO C 176 -6.74 15.92 8.33
C PRO C 176 -6.77 16.59 9.70
N VAL C 177 -5.70 16.36 10.46
CA VAL C 177 -5.71 16.59 11.92
C VAL C 177 -4.95 17.86 12.28
N ASP C 178 -5.62 18.75 13.01
CA ASP C 178 -4.95 19.90 13.64
C ASP C 178 -4.19 19.42 14.87
N VAL C 179 -4.86 18.76 15.82
CA VAL C 179 -4.22 18.32 17.09
C VAL C 179 -4.48 16.84 17.28
N CYS C 180 -3.42 16.09 17.59
CA CYS C 180 -3.53 14.66 17.95
C CYS C 180 -3.08 14.48 19.40
N PHE C 181 -3.93 13.87 20.21
CA PHE C 181 -3.59 13.39 21.56
C PHE C 181 -3.34 11.89 21.45
N VAL C 182 -2.14 11.47 21.84
CA VAL C 182 -1.64 10.11 21.57
C VAL C 182 -0.98 9.55 22.82
N PRO C 183 -1.35 8.30 23.24
CA PRO C 183 -0.78 7.73 24.45
C PRO C 183 0.65 7.20 24.26
N ILE C 184 1.49 7.43 25.28
CA ILE C 184 2.92 7.06 25.23
C ILE C 184 3.34 6.23 26.44
N GLY C 185 2.42 5.92 27.36
CA GLY C 185 2.79 5.33 28.65
C GLY C 185 3.39 3.94 28.53
N ASP C 186 3.09 3.20 27.45
CA ASP C 186 3.44 1.78 27.27
C ASP C 186 2.67 0.90 28.28
N ASN C 187 2.94 -0.41 28.21
CA ASN C 187 2.35 -1.54 28.99
C ASN C 187 0.86 -1.73 28.63
N PHE C 188 0.07 -0.68 28.73
CA PHE C 188 -1.40 -0.73 28.44
C PHE C 188 -1.74 -0.15 27.07
N THR C 189 -0.82 0.59 26.47
CA THR C 189 -0.99 1.30 25.20
C THR C 189 0.33 1.26 24.44
N MET C 190 0.37 1.95 23.32
CA MET C 190 1.63 2.32 22.66
C MET C 190 2.58 2.93 23.68
N GLY C 191 3.86 2.65 23.50
CA GLY C 191 4.93 3.42 24.18
C GLY C 191 5.48 4.52 23.27
N ILE C 192 6.67 5.04 23.60
CA ILE C 192 7.28 6.18 22.87
C ILE C 192 7.50 5.83 21.39
N ASP C 193 8.12 4.68 21.13
CA ASP C 193 8.47 4.27 19.75
C ASP C 193 7.19 4.17 18.90
N ASP C 194 6.19 3.41 19.36
CA ASP C 194 4.97 3.19 18.56
C ASP C 194 4.22 4.50 18.39
N ALA C 195 4.15 5.36 19.42
CA ALA C 195 3.39 6.63 19.31
C ALA C 195 4.05 7.58 18.30
N SER C 196 5.38 7.69 18.37
CA SER C 196 6.12 8.59 17.45
C SER C 196 6.00 8.05 16.03
N TYR C 197 5.99 6.73 15.86
CA TYR C 197 5.77 6.12 14.52
C TYR C 197 4.36 6.45 14.03
N ALA C 198 3.37 6.34 14.90
CA ALA C 198 1.97 6.67 14.56
C ALA C 198 1.92 8.12 14.02
N ILE C 199 2.55 9.02 14.75
CA ILE C 199 2.53 10.46 14.36
C ILE C 199 3.30 10.68 13.04
N ASN C 200 4.51 10.17 12.96
CA ASN C 200 5.40 10.40 11.80
C ASN C 200 4.84 9.72 10.53
N GLU C 201 4.38 8.48 10.62
CA GLU C 201 4.08 7.64 9.43
C GLU C 201 2.59 7.78 9.05
N PHE C 202 1.69 7.82 10.04
CA PHE C 202 0.23 7.64 9.79
C PHE C 202 -0.53 8.94 9.96
N ILE C 203 -0.36 9.67 11.06
CA ILE C 203 -1.31 10.76 11.43
C ILE C 203 -0.87 12.12 10.90
N LYS C 204 0.39 12.48 11.07
CA LYS C 204 1.00 13.71 10.54
C LYS C 204 0.09 14.89 10.84
N PRO C 205 -0.22 15.11 12.14
CA PRO C 205 -1.01 16.27 12.52
C PRO C 205 -0.16 17.55 12.57
N LYS C 206 -0.82 18.70 12.73
CA LYS C 206 -0.09 19.98 12.90
C LYS C 206 0.58 19.98 14.26
N ILE C 207 -0.10 19.45 15.28
CA ILE C 207 0.34 19.49 16.69
C ILE C 207 0.05 18.11 17.26
N SER C 208 1.03 17.55 17.97
CA SER C 208 0.94 16.29 18.74
C SER C 208 1.12 16.64 20.22
N VAL C 209 0.30 16.02 21.08
CA VAL C 209 0.41 16.11 22.54
C VAL C 209 0.47 14.68 23.07
N PRO C 210 1.55 14.28 23.75
CA PRO C 210 1.56 13.00 24.42
C PRO C 210 0.64 13.01 25.65
N ILE C 211 -0.05 11.90 25.84
CA ILE C 211 -1.00 11.69 26.96
C ILE C 211 -0.75 10.31 27.59
N HIS C 212 -1.44 10.05 28.69
CA HIS C 212 -1.51 8.70 29.26
C HIS C 212 -0.11 8.22 29.68
N TYR C 213 0.58 9.06 30.45
CA TYR C 213 1.88 8.68 31.05
C TYR C 213 2.01 9.33 32.43
N ASP C 214 2.88 8.76 33.25
CA ASP C 214 3.30 9.26 34.59
C ASP C 214 2.21 9.09 35.66
N THR C 215 0.97 8.77 35.32
CA THR C 215 -0.17 8.71 36.28
C THR C 215 0.09 7.63 37.34
N PHE C 216 0.64 6.50 36.93
CA PHE C 216 0.95 5.32 37.76
C PHE C 216 2.41 4.99 37.45
N PRO C 217 3.19 4.43 38.40
CA PRO C 217 4.60 4.12 38.15
C PRO C 217 4.87 3.34 36.86
N LEU C 218 4.01 2.37 36.55
CA LEU C 218 4.20 1.49 35.37
C LEU C 218 4.22 2.32 34.09
N ILE C 219 3.53 3.46 34.03
CA ILE C 219 3.40 4.23 32.75
C ILE C 219 4.20 5.53 32.85
N GLU C 220 5.17 5.60 33.77
CA GLU C 220 6.13 6.73 33.80
C GLU C 220 6.94 6.72 32.51
N GLN C 221 7.02 7.86 31.86
CA GLN C 221 7.88 8.07 30.68
C GLN C 221 8.40 9.50 30.66
N ASP C 222 9.48 9.72 29.92
CA ASP C 222 9.96 11.09 29.64
C ASP C 222 9.36 11.48 28.31
N PRO C 223 8.37 12.40 28.28
CA PRO C 223 7.72 12.82 27.04
C PRO C 223 8.72 13.50 26.10
N GLN C 224 9.85 13.98 26.62
CA GLN C 224 10.90 14.57 25.75
C GLN C 224 11.42 13.51 24.75
N GLN C 225 11.42 12.23 25.10
CA GLN C 225 11.86 11.16 24.16
C GLN C 225 10.85 11.06 23.02
N PHE C 226 9.57 11.29 23.32
CA PHE C 226 8.51 11.33 22.28
C PHE C 226 8.74 12.56 21.37
N LYS C 227 8.91 13.73 21.97
CA LYS C 227 9.16 14.96 21.18
C LYS C 227 10.36 14.79 20.25
N ASP C 228 11.45 14.22 20.75
CA ASP C 228 12.71 14.06 19.97
C ASP C 228 12.46 13.13 18.77
N ALA C 229 11.60 12.12 18.92
CA ALA C 229 11.32 11.05 17.93
C ALA C 229 10.36 11.54 16.84
N VAL C 230 9.60 12.61 17.10
CA VAL C 230 8.57 13.14 16.17
C VAL C 230 9.23 14.15 15.24
N ASN C 231 9.06 13.98 13.93
CA ASN C 231 9.74 14.83 12.91
C ASN C 231 8.75 15.70 12.15
N VAL C 232 7.46 15.52 12.39
CA VAL C 232 6.39 16.20 11.64
C VAL C 232 5.59 17.09 12.60
N GLY C 233 5.28 18.29 12.13
CA GLY C 233 4.50 19.27 12.88
C GLY C 233 5.22 19.68 14.16
N ASP C 234 4.45 20.02 15.18
CA ASP C 234 4.91 20.63 16.44
C ASP C 234 4.47 19.66 17.55
N VAL C 235 5.34 19.34 18.48
CA VAL C 235 4.96 18.62 19.73
C VAL C 235 4.81 19.63 20.87
N GLN C 236 3.68 19.60 21.55
CA GLN C 236 3.46 20.40 22.79
C GLN C 236 3.30 19.41 23.95
N ILE C 237 4.31 19.35 24.80
CA ILE C 237 4.28 18.54 26.05
C ILE C 237 3.52 19.36 27.06
N LEU C 238 2.23 19.14 27.16
CA LEU C 238 1.35 19.85 28.11
C LEU C 238 1.38 19.18 29.46
N LYS C 239 1.50 19.99 30.52
CA LYS C 239 1.26 19.53 31.89
C LYS C 239 -0.23 19.73 32.17
N PRO C 240 -0.79 18.98 33.13
CA PRO C 240 -2.19 19.15 33.50
C PRO C 240 -2.53 20.62 33.74
N GLY C 241 -3.57 21.13 33.09
CA GLY C 241 -4.02 22.53 33.20
C GLY C 241 -3.60 23.37 32.02
N GLU C 242 -2.59 22.96 31.23
CA GLU C 242 -2.06 23.78 30.11
C GLU C 242 -2.91 23.59 28.86
N SER C 243 -2.91 24.62 28.05
CA SER C 243 -3.72 24.75 26.82
C SER C 243 -2.81 24.58 25.60
N VAL C 244 -3.36 23.94 24.56
CA VAL C 244 -2.71 23.93 23.23
C VAL C 244 -2.55 25.37 22.75
N GLN C 245 -1.35 25.73 22.30
CA GLN C 245 -1.08 27.04 21.67
C GLN C 245 -1.20 26.86 20.15
N PHE C 246 -2.22 27.44 19.56
CA PHE C 246 -2.29 27.67 18.10
C PHE C 246 -1.52 28.98 17.85
N SER D 15 32.95 16.97 15.25
CA SER D 15 33.90 18.12 15.38
C SER D 15 34.28 18.67 13.98
N HIS D 16 34.26 17.83 12.93
CA HIS D 16 34.27 18.26 11.50
C HIS D 16 32.86 18.02 10.93
N MET D 17 32.04 19.08 10.87
CA MET D 17 30.68 19.07 10.25
C MET D 17 30.88 18.79 8.75
N MET D 18 30.20 17.78 8.24
CA MET D 18 30.26 17.41 6.81
C MET D 18 30.01 18.68 5.96
N LYS D 19 30.82 18.88 4.93
CA LYS D 19 30.74 20.05 4.02
C LYS D 19 29.83 19.71 2.83
N LEU D 20 28.75 20.46 2.69
CA LEU D 20 27.71 20.28 1.65
C LEU D 20 27.10 21.65 1.33
N SER D 21 27.26 22.11 0.10
CA SER D 21 26.81 23.45 -0.31
C SER D 21 26.06 23.40 -1.63
N PHE D 22 25.23 24.41 -1.83
CA PHE D 22 24.38 24.62 -3.02
C PHE D 22 24.96 25.80 -3.82
N HIS D 23 24.88 25.74 -5.13
CA HIS D 23 25.55 26.75 -6.00
C HIS D 23 24.67 27.24 -7.14
N GLY D 24 23.36 27.08 -7.05
CA GLY D 24 22.40 27.51 -8.07
C GLY D 24 21.99 26.34 -8.97
N GLN D 25 20.83 26.47 -9.59
CA GLN D 25 20.19 25.45 -10.45
C GLN D 25 20.26 24.13 -9.66
N SER D 26 21.01 23.12 -10.09
CA SER D 26 21.03 21.80 -9.40
C SER D 26 22.44 21.51 -8.91
N THR D 27 23.33 22.51 -8.91
CA THR D 27 24.74 22.35 -8.56
C THR D 27 24.88 22.20 -7.05
N ILE D 28 25.37 21.05 -6.60
CA ILE D 28 25.80 20.92 -5.19
C ILE D 28 27.25 20.48 -5.19
N TYR D 29 27.88 20.75 -4.07
CA TYR D 29 29.33 20.55 -3.84
C TYR D 29 29.43 19.86 -2.48
N LEU D 30 30.23 18.81 -2.42
CA LEU D 30 30.51 18.20 -1.11
C LEU D 30 31.96 17.73 -1.03
N GLU D 31 32.38 17.46 0.20
CA GLU D 31 33.70 16.87 0.53
C GLU D 31 33.49 15.60 1.34
N GLY D 32 34.14 14.52 0.95
CA GLY D 32 34.20 13.30 1.75
C GLY D 32 35.62 12.79 1.80
N ASN D 33 36.15 12.57 3.01
CA ASN D 33 37.52 12.08 3.21
C ASN D 33 38.49 12.92 2.38
N ASN D 34 38.33 14.24 2.45
CA ASN D 34 39.19 15.30 1.85
C ASN D 34 39.16 15.23 0.33
N LYS D 35 38.16 14.56 -0.27
CA LYS D 35 37.92 14.58 -1.74
C LYS D 35 36.71 15.45 -2.06
N LYS D 36 36.80 16.16 -3.17
CA LYS D 36 35.83 17.21 -3.56
C LYS D 36 34.96 16.66 -4.70
N VAL D 37 33.66 16.84 -4.56
CA VAL D 37 32.66 16.27 -5.51
C VAL D 37 31.74 17.44 -5.86
N ILE D 38 31.46 17.62 -7.14
CA ILE D 38 30.44 18.58 -7.58
C ILE D 38 29.43 17.80 -8.40
N VAL D 39 28.18 18.23 -8.36
CA VAL D 39 27.09 17.65 -9.18
C VAL D 39 26.62 18.72 -10.16
N ASP D 40 26.41 18.35 -11.42
CA ASP D 40 25.68 19.18 -12.41
C ASP D 40 26.29 20.59 -12.46
N PRO D 41 27.57 20.71 -12.86
CA PRO D 41 28.31 21.98 -12.83
C PRO D 41 27.99 23.00 -13.92
N PHE D 42 26.86 23.65 -13.78
CA PHE D 42 26.40 24.75 -14.66
C PHE D 42 26.92 26.04 -14.04
N ILE D 43 28.19 26.36 -14.30
CA ILE D 43 28.94 27.42 -13.54
C ILE D 43 29.08 28.67 -14.42
N SER D 44 29.73 28.55 -15.57
CA SER D 44 30.13 29.72 -16.40
C SER D 44 28.90 30.38 -17.03
N ASN D 45 27.83 29.63 -17.35
CA ASN D 45 26.63 30.17 -18.04
C ASN D 45 25.46 30.39 -17.06
N ASN D 46 25.69 30.27 -15.76
CA ASN D 46 24.69 30.65 -14.73
C ASN D 46 25.18 31.88 -13.99
N PRO D 47 24.67 33.09 -14.32
CA PRO D 47 25.14 34.30 -13.62
C PRO D 47 24.84 34.30 -12.12
N LYS D 48 23.94 33.43 -11.61
CA LYS D 48 23.64 33.39 -10.16
C LYS D 48 24.53 32.35 -9.45
N CYS D 49 25.26 31.52 -10.19
CA CYS D 49 26.21 30.58 -9.58
C CYS D 49 27.40 31.36 -9.05
N ASP D 50 27.80 31.13 -7.78
CA ASP D 50 28.91 31.88 -7.13
C ASP D 50 30.29 31.33 -7.50
N LEU D 51 30.35 30.15 -8.11
CA LEU D 51 31.65 29.49 -8.40
C LEU D 51 32.30 30.10 -9.63
N ASN D 52 33.57 29.78 -9.82
CA ASN D 52 34.44 30.19 -10.94
C ASN D 52 35.11 28.93 -11.49
N ILE D 53 34.86 28.61 -12.75
CA ILE D 53 35.46 27.39 -13.40
C ILE D 53 36.99 27.44 -13.28
N GLU D 54 37.55 28.64 -13.18
CA GLU D 54 39.02 28.86 -13.13
C GLU D 54 39.55 28.39 -11.78
N THR D 55 38.74 28.47 -10.70
CA THR D 55 39.23 28.31 -9.31
C THR D 55 38.66 27.06 -8.65
N VAL D 56 37.51 26.56 -9.12
CA VAL D 56 36.83 25.35 -8.58
C VAL D 56 37.82 24.19 -8.52
N GLN D 57 37.96 23.58 -7.34
CA GLN D 57 38.74 22.33 -7.12
C GLN D 57 37.77 21.17 -6.99
N VAL D 58 37.93 20.16 -7.85
CA VAL D 58 37.13 18.89 -7.79
C VAL D 58 37.99 17.70 -8.13
N ASP D 59 37.67 16.59 -7.47
CA ASP D 59 38.21 15.23 -7.72
C ASP D 59 37.20 14.46 -8.58
N TYR D 60 35.90 14.78 -8.41
CA TYR D 60 34.76 14.03 -9.01
C TYR D 60 33.71 15.01 -9.47
N ILE D 61 33.11 14.69 -10.60
CA ILE D 61 31.93 15.40 -11.17
C ILE D 61 30.91 14.31 -11.39
N VAL D 62 29.70 14.53 -10.86
CA VAL D 62 28.60 13.55 -11.05
C VAL D 62 27.49 14.24 -11.83
N LEU D 63 26.98 13.60 -12.89
CA LEU D 63 25.92 14.20 -13.74
C LEU D 63 24.60 13.42 -13.58
N THR D 64 23.52 14.12 -13.25
CA THR D 64 22.16 13.52 -13.12
C THR D 64 21.58 13.22 -14.51
N HIS D 65 21.92 14.02 -15.51
CA HIS D 65 21.40 13.93 -16.88
C HIS D 65 22.14 14.98 -17.73
N GLY D 66 21.90 14.93 -19.04
CA GLY D 66 22.81 15.57 -20.00
C GLY D 66 22.36 16.96 -20.40
N HIS D 67 21.20 17.43 -19.95
CA HIS D 67 20.70 18.77 -20.31
C HIS D 67 21.77 19.83 -20.03
N PHE D 68 21.82 20.84 -20.92
CA PHE D 68 22.82 21.94 -20.88
C PHE D 68 22.94 22.58 -19.48
N ASP D 69 21.84 22.71 -18.72
CA ASP D 69 21.83 23.40 -17.40
C ASP D 69 22.33 22.47 -16.28
N HIS D 70 22.87 21.31 -16.62
CA HIS D 70 23.43 20.31 -15.68
C HIS D 70 24.82 19.90 -16.20
N PHE D 71 24.90 19.51 -17.45
CA PHE D 71 26.17 19.13 -18.15
C PHE D 71 27.15 20.32 -18.02
N GLY D 72 26.65 21.53 -18.30
CA GLY D 72 27.38 22.78 -18.03
C GLY D 72 28.83 22.74 -18.50
N ASP D 73 29.75 23.00 -17.56
CA ASP D 73 31.20 23.16 -17.83
C ASP D 73 31.91 21.82 -17.67
N VAL D 74 31.19 20.70 -17.66
CA VAL D 74 31.84 19.42 -17.27
C VAL D 74 33.12 19.21 -18.06
N VAL D 75 33.13 19.47 -19.37
CA VAL D 75 34.30 19.05 -20.19
C VAL D 75 35.51 19.87 -19.79
N GLU D 76 35.37 21.19 -19.78
CA GLU D 76 36.50 22.09 -19.40
C GLU D 76 36.92 21.80 -17.96
N LEU D 77 35.97 21.59 -17.06
CA LEU D 77 36.30 21.39 -15.62
C LEU D 77 37.08 20.07 -15.47
N ALA D 78 36.61 19.00 -16.11
CA ALA D 78 37.26 17.67 -16.06
C ALA D 78 38.69 17.79 -16.61
N LYS D 79 38.85 18.50 -17.73
CA LYS D 79 40.18 18.49 -18.42
C LYS D 79 41.12 19.33 -17.55
N LYS D 80 40.65 20.42 -16.95
CA LYS D 80 41.50 21.32 -16.15
C LYS D 80 41.89 20.60 -14.85
N THR D 81 40.94 19.96 -14.16
CA THR D 81 41.21 19.41 -12.81
C THR D 81 41.71 17.98 -12.87
N GLY D 82 41.47 17.27 -13.97
CA GLY D 82 41.65 15.81 -14.02
C GLY D 82 40.60 15.02 -13.21
N ALA D 83 39.51 15.66 -12.85
CA ALA D 83 38.44 15.01 -12.05
C ALA D 83 37.86 13.82 -12.85
N THR D 84 37.39 12.80 -12.14
CA THR D 84 36.64 11.67 -12.73
C THR D 84 35.15 12.07 -12.87
N VAL D 85 34.57 11.84 -14.04
CA VAL D 85 33.14 12.15 -14.27
C VAL D 85 32.36 10.84 -14.14
N ILE D 86 31.39 10.85 -13.25
CA ILE D 86 30.50 9.72 -12.90
C ILE D 86 29.14 10.00 -13.54
N GLY D 87 28.64 9.09 -14.37
CA GLY D 87 27.32 9.26 -15.00
C GLY D 87 26.85 7.98 -15.66
N SER D 88 25.82 8.05 -16.48
CA SER D 88 25.28 6.86 -17.17
C SER D 88 26.38 6.29 -18.09
N ALA D 89 26.20 5.04 -18.53
CA ALA D 89 27.12 4.41 -19.50
C ALA D 89 27.23 5.33 -20.72
N GLU D 90 26.09 5.79 -21.23
CA GLU D 90 26.04 6.68 -22.44
C GLU D 90 26.80 7.97 -22.15
N MET D 91 26.65 8.52 -20.96
CA MET D 91 27.34 9.81 -20.64
C MET D 91 28.86 9.59 -20.63
N ALA D 92 29.34 8.48 -20.07
CA ALA D 92 30.78 8.17 -19.98
C ALA D 92 31.35 7.99 -21.40
N ASP D 93 30.66 7.24 -22.27
CA ASP D 93 31.10 7.01 -23.67
C ASP D 93 31.16 8.32 -24.43
N TYR D 94 30.15 9.15 -24.28
CA TYR D 94 30.06 10.48 -24.96
C TYR D 94 31.23 11.35 -24.48
N LEU D 95 31.41 11.47 -23.18
CA LEU D 95 32.48 12.36 -22.62
C LEU D 95 33.85 11.86 -23.12
N SER D 96 34.05 10.56 -23.12
CA SER D 96 35.34 9.93 -23.48
C SER D 96 35.56 10.06 -24.98
N SER D 97 34.64 9.53 -25.78
CA SER D 97 34.85 9.35 -27.22
C SER D 97 34.54 10.62 -27.98
N TYR D 98 33.57 11.41 -27.57
CA TYR D 98 33.24 12.65 -28.32
C TYR D 98 34.06 13.82 -27.81
N HIS D 99 34.22 13.97 -26.49
CA HIS D 99 34.91 15.14 -25.92
C HIS D 99 36.36 14.85 -25.50
N GLY D 100 36.81 13.58 -25.49
CA GLY D 100 38.19 13.23 -25.12
C GLY D 100 38.45 13.42 -23.64
N VAL D 101 37.41 13.29 -22.82
CA VAL D 101 37.64 13.31 -21.34
C VAL D 101 38.29 11.98 -20.97
N GLU D 102 39.41 12.07 -20.24
CA GLU D 102 40.31 10.94 -19.92
C GLU D 102 39.75 10.07 -18.79
N ASN D 103 39.00 10.65 -17.86
CA ASN D 103 38.70 10.03 -16.54
C ASN D 103 37.17 9.97 -16.37
N VAL D 104 36.60 8.83 -16.72
CA VAL D 104 35.13 8.62 -16.67
C VAL D 104 34.85 7.35 -15.90
N HIS D 105 33.72 7.33 -15.21
CA HIS D 105 33.18 6.07 -14.62
C HIS D 105 31.70 5.95 -14.98
N GLY D 106 31.37 5.00 -15.85
CA GLY D 106 29.99 4.70 -16.26
C GLY D 106 29.32 3.82 -15.23
N MET D 107 28.05 4.10 -15.07
CA MET D 107 27.14 3.42 -14.12
C MET D 107 25.74 3.42 -14.73
N ASN D 108 24.78 2.88 -14.01
CA ASN D 108 23.37 3.01 -14.46
C ASN D 108 22.48 2.91 -13.21
N ILE D 109 21.18 3.07 -13.45
CA ILE D 109 20.20 3.19 -12.35
C ILE D 109 20.25 1.96 -11.45
N GLY D 110 20.26 2.22 -10.14
CA GLY D 110 20.32 1.19 -9.10
C GLY D 110 21.73 0.81 -8.76
N GLY D 111 22.70 1.13 -9.62
CA GLY D 111 24.10 0.77 -9.41
C GLY D 111 24.68 1.65 -8.33
N LYS D 112 25.46 1.05 -7.44
CA LYS D 112 26.22 1.79 -6.42
C LYS D 112 27.71 1.56 -6.70
N ALA D 113 28.50 2.58 -6.52
CA ALA D 113 29.95 2.50 -6.56
C ALA D 113 30.55 3.12 -5.31
N ASN D 114 31.61 2.52 -4.83
CA ASN D 114 32.32 3.00 -3.63
C ASN D 114 33.64 3.62 -4.07
N PHE D 115 33.83 4.88 -3.71
CA PHE D 115 35.02 5.68 -4.04
C PHE D 115 35.68 6.08 -2.72
N ASP D 116 36.90 6.59 -2.84
CA ASP D 116 37.61 7.19 -1.69
C ASP D 116 36.73 8.23 -0.98
N PHE D 117 35.85 8.96 -1.66
CA PHE D 117 35.07 10.05 -1.01
C PHE D 117 33.90 9.48 -0.21
N GLY D 118 33.45 8.27 -0.55
CA GLY D 118 32.14 7.75 -0.13
C GLY D 118 31.50 7.02 -1.28
N SER D 119 30.20 6.78 -1.21
CA SER D 119 29.46 6.02 -2.24
C SER D 119 28.53 6.93 -3.03
N VAL D 120 28.34 6.50 -4.26
CA VAL D 120 27.36 7.13 -5.16
C VAL D 120 26.47 6.02 -5.71
N LYS D 121 25.17 6.22 -5.62
CA LYS D 121 24.18 5.29 -6.15
C LYS D 121 23.23 6.08 -7.04
N PHE D 122 23.04 5.65 -8.28
CA PHE D 122 22.05 6.33 -9.17
C PHE D 122 20.68 5.69 -8.97
N VAL D 123 19.66 6.52 -9.04
CA VAL D 123 18.25 6.06 -8.89
C VAL D 123 17.41 6.69 -9.98
N GLN D 124 16.20 6.19 -10.14
CA GLN D 124 15.30 6.62 -11.24
C GLN D 124 14.88 8.09 -11.07
N ALA D 125 14.46 8.65 -12.20
CA ALA D 125 13.86 9.98 -12.34
C ALA D 125 12.93 9.97 -13.55
N PHE D 126 12.08 10.97 -13.66
CA PHE D 126 11.14 11.09 -14.78
C PHE D 126 11.37 12.46 -15.39
N HIS D 127 11.98 12.49 -16.57
CA HIS D 127 12.52 13.73 -17.17
C HIS D 127 13.03 13.32 -18.55
N SER D 128 14.14 13.87 -19.03
CA SER D 128 14.80 13.39 -20.25
C SER D 128 16.29 13.64 -20.09
N SER D 129 17.11 13.11 -21.00
CA SER D 129 18.57 13.22 -20.86
C SER D 129 19.22 13.25 -22.23
N SER D 130 19.67 14.43 -22.62
CA SER D 130 20.26 14.64 -23.94
C SER D 130 21.04 15.93 -23.92
N PHE D 131 21.92 16.08 -24.90
CA PHE D 131 22.59 17.36 -25.22
C PHE D 131 22.32 17.64 -26.68
N THR D 132 21.83 18.82 -27.03
CA THR D 132 21.41 19.09 -28.42
C THR D 132 22.58 19.69 -29.22
N HIS D 133 22.98 19.04 -30.30
CA HIS D 133 24.09 19.50 -31.19
C HIS D 133 23.57 20.60 -32.11
N GLU D 134 24.49 21.33 -32.74
CA GLU D 134 24.16 22.59 -33.46
C GLU D 134 23.22 22.31 -34.65
N ASN D 135 23.16 21.08 -35.17
CA ASN D 135 22.17 20.69 -36.21
C ASN D 135 20.74 20.48 -35.65
N GLY D 136 20.55 20.63 -34.34
CA GLY D 136 19.21 20.58 -33.71
C GLY D 136 18.79 19.16 -33.35
N ILE D 137 19.72 18.20 -33.37
CA ILE D 137 19.41 16.77 -33.09
C ILE D 137 19.92 16.47 -31.69
N PRO D 138 19.02 16.09 -30.76
CA PRO D 138 19.46 15.70 -29.42
C PRO D 138 20.35 14.45 -29.47
N VAL D 139 21.42 14.47 -28.68
CA VAL D 139 22.28 13.27 -28.42
C VAL D 139 21.73 12.64 -27.13
N TYR D 140 21.24 11.40 -27.26
CA TYR D 140 20.69 10.61 -26.11
C TYR D 140 21.80 10.26 -25.14
N LEU D 141 21.58 10.54 -23.85
CA LEU D 141 22.60 10.30 -22.81
C LEU D 141 22.05 9.41 -21.68
N GLY D 142 21.05 8.59 -21.98
CA GLY D 142 20.55 7.61 -21.00
C GLY D 142 19.21 8.01 -20.43
N MET D 143 18.74 7.28 -19.43
CA MET D 143 17.59 7.73 -18.64
C MET D 143 18.09 8.79 -17.66
N PRO D 144 17.25 9.80 -17.36
CA PRO D 144 17.57 10.77 -16.34
C PRO D 144 17.61 10.06 -14.97
N MET D 145 18.37 10.60 -14.04
CA MET D 145 18.63 9.93 -12.75
C MET D 145 18.63 10.94 -11.61
N GLY D 146 18.41 10.42 -10.40
CA GLY D 146 18.74 11.06 -9.13
C GLY D 146 19.98 10.39 -8.56
N ILE D 147 20.51 10.94 -7.49
CA ILE D 147 21.71 10.40 -6.82
C ILE D 147 21.38 10.21 -5.35
N VAL D 148 21.84 9.08 -4.84
CA VAL D 148 21.97 8.88 -3.39
C VAL D 148 23.44 8.80 -3.05
N PHE D 149 23.94 9.80 -2.31
CA PHE D 149 25.31 9.71 -1.76
C PHE D 149 25.30 9.16 -0.35
N GLU D 150 26.35 8.42 0.03
CA GLU D 150 26.65 8.16 1.46
C GLU D 150 28.06 8.75 1.70
N VAL D 151 28.12 9.89 2.38
CA VAL D 151 29.39 10.64 2.55
C VAL D 151 29.51 11.05 4.01
N GLU D 152 30.60 10.63 4.69
CA GLU D 152 30.88 11.00 6.12
C GLU D 152 29.66 10.78 6.99
N GLY D 153 29.03 9.64 6.80
CA GLY D 153 27.90 9.18 7.63
C GLY D 153 26.60 9.89 7.30
N LYS D 154 26.53 10.70 6.24
CA LYS D 154 25.30 11.38 5.82
C LYS D 154 24.78 10.75 4.52
N THR D 155 23.48 10.57 4.45
CA THR D 155 22.82 10.10 3.21
C THR D 155 22.18 11.32 2.55
N ILE D 156 22.62 11.64 1.33
CA ILE D 156 22.15 12.81 0.56
C ILE D 156 21.41 12.28 -0.68
N TYR D 157 20.15 12.67 -0.84
CA TYR D 157 19.32 12.33 -2.03
C TYR D 157 19.12 13.61 -2.82
N HIS D 158 19.82 13.70 -3.94
CA HIS D 158 19.58 14.72 -5.00
C HIS D 158 18.63 14.10 -6.00
N THR D 159 17.36 14.54 -6.06
CA THR D 159 16.33 13.84 -6.88
C THR D 159 16.65 13.94 -8.38
N GLY D 160 17.57 14.79 -8.78
CA GLY D 160 17.72 15.11 -10.21
C GLY D 160 16.60 16.02 -10.68
N ASP D 161 16.55 16.34 -11.96
CA ASP D 161 15.32 16.92 -12.54
C ASP D 161 14.33 15.76 -12.65
N THR D 162 13.13 15.92 -12.13
CA THR D 162 12.16 14.79 -12.06
C THR D 162 10.78 15.35 -11.80
N GLY D 163 9.80 14.67 -12.33
CA GLY D 163 8.43 14.66 -11.84
C GLY D 163 8.27 13.82 -10.58
N LEU D 164 7.11 13.96 -9.95
CA LEU D 164 6.74 13.21 -8.72
C LEU D 164 6.58 11.73 -9.09
N PHE D 165 7.10 10.84 -8.25
CA PHE D 165 6.84 9.39 -8.41
C PHE D 165 6.88 8.67 -7.07
N SER D 166 5.99 7.69 -6.90
CA SER D 166 5.81 6.97 -5.62
C SER D 166 7.09 6.23 -5.19
N ASP D 167 7.97 5.88 -6.11
CA ASP D 167 9.20 5.15 -5.69
C ASP D 167 10.20 6.10 -5.04
N MET D 168 9.92 7.40 -5.00
CA MET D 168 10.65 8.27 -4.08
C MET D 168 10.58 7.71 -2.66
N SER D 169 9.45 7.11 -2.26
CA SER D 169 9.28 6.52 -0.93
C SER D 169 10.15 5.27 -0.77
N LEU D 170 10.29 4.51 -1.85
CA LEU D 170 11.10 3.27 -1.81
C LEU D 170 12.59 3.65 -1.65
N ILE D 171 13.04 4.63 -2.43
CA ILE D 171 14.41 5.14 -2.35
C ILE D 171 14.65 5.58 -0.91
N ALA D 172 13.78 6.39 -0.34
CA ALA D 172 13.97 6.94 1.03
C ALA D 172 13.86 5.86 2.13
N LYS D 173 12.98 4.88 1.99
CA LYS D 173 12.75 3.81 3.00
C LYS D 173 13.99 2.92 3.00
N ARG D 174 14.60 2.69 1.84
CA ARG D 174 15.78 1.76 1.71
C ARG D 174 17.04 2.52 2.13
N HIS D 175 17.05 3.85 1.95
CA HIS D 175 18.23 4.72 2.20
C HIS D 175 17.79 5.96 2.96
N PRO D 176 17.44 5.86 4.27
CA PRO D 176 16.90 7.01 4.99
C PRO D 176 17.77 8.24 4.78
N VAL D 177 17.10 9.36 4.57
CA VAL D 177 17.75 10.56 3.96
C VAL D 177 18.06 11.62 5.03
N ASP D 178 19.30 12.05 5.06
CA ASP D 178 19.69 13.23 5.88
C ASP D 178 19.32 14.51 5.15
N VAL D 179 19.76 14.70 3.91
CA VAL D 179 19.48 15.93 3.13
C VAL D 179 18.86 15.52 1.79
N CYS D 180 17.74 16.13 1.44
CA CYS D 180 17.17 15.99 0.07
C CYS D 180 17.26 17.34 -0.66
N PHE D 181 17.82 17.33 -1.87
CA PHE D 181 17.78 18.44 -2.83
C PHE D 181 16.68 18.15 -3.86
N VAL D 182 15.66 19.00 -3.91
CA VAL D 182 14.42 18.71 -4.66
C VAL D 182 14.07 19.92 -5.51
N PRO D 183 13.82 19.72 -6.82
CA PRO D 183 13.53 20.82 -7.73
C PRO D 183 12.13 21.34 -7.44
N ILE D 184 11.97 22.69 -7.52
CA ILE D 184 10.64 23.34 -7.31
C ILE D 184 10.31 24.28 -8.47
N GLY D 185 11.12 24.36 -9.53
CA GLY D 185 10.98 25.40 -10.55
C GLY D 185 9.72 25.28 -11.38
N ASP D 186 9.13 24.09 -11.48
CA ASP D 186 7.96 23.84 -12.36
C ASP D 186 8.35 23.98 -13.84
N ASN D 187 7.38 23.76 -14.74
CA ASN D 187 7.50 23.74 -16.20
C ASN D 187 8.31 22.51 -16.65
N PHE D 188 9.54 22.35 -16.16
CA PHE D 188 10.48 21.27 -16.57
C PHE D 188 10.64 20.19 -15.50
N THR D 189 10.09 20.41 -14.32
CA THR D 189 10.21 19.54 -13.14
C THR D 189 8.95 19.73 -12.31
N MET D 190 8.88 19.00 -11.22
CA MET D 190 8.00 19.38 -10.09
C MET D 190 8.09 20.88 -9.81
N GLY D 191 6.91 21.42 -9.54
CA GLY D 191 6.74 22.72 -8.89
C GLY D 191 6.59 22.62 -7.38
N ILE D 192 6.10 23.68 -6.79
CA ILE D 192 6.02 23.86 -5.31
C ILE D 192 5.16 22.74 -4.70
N ASP D 193 3.97 22.53 -5.24
CA ASP D 193 2.96 21.59 -4.73
C ASP D 193 3.55 20.18 -4.76
N ASP D 194 4.02 19.73 -5.92
CA ASP D 194 4.51 18.32 -6.05
C ASP D 194 5.79 18.13 -5.21
N ALA D 195 6.72 19.07 -5.20
CA ALA D 195 7.99 18.93 -4.45
C ALA D 195 7.69 18.83 -2.96
N SER D 196 6.78 19.69 -2.41
CA SER D 196 6.40 19.60 -0.99
C SER D 196 5.71 18.27 -0.70
N TYR D 197 4.84 17.79 -1.58
CA TYR D 197 4.22 16.48 -1.40
C TYR D 197 5.29 15.38 -1.41
N ALA D 198 6.25 15.44 -2.34
CA ALA D 198 7.33 14.43 -2.39
C ALA D 198 8.00 14.38 -1.01
N ILE D 199 8.31 15.53 -0.43
CA ILE D 199 9.00 15.58 0.88
C ILE D 199 8.05 15.11 2.00
N ASN D 200 6.81 15.59 2.05
CA ASN D 200 5.88 15.24 3.17
C ASN D 200 5.48 13.76 3.12
N GLU D 201 5.14 13.25 1.95
CA GLU D 201 4.47 11.93 1.81
C GLU D 201 5.53 10.84 1.61
N PHE D 202 6.53 11.09 0.76
CA PHE D 202 7.45 10.02 0.29
C PHE D 202 8.84 10.05 0.93
N ILE D 203 9.54 11.20 0.97
CA ILE D 203 11.00 11.24 1.26
C ILE D 203 11.28 11.43 2.76
N LYS D 204 10.60 12.35 3.42
CA LYS D 204 10.70 12.62 4.88
C LYS D 204 12.15 12.68 5.32
N PRO D 205 12.94 13.60 4.74
CA PRO D 205 14.34 13.71 5.12
C PRO D 205 14.48 14.52 6.40
N LYS D 206 15.66 14.50 7.00
CA LYS D 206 15.94 15.37 8.15
C LYS D 206 15.97 16.81 7.66
N ILE D 207 16.53 17.06 6.48
CA ILE D 207 16.68 18.42 5.90
C ILE D 207 16.32 18.40 4.41
N SER D 208 15.52 19.36 3.99
CA SER D 208 15.11 19.59 2.58
C SER D 208 15.73 20.91 2.13
N VAL D 209 16.23 20.93 0.91
CA VAL D 209 16.74 22.15 0.23
C VAL D 209 16.08 22.23 -1.15
N PRO D 210 15.32 23.29 -1.47
CA PRO D 210 14.75 23.42 -2.79
C PRO D 210 15.84 23.87 -3.77
N ILE D 211 15.78 23.35 -4.98
CA ILE D 211 16.75 23.67 -6.06
C ILE D 211 16.02 23.96 -7.36
N HIS D 212 16.76 24.37 -8.38
CA HIS D 212 16.26 24.40 -9.77
C HIS D 212 15.10 25.40 -9.87
N TYR D 213 15.29 26.59 -9.26
CA TYR D 213 14.36 27.71 -9.49
C TYR D 213 15.16 29.00 -9.76
N ASP D 214 14.47 30.00 -10.29
CA ASP D 214 14.99 31.40 -10.52
C ASP D 214 16.07 31.49 -11.60
N THR D 215 16.72 30.40 -11.99
CA THR D 215 17.84 30.50 -12.97
C THR D 215 17.35 31.12 -14.28
N PHE D 216 16.14 30.82 -14.71
CA PHE D 216 15.52 31.36 -15.94
C PHE D 216 14.15 31.89 -15.55
N PRO D 217 13.58 32.89 -16.26
CA PRO D 217 12.25 33.39 -15.91
C PRO D 217 11.14 32.32 -15.74
N LEU D 218 11.13 31.33 -16.60
CA LEU D 218 10.08 30.28 -16.68
C LEU D 218 10.06 29.49 -15.36
N ILE D 219 11.17 29.42 -14.63
CA ILE D 219 11.25 28.64 -13.35
C ILE D 219 11.46 29.54 -12.15
N GLU D 220 11.09 30.83 -12.21
CA GLU D 220 11.11 31.70 -11.02
C GLU D 220 10.05 31.19 -10.06
N GLN D 221 10.44 31.01 -8.82
CA GLN D 221 9.46 30.59 -7.77
C GLN D 221 9.90 31.26 -6.48
N ASP D 222 8.98 31.35 -5.54
CA ASP D 222 9.34 31.79 -4.17
C ASP D 222 9.58 30.51 -3.35
N PRO D 223 10.83 30.20 -2.97
CA PRO D 223 11.08 28.99 -2.19
C PRO D 223 10.41 29.04 -0.80
N GLN D 224 10.05 30.22 -0.29
CA GLN D 224 9.31 30.27 1.00
C GLN D 224 7.96 29.55 0.87
N GLN D 225 7.33 29.50 -0.30
CA GLN D 225 6.07 28.75 -0.48
C GLN D 225 6.35 27.25 -0.31
N PHE D 226 7.52 26.79 -0.76
CA PHE D 226 7.91 25.37 -0.57
C PHE D 226 8.09 25.12 0.93
N LYS D 227 8.82 26.00 1.61
CA LYS D 227 9.10 25.81 3.04
C LYS D 227 7.78 25.80 3.82
N ASP D 228 6.86 26.70 3.45
CA ASP D 228 5.57 26.86 4.13
C ASP D 228 4.77 25.56 4.03
N ALA D 229 4.95 24.80 2.94
CA ALA D 229 4.13 23.62 2.60
C ALA D 229 4.80 22.35 3.17
N VAL D 230 6.06 22.41 3.59
CA VAL D 230 6.78 21.22 4.14
C VAL D 230 6.51 21.15 5.65
N ASN D 231 6.06 19.99 6.12
CA ASN D 231 5.65 19.75 7.53
C ASN D 231 6.64 18.84 8.26
N VAL D 232 7.64 18.30 7.56
CA VAL D 232 8.56 17.29 8.10
C VAL D 232 10.00 17.81 8.06
N GLY D 233 10.76 17.50 9.09
CA GLY D 233 12.18 17.87 9.23
C GLY D 233 12.40 19.37 9.17
N ASP D 234 13.55 19.77 8.65
CA ASP D 234 13.99 21.20 8.58
C ASP D 234 14.09 21.53 7.08
N VAL D 235 13.72 22.73 6.70
CA VAL D 235 13.89 23.25 5.33
C VAL D 235 14.96 24.33 5.40
N GLN D 236 16.04 24.18 4.63
CA GLN D 236 17.04 25.25 4.49
C GLN D 236 17.00 25.79 3.06
N ILE D 237 16.47 27.00 2.88
CA ILE D 237 16.50 27.71 1.58
C ILE D 237 17.91 28.25 1.41
N LEU D 238 18.79 27.50 0.75
CA LEU D 238 20.19 27.98 0.53
C LEU D 238 20.24 28.89 -0.69
N LYS D 239 20.91 30.01 -0.54
CA LYS D 239 21.33 30.81 -1.70
C LYS D 239 22.61 30.21 -2.25
N PRO D 240 22.94 30.47 -3.53
CA PRO D 240 24.21 29.95 -4.07
C PRO D 240 25.40 30.39 -3.21
N GLY D 241 26.21 29.40 -2.80
CA GLY D 241 27.42 29.56 -1.98
C GLY D 241 27.19 29.18 -0.53
N GLU D 242 25.94 28.97 -0.12
CA GLU D 242 25.59 28.63 1.27
C GLU D 242 25.67 27.11 1.48
N SER D 243 26.07 26.72 2.69
CA SER D 243 26.27 25.32 3.13
C SER D 243 25.11 24.85 3.99
N VAL D 244 24.82 23.57 3.90
CA VAL D 244 23.84 22.93 4.82
C VAL D 244 24.37 22.98 6.25
N GLN D 245 23.52 23.40 7.17
CA GLN D 245 23.87 23.45 8.60
C GLN D 245 23.32 22.18 9.22
N PHE D 246 24.18 21.29 9.66
CA PHE D 246 23.78 20.10 10.45
C PHE D 246 23.78 20.55 11.91
N HIS E 16 9.52 -35.48 -18.55
CA HIS E 16 9.67 -34.33 -19.47
C HIS E 16 9.60 -33.02 -18.68
N MET E 17 10.33 -31.99 -19.13
CA MET E 17 10.18 -30.64 -18.52
C MET E 17 10.53 -29.55 -19.51
N MET E 18 9.91 -28.40 -19.33
CA MET E 18 10.14 -27.19 -20.15
C MET E 18 11.65 -26.86 -20.17
N LYS E 19 12.18 -26.57 -21.38
CA LYS E 19 13.61 -26.28 -21.62
C LYS E 19 13.90 -24.79 -21.45
N LEU E 20 14.73 -24.45 -20.48
CA LEU E 20 15.12 -23.05 -20.14
C LEU E 20 16.54 -23.07 -19.59
N SER E 21 17.46 -22.39 -20.24
CA SER E 21 18.87 -22.37 -19.83
C SER E 21 19.49 -20.96 -19.84
N PHE E 22 20.57 -20.83 -19.09
CA PHE E 22 21.33 -19.59 -18.89
C PHE E 22 22.68 -19.75 -19.58
N HIS E 23 23.17 -18.68 -20.18
CA HIS E 23 24.40 -18.74 -21.03
C HIS E 23 25.36 -17.61 -20.72
N GLY E 24 25.25 -16.97 -19.57
CA GLY E 24 26.17 -15.86 -19.23
C GLY E 24 25.57 -14.50 -19.51
N GLN E 25 26.03 -13.50 -18.78
CA GLN E 25 25.50 -12.12 -18.75
C GLN E 25 23.97 -12.22 -18.61
N SER E 26 23.18 -11.75 -19.56
CA SER E 26 21.70 -11.80 -19.43
C SER E 26 21.12 -12.75 -20.47
N THR E 27 21.95 -13.62 -21.04
CA THR E 27 21.53 -14.50 -22.16
C THR E 27 20.74 -15.70 -21.62
N ILE E 28 19.51 -15.85 -22.03
CA ILE E 28 18.72 -17.08 -21.73
C ILE E 28 18.22 -17.65 -23.04
N TYR E 29 17.96 -18.95 -23.00
CA TYR E 29 17.52 -19.77 -24.13
C TYR E 29 16.32 -20.60 -23.70
N LEU E 30 15.30 -20.65 -24.53
CA LEU E 30 14.16 -21.54 -24.19
C LEU E 30 13.57 -22.08 -25.48
N GLU E 31 12.76 -23.11 -25.29
CA GLU E 31 11.97 -23.77 -26.36
C GLU E 31 10.51 -23.81 -25.96
N GLY E 32 9.66 -23.46 -26.92
CA GLY E 32 8.20 -23.63 -26.83
C GLY E 32 7.65 -24.15 -28.14
N ASN E 33 6.86 -25.22 -28.07
CA ASN E 33 6.22 -25.85 -29.26
C ASN E 33 7.28 -26.02 -30.36
N ASN E 34 8.45 -26.54 -29.98
CA ASN E 34 9.56 -26.90 -30.89
C ASN E 34 10.17 -25.67 -31.57
N LYS E 35 9.93 -24.48 -31.00
CA LYS E 35 10.56 -23.23 -31.47
C LYS E 35 11.59 -22.78 -30.44
N LYS E 36 12.67 -22.18 -30.92
CA LYS E 36 13.87 -21.92 -30.12
C LYS E 36 14.01 -20.40 -29.99
N VAL E 37 14.19 -19.92 -28.77
CA VAL E 37 14.11 -18.46 -28.47
C VAL E 37 15.35 -18.12 -27.67
N ILE E 38 16.09 -17.09 -28.09
CA ILE E 38 17.22 -16.61 -27.27
C ILE E 38 16.98 -15.14 -26.92
N VAL E 39 17.44 -14.76 -25.74
CA VAL E 39 17.36 -13.36 -25.23
C VAL E 39 18.77 -12.79 -25.11
N ASP E 40 18.97 -11.55 -25.56
CA ASP E 40 20.22 -10.77 -25.32
C ASP E 40 21.47 -11.61 -25.66
N PRO E 41 21.63 -12.02 -26.94
CA PRO E 41 22.70 -12.95 -27.37
C PRO E 41 24.11 -12.35 -27.51
N PHE E 42 24.72 -12.13 -26.36
CA PHE E 42 26.12 -11.67 -26.20
C PHE E 42 27.03 -12.90 -26.12
N ILE E 43 27.35 -13.46 -27.30
CA ILE E 43 27.97 -14.81 -27.40
C ILE E 43 29.45 -14.67 -27.79
N SER E 44 29.74 -14.12 -28.97
CA SER E 44 31.13 -14.18 -29.49
C SER E 44 32.07 -13.30 -28.65
N ASN E 45 31.58 -12.25 -28.00
CA ASN E 45 32.46 -11.31 -27.26
C ASN E 45 32.34 -11.53 -25.73
N ASN E 46 31.61 -12.56 -25.30
CA ASN E 46 31.64 -13.01 -23.90
C ASN E 46 32.42 -14.33 -23.81
N PRO E 47 33.71 -14.35 -23.40
CA PRO E 47 34.47 -15.61 -23.27
C PRO E 47 33.88 -16.62 -22.28
N LYS E 48 33.01 -16.18 -21.37
CA LYS E 48 32.32 -17.08 -20.39
C LYS E 48 31.03 -17.66 -20.97
N CYS E 49 30.54 -17.13 -22.10
CA CYS E 49 29.37 -17.72 -22.81
C CYS E 49 29.79 -19.06 -23.43
N ASP E 50 29.00 -20.13 -23.24
CA ASP E 50 29.31 -21.50 -23.72
C ASP E 50 28.80 -21.68 -25.15
N LEU E 51 28.01 -20.74 -25.66
CA LEU E 51 27.44 -20.85 -27.02
C LEU E 51 28.49 -20.40 -28.05
N ASN E 52 28.22 -20.76 -29.31
CA ASN E 52 28.99 -20.43 -30.54
C ASN E 52 28.00 -19.90 -31.59
N ILE E 53 28.22 -18.69 -32.11
CA ILE E 53 27.29 -18.05 -33.09
C ILE E 53 27.17 -18.92 -34.35
N GLU E 54 28.20 -19.73 -34.66
CA GLU E 54 28.21 -20.59 -35.89
C GLU E 54 27.26 -21.78 -35.70
N THR E 55 26.97 -22.22 -34.47
CA THR E 55 26.20 -23.47 -34.24
C THR E 55 24.85 -23.23 -33.54
N VAL E 56 24.68 -22.10 -32.85
CA VAL E 56 23.40 -21.72 -32.18
C VAL E 56 22.25 -21.86 -33.16
N GLN E 57 21.20 -22.60 -32.80
CA GLN E 57 19.94 -22.66 -33.59
C GLN E 57 18.85 -21.82 -32.92
N VAL E 58 18.26 -20.88 -33.64
CA VAL E 58 17.16 -20.06 -33.07
C VAL E 58 16.14 -19.70 -34.14
N ASP E 59 14.89 -19.63 -33.69
CA ASP E 59 13.74 -19.14 -34.46
C ASP E 59 13.48 -17.67 -34.12
N TYR E 60 13.80 -17.25 -32.89
CA TYR E 60 13.46 -15.90 -32.37
C TYR E 60 14.62 -15.37 -31.53
N ILE E 61 14.91 -14.10 -31.65
CA ILE E 61 15.84 -13.38 -30.73
C ILE E 61 15.03 -12.28 -30.06
N VAL E 62 15.11 -12.15 -28.74
CA VAL E 62 14.35 -11.07 -28.04
C VAL E 62 15.37 -10.19 -27.34
N LEU E 63 15.22 -8.87 -27.47
CA LEU E 63 16.22 -7.95 -26.93
C LEU E 63 15.56 -7.11 -25.84
N THR E 64 16.12 -7.12 -24.62
CA THR E 64 15.61 -6.24 -23.54
C THR E 64 15.98 -4.79 -23.78
N HIS E 65 17.15 -4.56 -24.36
CA HIS E 65 17.69 -3.20 -24.61
C HIS E 65 18.90 -3.31 -25.52
N GLY E 66 19.42 -2.16 -25.92
CA GLY E 66 20.39 -2.04 -27.02
C GLY E 66 21.85 -2.15 -26.67
N HIS E 67 22.22 -2.11 -25.41
CA HIS E 67 23.65 -2.08 -25.00
C HIS E 67 24.44 -3.26 -25.59
N PHE E 68 25.73 -3.02 -25.86
CA PHE E 68 26.64 -3.99 -26.53
C PHE E 68 26.53 -5.38 -25.90
N ASP E 69 26.38 -5.48 -24.56
CA ASP E 69 26.40 -6.78 -23.82
C ASP E 69 25.04 -7.48 -23.87
N HIS E 70 24.08 -6.99 -24.66
CA HIS E 70 22.74 -7.60 -24.89
C HIS E 70 22.48 -7.74 -26.38
N PHE E 71 22.67 -6.65 -27.10
CA PHE E 71 22.58 -6.58 -28.58
C PHE E 71 23.48 -7.66 -29.17
N GLY E 72 24.73 -7.68 -28.71
CA GLY E 72 25.71 -8.73 -29.03
C GLY E 72 25.75 -9.04 -30.52
N ASP E 73 25.48 -10.30 -30.86
CA ASP E 73 25.68 -10.87 -32.20
C ASP E 73 24.35 -10.82 -32.97
N VAL E 74 23.38 -10.00 -32.55
CA VAL E 74 21.99 -10.14 -33.06
C VAL E 74 22.01 -10.06 -34.60
N VAL E 75 22.80 -9.16 -35.19
CA VAL E 75 22.72 -8.96 -36.67
C VAL E 75 23.23 -10.24 -37.37
N GLU E 76 24.43 -10.71 -37.05
CA GLU E 76 25.04 -11.91 -37.66
C GLU E 76 24.18 -13.15 -37.37
N LEU E 77 23.64 -13.28 -36.17
CA LEU E 77 22.82 -14.44 -35.81
C LEU E 77 21.51 -14.39 -36.58
N ALA E 78 20.82 -13.25 -36.64
CA ALA E 78 19.55 -13.13 -37.38
C ALA E 78 19.79 -13.49 -38.86
N LYS E 79 20.90 -13.04 -39.44
CA LYS E 79 21.18 -13.25 -40.90
C LYS E 79 21.53 -14.72 -41.14
N LYS E 80 22.33 -15.34 -40.29
CA LYS E 80 22.67 -16.78 -40.40
C LYS E 80 21.41 -17.65 -40.22
N THR E 81 20.56 -17.40 -39.22
CA THR E 81 19.46 -18.32 -38.86
C THR E 81 18.14 -17.98 -39.54
N GLY E 82 17.94 -16.73 -40.00
CA GLY E 82 16.62 -16.24 -40.44
C GLY E 82 15.64 -16.01 -39.28
N ALA E 83 16.14 -15.96 -38.05
CA ALA E 83 15.27 -15.72 -36.85
C ALA E 83 14.62 -14.34 -36.94
N THR E 84 13.44 -14.22 -36.34
CA THR E 84 12.69 -12.96 -36.13
C THR E 84 13.26 -12.31 -34.86
N VAL E 85 13.61 -11.05 -34.96
CA VAL E 85 14.12 -10.28 -33.79
C VAL E 85 12.93 -9.48 -33.24
N ILE E 86 12.66 -9.68 -31.97
CA ILE E 86 11.51 -9.04 -31.26
C ILE E 86 12.11 -8.03 -30.31
N GLY E 87 11.62 -6.80 -30.36
CA GLY E 87 12.20 -5.68 -29.61
C GLY E 87 11.32 -4.46 -29.66
N SER E 88 11.86 -3.36 -29.16
CA SER E 88 11.14 -2.08 -29.19
C SER E 88 10.92 -1.68 -30.66
N ALA E 89 10.02 -0.76 -30.88
CA ALA E 89 9.78 -0.20 -32.22
C ALA E 89 11.10 0.35 -32.79
N GLU E 90 11.85 1.06 -31.96
CA GLU E 90 13.10 1.71 -32.39
C GLU E 90 14.07 0.57 -32.81
N MET E 91 14.15 -0.47 -32.00
CA MET E 91 15.07 -1.58 -32.24
C MET E 91 14.70 -2.25 -33.57
N ALA E 92 13.42 -2.52 -33.80
CA ALA E 92 12.94 -3.12 -35.08
C ALA E 92 13.34 -2.23 -36.26
N ASP E 93 13.07 -0.92 -36.20
CA ASP E 93 13.39 0.09 -37.26
C ASP E 93 14.91 0.12 -37.52
N TYR E 94 15.70 0.21 -36.47
CA TYR E 94 17.18 0.20 -36.54
C TYR E 94 17.66 -1.09 -37.20
N LEU E 95 17.24 -2.24 -36.70
CA LEU E 95 17.71 -3.56 -37.21
C LEU E 95 17.30 -3.72 -38.68
N SER E 96 16.10 -3.30 -39.04
CA SER E 96 15.54 -3.46 -40.41
C SER E 96 16.22 -2.49 -41.37
N SER E 97 16.19 -1.19 -41.05
CA SER E 97 16.54 -0.11 -42.00
C SER E 97 18.04 0.16 -42.00
N TYR E 98 18.72 0.01 -40.87
CA TYR E 98 20.17 0.33 -40.79
C TYR E 98 21.00 -0.94 -40.98
N HIS E 99 20.56 -2.07 -40.42
CA HIS E 99 21.34 -3.34 -40.47
C HIS E 99 20.80 -4.28 -41.53
N GLY E 100 19.65 -4.00 -42.15
CA GLY E 100 19.09 -4.88 -43.20
C GLY E 100 18.68 -6.26 -42.69
N VAL E 101 18.29 -6.37 -41.43
CA VAL E 101 17.67 -7.61 -40.88
C VAL E 101 16.27 -7.77 -41.50
N GLU E 102 16.01 -8.94 -42.08
CA GLU E 102 14.80 -9.30 -42.86
C GLU E 102 13.58 -9.40 -41.91
N ASN E 103 13.73 -10.07 -40.78
CA ASN E 103 12.60 -10.57 -39.95
C ASN E 103 12.61 -9.88 -38.58
N VAL E 104 11.80 -8.83 -38.44
CA VAL E 104 11.72 -8.08 -37.15
C VAL E 104 10.26 -7.99 -36.73
N HIS E 105 10.01 -7.94 -35.43
CA HIS E 105 8.69 -7.61 -34.87
C HIS E 105 8.83 -6.54 -33.78
N GLY E 106 8.40 -5.32 -34.05
CA GLY E 106 8.45 -4.16 -33.17
C GLY E 106 7.31 -4.27 -32.17
N MET E 107 7.56 -3.87 -30.93
CA MET E 107 6.54 -3.89 -29.86
C MET E 107 6.89 -2.74 -28.93
N ASN E 108 6.20 -2.62 -27.80
CA ASN E 108 6.64 -1.63 -26.79
C ASN E 108 6.09 -2.05 -25.42
N ILE E 109 6.45 -1.28 -24.41
CA ILE E 109 6.21 -1.70 -23.00
C ILE E 109 4.72 -1.94 -22.82
N GLY E 110 4.39 -3.02 -22.12
CA GLY E 110 2.98 -3.40 -21.87
C GLY E 110 2.37 -4.21 -22.98
N GLY E 111 2.96 -4.20 -24.17
CA GLY E 111 2.47 -4.94 -25.32
C GLY E 111 2.72 -6.39 -25.15
N LYS E 112 1.74 -7.21 -25.50
CA LYS E 112 1.91 -8.68 -25.59
C LYS E 112 1.71 -9.14 -27.03
N ALA E 113 2.54 -10.09 -27.46
CA ALA E 113 2.38 -10.73 -28.78
C ALA E 113 2.33 -12.24 -28.60
N ASN E 114 1.48 -12.89 -29.38
CA ASN E 114 1.30 -14.35 -29.30
C ASN E 114 1.93 -14.94 -30.56
N PHE E 115 2.94 -15.78 -30.35
CA PHE E 115 3.74 -16.45 -31.40
C PHE E 115 3.47 -17.96 -31.32
N ASP E 116 3.94 -18.71 -32.32
CA ASP E 116 3.93 -20.18 -32.30
C ASP E 116 4.63 -20.72 -31.04
N PHE E 117 5.68 -20.08 -30.51
CA PHE E 117 6.44 -20.61 -29.35
C PHE E 117 5.69 -20.36 -28.03
N GLY E 118 4.75 -19.42 -28.00
CA GLY E 118 4.16 -18.90 -26.75
C GLY E 118 4.08 -17.38 -26.85
N SER E 119 3.93 -16.68 -25.73
CA SER E 119 3.72 -15.22 -25.71
C SER E 119 4.95 -14.50 -25.14
N VAL E 120 5.12 -13.29 -25.62
CA VAL E 120 6.11 -12.33 -25.10
C VAL E 120 5.36 -11.03 -24.77
N LYS E 121 5.65 -10.51 -23.58
CA LYS E 121 5.13 -9.22 -23.12
C LYS E 121 6.31 -8.42 -22.59
N PHE E 122 6.50 -7.21 -23.13
CA PHE E 122 7.53 -6.29 -22.60
C PHE E 122 6.95 -5.56 -21.38
N VAL E 123 7.80 -5.37 -20.40
CA VAL E 123 7.48 -4.60 -19.19
C VAL E 123 8.57 -3.55 -18.96
N GLN E 124 8.30 -2.64 -18.05
CA GLN E 124 9.22 -1.49 -17.79
C GLN E 124 10.50 -1.99 -17.12
N ALA E 125 11.51 -1.14 -17.22
CA ALA E 125 12.82 -1.29 -16.59
C ALA E 125 13.41 0.09 -16.41
N PHE E 126 14.35 0.23 -15.50
CA PHE E 126 15.06 1.52 -15.28
C PHE E 126 16.54 1.30 -15.53
N HIS E 127 17.06 1.87 -16.64
CA HIS E 127 18.42 1.59 -17.14
C HIS E 127 18.60 2.58 -18.30
N SER E 128 19.19 2.16 -19.38
CA SER E 128 19.22 2.97 -20.63
C SER E 128 19.20 1.99 -21.80
N SER E 129 18.98 2.49 -23.00
CA SER E 129 18.96 1.60 -24.17
C SER E 129 19.50 2.32 -25.40
N SER E 130 20.65 1.85 -25.86
CA SER E 130 21.33 2.47 -27.01
C SER E 130 22.44 1.54 -27.48
N PHE E 131 22.93 1.76 -28.69
CA PHE E 131 24.17 1.13 -29.18
C PHE E 131 25.06 2.30 -29.62
N THR E 132 26.30 2.36 -29.14
CA THR E 132 27.19 3.52 -29.43
C THR E 132 28.03 3.21 -30.67
N HIS E 133 27.92 4.07 -31.69
CA HIS E 133 28.85 4.13 -32.85
C HIS E 133 30.14 4.82 -32.36
N GLU E 134 31.29 4.59 -33.00
CA GLU E 134 32.67 4.83 -32.45
C GLU E 134 32.93 6.28 -31.99
N ASN E 135 32.14 7.23 -32.50
CA ASN E 135 32.18 8.70 -32.23
C ASN E 135 31.69 9.08 -30.81
N GLY E 136 31.24 8.13 -29.98
CA GLY E 136 30.60 8.43 -28.68
C GLY E 136 29.15 8.90 -28.81
N ILE E 137 28.56 8.81 -29.99
CA ILE E 137 27.15 9.24 -30.19
C ILE E 137 26.27 8.00 -30.14
N PRO E 138 25.49 7.79 -29.06
CA PRO E 138 24.60 6.64 -28.97
C PRO E 138 23.47 6.69 -30.04
N VAL E 139 23.06 5.54 -30.50
CA VAL E 139 21.75 5.37 -31.21
C VAL E 139 20.72 4.93 -30.19
N TYR E 140 19.76 5.79 -29.96
CA TYR E 140 18.66 5.56 -29.01
C TYR E 140 17.81 4.40 -29.51
N LEU E 141 17.47 3.45 -28.63
CA LEU E 141 16.73 2.25 -29.05
C LEU E 141 15.53 2.00 -28.13
N GLY E 142 14.98 3.07 -27.58
CA GLY E 142 13.77 2.99 -26.77
C GLY E 142 14.04 3.04 -25.30
N MET E 143 13.00 2.82 -24.51
CA MET E 143 13.16 2.65 -23.07
C MET E 143 13.64 1.21 -22.88
N PRO E 144 14.48 0.97 -21.87
CA PRO E 144 14.89 -0.37 -21.52
C PRO E 144 13.71 -1.14 -20.95
N MET E 145 13.76 -2.45 -21.13
CA MET E 145 12.58 -3.30 -20.88
C MET E 145 12.98 -4.57 -20.13
N GLY E 146 11.99 -5.15 -19.45
CA GLY E 146 12.03 -6.55 -19.04
C GLY E 146 11.13 -7.37 -19.98
N ILE E 147 11.10 -8.67 -19.79
CA ILE E 147 10.23 -9.58 -20.58
C ILE E 147 9.45 -10.49 -19.66
N VAL E 148 8.17 -10.65 -19.93
CA VAL E 148 7.38 -11.74 -19.35
C VAL E 148 7.03 -12.70 -20.50
N PHE E 149 7.54 -13.92 -20.40
CA PHE E 149 7.19 -15.00 -21.37
C PHE E 149 6.13 -15.89 -20.73
N GLU E 150 5.20 -16.42 -21.55
CA GLU E 150 4.37 -17.60 -21.17
C GLU E 150 4.66 -18.71 -22.19
N VAL E 151 5.45 -19.69 -21.79
CA VAL E 151 5.98 -20.76 -22.69
C VAL E 151 5.72 -22.10 -22.01
N GLU E 152 5.04 -23.01 -22.70
CA GLU E 152 4.79 -24.38 -22.19
C GLU E 152 4.31 -24.33 -20.74
N GLY E 153 3.33 -23.47 -20.46
CA GLY E 153 2.71 -23.36 -19.14
C GLY E 153 3.64 -22.78 -18.08
N LYS E 154 4.77 -22.17 -18.43
CA LYS E 154 5.67 -21.51 -17.44
C LYS E 154 5.65 -20.01 -17.68
N THR E 155 5.58 -19.24 -16.62
CA THR E 155 5.70 -17.77 -16.72
C THR E 155 7.11 -17.37 -16.27
N ILE E 156 7.85 -16.74 -17.18
CA ILE E 156 9.29 -16.44 -17.02
C ILE E 156 9.43 -14.92 -17.05
N TYR E 157 9.91 -14.33 -15.97
CA TYR E 157 10.15 -12.87 -15.89
C TYR E 157 11.64 -12.66 -15.91
N HIS E 158 12.13 -12.16 -17.04
CA HIS E 158 13.52 -11.67 -17.16
C HIS E 158 13.42 -10.16 -16.90
N THR E 159 14.03 -9.67 -15.84
CA THR E 159 13.82 -8.25 -15.42
C THR E 159 14.49 -7.29 -16.40
N GLY E 160 15.36 -7.79 -17.26
CA GLY E 160 16.26 -6.94 -18.08
C GLY E 160 17.34 -6.35 -17.18
N ASP E 161 18.16 -5.45 -17.71
CA ASP E 161 19.05 -4.62 -16.86
C ASP E 161 18.18 -3.58 -16.22
N THR E 162 18.14 -3.55 -14.87
CA THR E 162 17.20 -2.64 -14.20
C THR E 162 17.71 -2.31 -12.81
N GLY E 163 17.35 -1.12 -12.35
CA GLY E 163 17.22 -0.80 -10.93
C GLY E 163 15.94 -1.36 -10.32
N LEU E 164 15.90 -1.37 -9.01
CA LEU E 164 14.74 -1.80 -8.21
C LEU E 164 13.56 -0.83 -8.46
N PHE E 165 12.34 -1.33 -8.57
CA PHE E 165 11.14 -0.48 -8.74
C PHE E 165 9.91 -1.22 -8.22
N SER E 166 8.99 -0.54 -7.57
CA SER E 166 7.88 -1.22 -6.83
C SER E 166 6.91 -1.88 -7.81
N ASP E 167 6.86 -1.46 -9.07
CA ASP E 167 5.97 -2.07 -10.10
C ASP E 167 6.48 -3.46 -10.49
N MET E 168 7.63 -3.89 -9.98
CA MET E 168 8.02 -5.30 -10.06
C MET E 168 6.89 -6.12 -9.41
N SER E 169 6.28 -5.59 -8.35
CA SER E 169 5.20 -6.27 -7.60
C SER E 169 3.93 -6.33 -8.45
N LEU E 170 3.65 -5.29 -9.24
CA LEU E 170 2.46 -5.22 -10.13
C LEU E 170 2.63 -6.25 -11.26
N ILE E 171 3.83 -6.30 -11.84
CA ILE E 171 4.12 -7.23 -12.93
C ILE E 171 3.89 -8.63 -12.38
N ALA E 172 4.46 -8.93 -11.22
CA ALA E 172 4.43 -10.29 -10.64
C ALA E 172 3.03 -10.63 -10.13
N LYS E 173 2.26 -9.69 -9.59
CA LYS E 173 0.87 -10.01 -9.09
C LYS E 173 -0.02 -10.34 -10.30
N ARG E 174 0.21 -9.64 -11.42
CA ARG E 174 -0.69 -9.78 -12.61
C ARG E 174 -0.24 -10.96 -13.46
N HIS E 175 1.02 -11.37 -13.32
CA HIS E 175 1.61 -12.49 -14.08
C HIS E 175 2.47 -13.29 -13.12
N PRO E 176 1.85 -14.10 -12.23
CA PRO E 176 2.59 -14.85 -11.22
C PRO E 176 3.72 -15.66 -11.86
N VAL E 177 4.89 -15.59 -11.24
CA VAL E 177 6.16 -15.95 -11.91
C VAL E 177 6.63 -17.36 -11.51
N ASP E 178 6.90 -18.24 -12.48
CA ASP E 178 7.63 -19.50 -12.21
C ASP E 178 9.13 -19.24 -12.03
N VAL E 179 9.76 -18.56 -12.98
CA VAL E 179 11.22 -18.34 -12.96
C VAL E 179 11.47 -16.85 -13.17
N CYS E 180 12.26 -16.25 -12.28
CA CYS E 180 12.72 -14.88 -12.47
C CYS E 180 14.24 -14.89 -12.69
N PHE E 181 14.70 -14.22 -13.76
CA PHE E 181 16.13 -13.92 -13.98
C PHE E 181 16.33 -12.46 -13.61
N VAL E 182 17.21 -12.23 -12.64
CA VAL E 182 17.40 -10.93 -11.97
C VAL E 182 18.87 -10.59 -11.91
N PRO E 183 19.29 -9.37 -12.33
CA PRO E 183 20.68 -8.99 -12.32
C PRO E 183 21.18 -8.69 -10.92
N ILE E 184 22.41 -9.12 -10.63
CA ILE E 184 23.05 -8.90 -9.31
C ILE E 184 24.40 -8.20 -9.41
N GLY E 185 24.88 -7.81 -10.61
CA GLY E 185 26.25 -7.38 -10.79
C GLY E 185 26.58 -6.10 -10.10
N ASP E 186 25.58 -5.28 -9.80
CA ASP E 186 25.78 -3.90 -9.28
C ASP E 186 26.48 -3.01 -10.32
N ASN E 187 26.67 -1.74 -9.94
CA ASN E 187 27.30 -0.65 -10.75
C ASN E 187 26.38 -0.18 -11.89
N PHE E 188 25.95 -1.11 -12.77
CA PHE E 188 25.08 -0.84 -13.94
C PHE E 188 23.63 -1.30 -13.71
N THR E 189 23.41 -2.07 -12.65
CA THR E 189 22.10 -2.67 -12.34
C THR E 189 22.03 -2.78 -10.83
N MET E 190 20.93 -3.33 -10.37
CA MET E 190 20.83 -3.80 -8.97
C MET E 190 22.06 -4.62 -8.63
N GLY E 191 22.50 -4.53 -7.39
CA GLY E 191 23.43 -5.49 -6.79
C GLY E 191 22.68 -6.49 -5.94
N ILE E 192 23.40 -7.18 -5.09
CA ILE E 192 22.91 -8.33 -4.29
C ILE E 192 21.75 -7.92 -3.38
N ASP E 193 21.89 -6.82 -2.67
CA ASP E 193 20.85 -6.38 -1.69
C ASP E 193 19.56 -6.05 -2.46
N ASP E 194 19.65 -5.18 -3.46
CA ASP E 194 18.43 -4.75 -4.19
C ASP E 194 17.78 -5.95 -4.89
N ALA E 195 18.58 -6.82 -5.53
CA ALA E 195 18.03 -7.97 -6.28
C ALA E 195 17.30 -8.92 -5.32
N SER E 196 17.89 -9.20 -4.17
CA SER E 196 17.25 -10.10 -3.17
C SER E 196 15.97 -9.46 -2.60
N TYR E 197 15.98 -8.14 -2.35
CA TYR E 197 14.76 -7.40 -1.97
C TYR E 197 13.69 -7.52 -3.05
N ALA E 198 14.03 -7.29 -4.31
CA ALA E 198 13.11 -7.43 -5.43
C ALA E 198 12.42 -8.79 -5.38
N ILE E 199 13.20 -9.85 -5.17
CA ILE E 199 12.68 -11.22 -5.14
C ILE E 199 11.80 -11.41 -3.88
N ASN E 200 12.34 -11.08 -2.71
CA ASN E 200 11.65 -11.32 -1.41
C ASN E 200 10.35 -10.49 -1.33
N GLU E 201 10.38 -9.22 -1.71
CA GLU E 201 9.29 -8.29 -1.39
C GLU E 201 8.31 -8.17 -2.56
N PHE E 202 8.83 -8.17 -3.80
CA PHE E 202 7.99 -7.77 -4.94
C PHE E 202 7.61 -8.96 -5.80
N ILE E 203 8.60 -9.77 -6.19
CA ILE E 203 8.40 -10.72 -7.31
C ILE E 203 7.93 -12.08 -6.79
N LYS E 204 8.61 -12.65 -5.78
CA LYS E 204 8.15 -13.89 -5.11
C LYS E 204 7.91 -15.02 -6.09
N PRO E 205 8.93 -15.34 -6.91
CA PRO E 205 8.77 -16.35 -7.93
C PRO E 205 8.94 -17.73 -7.29
N LYS E 206 8.68 -18.78 -8.09
CA LYS E 206 8.96 -20.16 -7.60
C LYS E 206 10.48 -20.40 -7.59
N ILE E 207 11.17 -19.85 -8.59
CA ILE E 207 12.61 -20.05 -8.82
C ILE E 207 13.21 -18.70 -9.21
N SER E 208 14.33 -18.35 -8.62
CA SER E 208 15.13 -17.18 -9.01
C SER E 208 16.48 -17.67 -9.54
N VAL E 209 16.99 -16.97 -10.53
CA VAL E 209 18.35 -17.18 -11.09
C VAL E 209 19.01 -15.83 -11.16
N PRO E 210 20.15 -15.65 -10.49
CA PRO E 210 20.90 -14.43 -10.60
C PRO E 210 21.57 -14.39 -11.97
N ILE E 211 21.61 -13.21 -12.56
CA ILE E 211 22.28 -13.00 -13.88
C ILE E 211 23.14 -11.74 -13.85
N HIS E 212 23.92 -11.53 -14.91
CA HIS E 212 24.60 -10.26 -15.15
C HIS E 212 25.61 -9.99 -14.02
N TYR E 213 26.48 -10.96 -13.76
CA TYR E 213 27.64 -10.79 -12.84
C TYR E 213 28.83 -11.56 -13.46
N ASP E 214 30.01 -11.21 -12.99
CA ASP E 214 31.29 -11.89 -13.29
C ASP E 214 31.81 -11.63 -14.71
N THR E 215 30.98 -11.18 -15.64
CA THR E 215 31.38 -11.05 -17.06
C THR E 215 32.55 -10.09 -17.17
N PHE E 216 32.56 -9.01 -16.40
CA PHE E 216 33.64 -8.00 -16.37
C PHE E 216 34.03 -7.85 -14.91
N PRO E 217 35.26 -7.37 -14.62
CA PRO E 217 35.70 -7.22 -13.23
C PRO E 217 34.77 -6.36 -12.36
N LEU E 218 34.22 -5.29 -12.92
CA LEU E 218 33.39 -4.32 -12.17
C LEU E 218 32.16 -5.03 -11.60
N ILE E 219 31.67 -6.07 -12.26
CA ILE E 219 30.40 -6.74 -11.87
C ILE E 219 30.70 -8.14 -11.34
N GLU E 220 31.91 -8.44 -10.90
CA GLU E 220 32.18 -9.71 -10.18
C GLU E 220 31.38 -9.71 -8.86
N GLN E 221 30.63 -10.77 -8.62
CA GLN E 221 29.86 -10.89 -7.35
C GLN E 221 29.83 -12.36 -6.95
N ASP E 222 29.52 -12.58 -5.68
CA ASP E 222 29.40 -13.93 -5.12
C ASP E 222 27.91 -14.25 -5.08
N PRO E 223 27.40 -15.08 -6.00
CA PRO E 223 25.95 -15.29 -6.07
C PRO E 223 25.42 -16.04 -4.85
N GLN E 224 26.29 -16.72 -4.10
CA GLN E 224 25.86 -17.38 -2.85
C GLN E 224 25.37 -16.30 -1.88
N GLN E 225 25.89 -15.07 -1.92
CA GLN E 225 25.35 -13.94 -1.11
C GLN E 225 23.89 -13.65 -1.49
N PHE E 226 23.59 -13.64 -2.79
CA PHE E 226 22.20 -13.51 -3.31
C PHE E 226 21.35 -14.67 -2.78
N LYS E 227 21.85 -15.89 -2.96
CA LYS E 227 21.08 -17.08 -2.55
C LYS E 227 20.77 -17.00 -1.05
N ASP E 228 21.77 -16.69 -0.23
CA ASP E 228 21.55 -16.62 1.25
C ASP E 228 20.54 -15.51 1.60
N ALA E 229 20.46 -14.43 0.83
CA ALA E 229 19.57 -13.27 1.12
C ALA E 229 18.12 -13.52 0.68
N VAL E 230 17.88 -14.47 -0.23
CA VAL E 230 16.52 -14.79 -0.74
C VAL E 230 15.84 -15.78 0.22
N ASN E 231 14.61 -15.48 0.61
CA ASN E 231 13.82 -16.27 1.60
C ASN E 231 12.60 -16.94 0.97
N VAL E 232 12.34 -16.69 -0.32
CA VAL E 232 11.09 -17.12 -1.00
C VAL E 232 11.52 -18.01 -2.17
N GLY E 233 10.83 -19.11 -2.33
CA GLY E 233 11.05 -20.10 -3.40
C GLY E 233 12.45 -20.64 -3.40
N ASP E 234 12.95 -21.01 -4.58
CA ASP E 234 14.22 -21.74 -4.77
C ASP E 234 15.13 -20.81 -5.55
N VAL E 235 16.39 -20.75 -5.20
CA VAL E 235 17.43 -20.06 -5.98
C VAL E 235 18.27 -21.13 -6.70
N GLN E 236 18.42 -21.02 -8.01
CA GLN E 236 19.34 -21.87 -8.80
C GLN E 236 20.43 -20.96 -9.36
N ILE E 237 21.62 -21.08 -8.78
CA ILE E 237 22.81 -20.39 -9.33
C ILE E 237 23.28 -21.16 -10.55
N LEU E 238 22.84 -20.79 -11.73
CA LEU E 238 23.26 -21.48 -12.98
C LEU E 238 24.57 -20.90 -13.53
N LYS E 239 25.47 -21.81 -13.88
CA LYS E 239 26.65 -21.47 -14.73
C LYS E 239 26.23 -21.45 -16.18
N PRO E 240 26.94 -20.71 -17.05
CA PRO E 240 26.64 -20.75 -18.47
C PRO E 240 26.55 -22.20 -18.97
N GLY E 241 25.45 -22.50 -19.66
CA GLY E 241 25.09 -23.79 -20.27
C GLY E 241 24.17 -24.64 -19.42
N GLU E 242 23.99 -24.31 -18.14
CA GLU E 242 23.07 -25.04 -17.23
C GLU E 242 21.63 -24.58 -17.45
N SER E 243 20.76 -25.53 -17.22
CA SER E 243 19.29 -25.47 -17.39
C SER E 243 18.59 -25.30 -16.04
N VAL E 244 17.48 -24.57 -16.04
CA VAL E 244 16.55 -24.58 -14.88
C VAL E 244 16.01 -25.99 -14.64
N GLN E 245 15.99 -26.40 -13.38
CA GLN E 245 15.43 -27.71 -12.97
C GLN E 245 14.06 -27.44 -12.32
N PHE E 246 12.99 -27.88 -12.94
CA PHE E 246 11.58 -27.70 -12.46
C PHE E 246 11.17 -28.82 -11.51
N HIS F 16 -22.42 26.33 -22.37
CA HIS F 16 -21.48 25.70 -23.33
C HIS F 16 -20.94 24.39 -22.72
N MET F 17 -21.40 23.22 -23.19
CA MET F 17 -20.79 21.90 -22.86
C MET F 17 -19.35 21.90 -23.43
N MET F 18 -18.37 21.54 -22.60
CA MET F 18 -16.95 21.59 -23.03
C MET F 18 -16.82 20.76 -24.32
N LYS F 19 -16.12 21.27 -25.32
CA LYS F 19 -15.98 20.57 -26.63
C LYS F 19 -14.74 19.64 -26.58
N LEU F 20 -14.91 18.34 -26.81
CA LEU F 20 -13.80 17.37 -26.66
C LEU F 20 -14.08 16.20 -27.57
N SER F 21 -13.23 15.98 -28.57
CA SER F 21 -13.51 14.98 -29.61
C SER F 21 -12.28 14.13 -29.89
N PHE F 22 -12.53 12.94 -30.38
CA PHE F 22 -11.56 11.91 -30.78
C PHE F 22 -11.56 11.80 -32.31
N HIS F 23 -10.40 11.55 -32.90
CA HIS F 23 -10.17 11.62 -34.36
C HIS F 23 -9.33 10.46 -34.86
N GLY F 24 -9.20 9.40 -34.08
CA GLY F 24 -8.48 8.20 -34.50
C GLY F 24 -7.10 8.17 -33.89
N GLN F 25 -6.52 6.98 -33.83
CA GLN F 25 -5.27 6.65 -33.10
C GLN F 25 -5.30 7.37 -31.74
N SER F 26 -4.43 8.33 -31.45
CA SER F 26 -4.45 8.98 -30.12
C SER F 26 -4.79 10.44 -30.30
N THR F 27 -5.37 10.82 -31.43
CA THR F 27 -5.65 12.25 -31.70
C THR F 27 -6.94 12.68 -31.00
N ILE F 28 -6.84 13.69 -30.16
CA ILE F 28 -7.98 14.37 -29.54
C ILE F 28 -7.89 15.85 -29.87
N TYR F 29 -9.04 16.48 -29.80
CA TYR F 29 -9.20 17.90 -30.13
C TYR F 29 -10.08 18.48 -29.05
N LEU F 30 -9.76 19.67 -28.55
CA LEU F 30 -10.62 20.26 -27.52
C LEU F 30 -10.59 21.75 -27.69
N GLU F 31 -11.52 22.43 -27.07
CA GLU F 31 -11.53 23.91 -27.10
C GLU F 31 -11.62 24.42 -25.69
N GLY F 32 -10.80 25.39 -25.37
CA GLY F 32 -10.87 26.12 -24.09
C GLY F 32 -10.84 27.61 -24.31
N ASN F 33 -11.81 28.33 -23.74
CA ASN F 33 -11.93 29.80 -23.90
C ASN F 33 -11.75 30.18 -25.37
N ASN F 34 -12.43 29.51 -26.29
CA ASN F 34 -12.42 29.74 -27.76
C ASN F 34 -11.03 29.56 -28.39
N LYS F 35 -10.15 28.74 -27.78
CA LYS F 35 -8.81 28.39 -28.33
C LYS F 35 -8.82 26.89 -28.58
N LYS F 36 -8.24 26.50 -29.71
CA LYS F 36 -8.35 25.16 -30.29
C LYS F 36 -7.03 24.42 -30.00
N VAL F 37 -7.13 23.23 -29.44
CA VAL F 37 -5.94 22.40 -29.10
C VAL F 37 -6.11 21.03 -29.74
N ILE F 38 -5.04 20.53 -30.37
CA ILE F 38 -5.04 19.15 -30.88
C ILE F 38 -3.85 18.44 -30.24
N VAL F 39 -4.06 17.18 -29.95
CA VAL F 39 -3.03 16.25 -29.44
C VAL F 39 -2.70 15.25 -30.52
N ASP F 40 -1.38 15.02 -30.71
CA ASP F 40 -0.89 13.89 -31.52
C ASP F 40 -1.58 13.89 -32.88
N PRO F 41 -1.37 14.95 -33.69
CA PRO F 41 -2.06 15.10 -34.99
C PRO F 41 -1.57 14.25 -36.17
N PHE F 42 -1.88 12.97 -36.11
CA PHE F 42 -1.71 11.95 -37.16
C PHE F 42 -2.93 12.00 -38.11
N ILE F 43 -2.92 12.97 -39.05
CA ILE F 43 -4.13 13.27 -39.85
C ILE F 43 -3.98 12.73 -41.28
N SER F 44 -2.94 13.16 -42.02
CA SER F 44 -2.89 12.92 -43.48
C SER F 44 -2.57 11.44 -43.74
N ASN F 45 -1.81 10.76 -42.87
CA ASN F 45 -1.40 9.34 -43.08
C ASN F 45 -2.30 8.38 -42.30
N ASN F 46 -3.36 8.86 -41.67
CA ASN F 46 -4.38 7.97 -41.04
C ASN F 46 -5.68 8.05 -41.85
N PRO F 47 -5.95 7.09 -42.77
CA PRO F 47 -7.19 7.08 -43.56
C PRO F 47 -8.48 6.95 -42.71
N LYS F 48 -8.38 6.57 -41.43
CA LYS F 48 -9.55 6.54 -40.52
C LYS F 48 -9.71 7.91 -39.83
N CYS F 49 -8.73 8.82 -39.97
CA CYS F 49 -8.85 10.17 -39.38
C CYS F 49 -9.82 11.00 -40.23
N ASP F 50 -10.78 11.67 -39.58
CA ASP F 50 -11.85 12.47 -40.25
C ASP F 50 -11.35 13.89 -40.52
N LEU F 51 -10.20 14.30 -39.97
CA LEU F 51 -9.70 15.69 -40.16
C LEU F 51 -8.95 15.79 -41.49
N ASN F 52 -8.70 17.04 -41.89
CA ASN F 52 -7.95 17.47 -43.10
C ASN F 52 -6.98 18.56 -42.64
N ILE F 53 -5.68 18.42 -42.91
CA ILE F 53 -4.65 19.43 -42.51
C ILE F 53 -4.97 20.79 -43.14
N GLU F 54 -5.60 20.78 -44.31
CA GLU F 54 -5.89 22.03 -45.08
C GLU F 54 -6.87 22.89 -44.29
N THR F 55 -7.76 22.24 -43.53
CA THR F 55 -8.96 22.91 -42.95
C THR F 55 -8.91 22.91 -41.42
N VAL F 56 -8.17 22.01 -40.77
CA VAL F 56 -8.25 21.95 -39.28
C VAL F 56 -7.69 23.27 -38.75
N GLN F 57 -8.41 23.97 -37.89
CA GLN F 57 -7.92 25.22 -37.26
C GLN F 57 -7.37 24.81 -35.90
N VAL F 58 -6.17 25.30 -35.53
CA VAL F 58 -5.62 25.07 -34.17
C VAL F 58 -4.73 26.23 -33.74
N ASP F 59 -4.79 26.49 -32.45
CA ASP F 59 -3.98 27.48 -31.72
C ASP F 59 -2.80 26.74 -31.05
N TYR F 60 -2.97 25.46 -30.69
CA TYR F 60 -1.95 24.68 -29.94
C TYR F 60 -1.93 23.25 -30.45
N ILE F 61 -0.73 22.69 -30.49
CA ILE F 61 -0.52 21.27 -30.78
C ILE F 61 0.28 20.75 -29.58
N VAL F 62 -0.22 19.69 -28.95
CA VAL F 62 0.50 19.04 -27.82
C VAL F 62 0.92 17.63 -28.23
N LEU F 63 2.17 17.28 -27.97
CA LEU F 63 2.69 15.96 -28.38
C LEU F 63 3.05 15.13 -27.15
N THR F 64 2.50 13.91 -27.07
CA THR F 64 2.78 12.95 -25.96
C THR F 64 4.16 12.35 -26.14
N HIS F 65 4.56 12.18 -27.39
CA HIS F 65 5.83 11.52 -27.78
C HIS F 65 6.03 11.65 -29.28
N GLY F 66 7.17 11.19 -29.77
CA GLY F 66 7.65 11.59 -31.10
C GLY F 66 7.37 10.61 -32.17
N HIS F 67 6.79 9.47 -31.86
CA HIS F 67 6.52 8.42 -32.87
C HIS F 67 5.66 8.95 -34.03
N PHE F 68 5.93 8.39 -35.21
CA PHE F 68 5.31 8.84 -36.50
C PHE F 68 3.78 8.96 -36.36
N ASP F 69 3.14 8.07 -35.59
CA ASP F 69 1.66 7.99 -35.50
C ASP F 69 1.11 8.97 -34.45
N HIS F 70 1.96 9.88 -33.97
CA HIS F 70 1.60 10.95 -33.02
C HIS F 70 2.18 12.28 -33.50
N PHE F 71 3.48 12.29 -33.81
CA PHE F 71 4.17 13.42 -34.48
C PHE F 71 3.35 13.88 -35.71
N GLY F 72 3.02 12.93 -36.59
CA GLY F 72 2.12 13.13 -37.74
C GLY F 72 2.47 14.37 -38.52
N ASP F 73 1.49 15.26 -38.71
CA ASP F 73 1.61 16.46 -39.59
C ASP F 73 2.03 17.69 -38.76
N VAL F 74 2.71 17.51 -37.62
CA VAL F 74 2.95 18.64 -36.68
C VAL F 74 3.68 19.77 -37.42
N VAL F 75 4.68 19.44 -38.23
CA VAL F 75 5.54 20.48 -38.89
C VAL F 75 4.67 21.31 -39.87
N GLU F 76 4.00 20.66 -40.82
CA GLU F 76 3.18 21.36 -41.84
C GLU F 76 1.98 22.04 -41.17
N LEU F 77 1.36 21.39 -40.18
CA LEU F 77 0.21 21.99 -39.47
C LEU F 77 0.63 23.24 -38.70
N ALA F 78 1.73 23.22 -37.95
CA ALA F 78 2.22 24.42 -37.23
C ALA F 78 2.54 25.56 -38.21
N LYS F 79 3.20 25.26 -39.32
CA LYS F 79 3.58 26.27 -40.37
C LYS F 79 2.31 26.88 -40.96
N LYS F 80 1.29 26.08 -41.27
CA LYS F 80 0.02 26.58 -41.86
C LYS F 80 -0.72 27.45 -40.85
N THR F 81 -0.86 27.02 -39.58
CA THR F 81 -1.74 27.66 -38.57
C THR F 81 -1.01 28.71 -37.73
N GLY F 82 0.33 28.62 -37.59
CA GLY F 82 1.01 29.41 -36.57
C GLY F 82 0.80 28.88 -35.14
N ALA F 83 0.27 27.68 -35.00
CA ALA F 83 0.02 27.01 -33.68
C ALA F 83 1.34 26.89 -32.89
N THR F 84 1.23 27.01 -31.55
CA THR F 84 2.36 26.79 -30.60
C THR F 84 2.41 25.30 -30.31
N VAL F 85 3.56 24.68 -30.51
CA VAL F 85 3.74 23.23 -30.25
C VAL F 85 4.29 23.09 -28.83
N ILE F 86 3.55 22.33 -28.03
CA ILE F 86 3.87 22.08 -26.61
C ILE F 86 4.37 20.64 -26.51
N GLY F 87 5.57 20.44 -25.97
CA GLY F 87 6.14 19.10 -25.87
C GLY F 87 7.31 19.08 -24.92
N SER F 88 8.06 18.01 -24.99
CA SER F 88 9.28 17.86 -24.17
C SER F 88 10.29 18.94 -24.57
N ALA F 89 11.30 19.20 -23.78
CA ALA F 89 12.43 20.09 -24.15
C ALA F 89 13.07 19.61 -25.48
N GLU F 90 13.32 18.31 -25.63
CA GLU F 90 13.93 17.72 -26.85
C GLU F 90 13.01 18.03 -28.04
N MET F 91 11.70 17.86 -27.88
CA MET F 91 10.76 18.02 -29.00
C MET F 91 10.79 19.48 -29.43
N ALA F 92 10.83 20.40 -28.48
CA ALA F 92 10.80 21.86 -28.77
C ALA F 92 12.10 22.23 -29.48
N ASP F 93 13.25 21.73 -29.00
CA ASP F 93 14.56 22.00 -29.64
C ASP F 93 14.55 21.47 -31.07
N TYR F 94 14.19 20.21 -31.25
CA TYR F 94 14.18 19.55 -32.57
C TYR F 94 13.24 20.29 -33.54
N LEU F 95 12.03 20.61 -33.10
CA LEU F 95 11.04 21.24 -34.02
C LEU F 95 11.53 22.65 -34.39
N SER F 96 12.05 23.38 -33.41
CA SER F 96 12.51 24.78 -33.62
C SER F 96 13.79 24.76 -34.46
N SER F 97 14.79 23.95 -34.08
CA SER F 97 16.15 24.05 -34.68
C SER F 97 16.25 23.23 -35.97
N TYR F 98 15.70 22.02 -36.04
CA TYR F 98 15.85 21.16 -37.22
C TYR F 98 14.75 21.46 -38.23
N HIS F 99 13.52 21.68 -37.75
CA HIS F 99 12.33 21.79 -38.65
C HIS F 99 11.88 23.23 -38.85
N GLY F 100 12.40 24.17 -38.05
CA GLY F 100 12.11 25.61 -38.28
C GLY F 100 10.73 26.02 -37.79
N VAL F 101 10.11 25.24 -36.90
CA VAL F 101 8.78 25.62 -36.33
C VAL F 101 8.93 26.91 -35.53
N GLU F 102 8.06 27.88 -35.79
CA GLU F 102 8.13 29.26 -35.22
C GLU F 102 7.86 29.27 -33.71
N ASN F 103 6.80 28.60 -33.27
CA ASN F 103 6.25 28.73 -31.90
C ASN F 103 6.23 27.35 -31.24
N VAL F 104 7.11 27.24 -30.26
CA VAL F 104 7.24 26.03 -29.41
C VAL F 104 7.25 26.46 -27.95
N HIS F 105 6.84 25.54 -27.07
CA HIS F 105 6.99 25.72 -25.62
C HIS F 105 7.44 24.37 -25.06
N GLY F 106 8.73 24.28 -24.73
CA GLY F 106 9.32 23.09 -24.10
C GLY F 106 8.94 22.97 -22.63
N MET F 107 8.68 21.74 -22.23
CA MET F 107 8.28 21.37 -20.86
C MET F 107 8.92 20.02 -20.55
N ASN F 108 8.65 19.49 -19.36
CA ASN F 108 9.04 18.10 -19.10
C ASN F 108 8.12 17.54 -18.03
N ILE F 109 8.35 16.29 -17.71
CA ILE F 109 7.45 15.52 -16.85
C ILE F 109 7.30 16.18 -15.48
N GLY F 110 6.05 16.33 -15.08
CA GLY F 110 5.67 16.95 -13.80
C GLY F 110 5.45 18.44 -13.95
N GLY F 111 5.93 19.01 -15.05
CA GLY F 111 5.80 20.45 -15.30
C GLY F 111 4.38 20.79 -15.71
N LYS F 112 3.87 21.87 -15.16
CA LYS F 112 2.57 22.43 -15.54
C LYS F 112 2.80 23.83 -16.10
N ALA F 113 2.05 24.18 -17.14
CA ALA F 113 2.07 25.52 -17.74
C ALA F 113 0.63 25.99 -17.98
N ASN F 114 0.40 27.28 -17.83
CA ASN F 114 -0.95 27.92 -17.97
C ASN F 114 -0.94 28.71 -19.26
N PHE F 115 -1.95 28.48 -20.09
CA PHE F 115 -2.12 29.06 -21.44
C PHE F 115 -3.52 29.65 -21.46
N ASP F 116 -3.86 30.35 -22.54
CA ASP F 116 -5.19 31.03 -22.60
C ASP F 116 -6.30 29.97 -22.67
N PHE F 117 -6.02 28.73 -23.10
CA PHE F 117 -7.05 27.66 -23.19
C PHE F 117 -7.26 26.98 -21.83
N GLY F 118 -6.34 27.14 -20.89
CA GLY F 118 -6.28 26.35 -19.65
C GLY F 118 -4.87 25.83 -19.43
N SER F 119 -4.72 24.70 -18.73
CA SER F 119 -3.40 24.21 -18.27
C SER F 119 -3.06 22.85 -18.90
N VAL F 120 -1.77 22.64 -19.09
CA VAL F 120 -1.16 21.38 -19.56
C VAL F 120 -0.17 20.99 -18.51
N LYS F 121 -0.32 19.78 -17.97
CA LYS F 121 0.72 19.15 -17.13
C LYS F 121 1.16 17.87 -17.79
N PHE F 122 2.46 17.69 -17.99
CA PHE F 122 2.94 16.39 -18.51
C PHE F 122 3.19 15.44 -17.33
N VAL F 123 2.88 14.16 -17.56
CA VAL F 123 3.08 13.08 -16.56
C VAL F 123 3.80 11.92 -17.23
N GLN F 124 4.28 10.97 -16.42
CA GLN F 124 5.12 9.89 -16.96
C GLN F 124 4.26 8.89 -17.78
N ALA F 125 4.98 8.12 -18.56
CA ALA F 125 4.49 7.01 -19.38
C ALA F 125 5.63 6.04 -19.58
N PHE F 126 5.30 4.83 -19.97
CA PHE F 126 6.29 3.79 -20.23
C PHE F 126 6.07 3.34 -21.67
N HIS F 127 7.04 3.70 -22.52
CA HIS F 127 6.91 3.56 -23.97
C HIS F 127 8.28 3.92 -24.53
N SER F 128 8.32 4.60 -25.66
CA SER F 128 9.55 5.23 -26.16
C SER F 128 9.19 6.50 -26.89
N SER F 129 10.18 7.30 -27.26
CA SER F 129 9.86 8.58 -27.94
C SER F 129 11.00 8.98 -28.86
N SER F 130 10.72 8.90 -30.14
CA SER F 130 11.69 9.21 -31.17
C SER F 130 10.93 9.35 -32.47
N PHE F 131 11.58 9.96 -33.45
CA PHE F 131 11.13 9.96 -34.86
C PHE F 131 12.27 9.39 -35.69
N THR F 132 12.01 8.37 -36.53
CA THR F 132 13.08 7.70 -37.29
C THR F 132 13.17 8.32 -38.68
N HIS F 133 14.32 8.93 -38.99
CA HIS F 133 14.73 9.45 -40.33
C HIS F 133 14.94 8.22 -41.26
N GLU F 134 14.97 8.36 -42.59
CA GLU F 134 14.89 7.22 -43.56
C GLU F 134 16.01 6.15 -43.36
N ASN F 135 17.11 6.51 -42.71
CA ASN F 135 18.32 5.66 -42.48
C ASN F 135 18.18 4.65 -41.32
N GLY F 136 17.08 4.63 -40.57
CA GLY F 136 16.88 3.69 -39.44
C GLY F 136 17.47 4.20 -38.13
N ILE F 137 17.92 5.46 -38.10
CA ILE F 137 18.51 6.12 -36.89
C ILE F 137 17.44 6.99 -36.23
N PRO F 138 16.87 6.56 -35.08
CA PRO F 138 15.91 7.40 -34.38
C PRO F 138 16.51 8.72 -33.89
N VAL F 139 15.67 9.75 -33.90
CA VAL F 139 15.91 11.04 -33.22
C VAL F 139 15.23 10.95 -31.85
N TYR F 140 16.03 10.93 -30.79
CA TYR F 140 15.53 10.86 -29.40
C TYR F 140 14.76 12.13 -29.06
N LEU F 141 13.55 11.99 -28.55
CA LEU F 141 12.70 13.19 -28.27
C LEU F 141 12.20 13.19 -26.82
N GLY F 142 12.97 12.57 -25.91
CA GLY F 142 12.69 12.62 -24.47
C GLY F 142 12.08 11.33 -23.94
N MET F 143 11.60 11.36 -22.70
CA MET F 143 10.80 10.26 -22.18
C MET F 143 9.39 10.44 -22.73
N PRO F 144 8.67 9.34 -23.01
CA PRO F 144 7.26 9.41 -23.39
C PRO F 144 6.42 9.92 -22.22
N MET F 145 5.31 10.58 -22.58
CA MET F 145 4.51 11.28 -21.57
C MET F 145 3.01 11.06 -21.75
N GLY F 146 2.28 11.25 -20.67
CA GLY F 146 0.84 11.51 -20.72
C GLY F 146 0.59 12.96 -20.46
N ILE F 147 -0.67 13.37 -20.61
CA ILE F 147 -1.08 14.79 -20.43
C ILE F 147 -2.24 14.83 -19.46
N VAL F 148 -2.17 15.78 -18.54
CA VAL F 148 -3.32 16.20 -17.72
C VAL F 148 -3.64 17.63 -18.12
N PHE F 149 -4.79 17.82 -18.77
CA PHE F 149 -5.34 19.15 -19.12
C PHE F 149 -6.30 19.55 -18.01
N GLU F 150 -6.31 20.81 -17.61
CA GLU F 150 -7.46 21.42 -16.94
C GLU F 150 -8.05 22.48 -17.90
N VAL F 151 -9.24 22.21 -18.38
CA VAL F 151 -9.90 23.07 -19.41
C VAL F 151 -11.38 23.19 -19.04
N GLU F 152 -11.86 24.42 -18.85
CA GLU F 152 -13.29 24.73 -18.60
C GLU F 152 -13.84 23.84 -17.50
N GLY F 153 -13.08 23.72 -16.40
CA GLY F 153 -13.49 22.99 -15.20
C GLY F 153 -13.42 21.48 -15.39
N LYS F 154 -12.86 20.98 -16.50
CA LYS F 154 -12.74 19.52 -16.75
C LYS F 154 -11.26 19.11 -16.62
N THR F 155 -11.03 17.98 -15.95
CA THR F 155 -9.67 17.38 -15.90
C THR F 155 -9.63 16.21 -16.89
N ILE F 156 -8.80 16.32 -17.93
CA ILE F 156 -8.69 15.30 -19.00
C ILE F 156 -7.30 14.66 -18.87
N TYR F 157 -7.26 13.36 -18.67
CA TYR F 157 -5.99 12.60 -18.60
C TYR F 157 -5.89 11.77 -19.87
N HIS F 158 -5.04 12.20 -20.79
CA HIS F 158 -4.65 11.40 -21.97
C HIS F 158 -3.39 10.63 -21.55
N THR F 159 -3.45 9.31 -21.43
CA THR F 159 -2.35 8.53 -20.82
C THR F 159 -1.14 8.50 -21.74
N GLY F 160 -1.24 8.95 -23.00
CA GLY F 160 -0.19 8.77 -24.00
C GLY F 160 -0.13 7.30 -24.41
N ASP F 161 0.84 6.93 -25.20
CA ASP F 161 1.13 5.49 -25.44
C ASP F 161 1.87 5.00 -24.20
N THR F 162 1.34 3.99 -23.52
CA THR F 162 1.97 3.50 -22.26
C THR F 162 1.60 2.06 -21.98
N GLY F 163 2.47 1.42 -21.21
CA GLY F 163 2.13 0.25 -20.39
C GLY F 163 1.47 0.69 -19.09
N LEU F 164 0.98 -0.29 -18.37
CA LEU F 164 0.33 -0.10 -17.06
C LEU F 164 1.37 0.30 -16.03
N PHE F 165 1.05 1.21 -15.16
CA PHE F 165 1.96 1.56 -14.04
C PHE F 165 1.13 2.06 -12.85
N SER F 166 1.57 1.73 -11.65
CA SER F 166 0.82 2.03 -10.40
C SER F 166 0.75 3.55 -10.18
N ASP F 167 1.70 4.37 -10.71
CA ASP F 167 1.58 5.84 -10.48
C ASP F 167 0.48 6.47 -11.33
N MET F 168 -0.18 5.68 -12.18
CA MET F 168 -1.48 6.13 -12.75
C MET F 168 -2.41 6.50 -11.61
N SER F 169 -2.40 5.73 -10.50
CA SER F 169 -3.23 5.99 -9.30
C SER F 169 -2.80 7.32 -8.63
N LEU F 170 -1.48 7.59 -8.59
CA LEU F 170 -0.95 8.84 -7.99
C LEU F 170 -1.39 10.01 -8.87
N ILE F 171 -1.28 9.87 -10.19
CA ILE F 171 -1.69 10.98 -11.11
C ILE F 171 -3.18 11.24 -10.86
N ALA F 172 -4.00 10.21 -10.85
CA ALA F 172 -5.47 10.38 -10.76
C ALA F 172 -5.88 10.88 -9.36
N LYS F 173 -5.17 10.50 -8.31
CA LYS F 173 -5.49 10.90 -6.90
C LYS F 173 -5.20 12.39 -6.71
N ARG F 174 -4.10 12.84 -7.30
CA ARG F 174 -3.66 14.25 -7.23
C ARG F 174 -4.54 15.12 -8.14
N HIS F 175 -5.01 14.59 -9.27
CA HIS F 175 -5.76 15.33 -10.30
C HIS F 175 -6.95 14.51 -10.71
N PRO F 176 -8.00 14.46 -9.86
CA PRO F 176 -9.19 13.65 -10.15
C PRO F 176 -9.68 13.88 -11.57
N VAL F 177 -9.97 12.80 -12.25
CA VAL F 177 -10.13 12.80 -13.72
C VAL F 177 -11.60 12.81 -14.14
N ASP F 178 -11.96 13.73 -15.03
CA ASP F 178 -13.27 13.74 -15.71
C ASP F 178 -13.26 12.78 -16.89
N VAL F 179 -12.31 12.93 -17.81
CA VAL F 179 -12.23 12.04 -18.99
C VAL F 179 -10.81 11.48 -19.04
N CYS F 180 -10.69 10.19 -19.25
CA CYS F 180 -9.41 9.49 -19.52
C CYS F 180 -9.44 8.89 -20.91
N PHE F 181 -8.46 9.21 -21.73
CA PHE F 181 -8.22 8.52 -22.99
C PHE F 181 -7.10 7.52 -22.78
N VAL F 182 -7.36 6.25 -23.09
CA VAL F 182 -6.49 5.13 -22.66
C VAL F 182 -6.34 4.19 -23.83
N PRO F 183 -5.07 3.84 -24.23
CA PRO F 183 -4.85 2.97 -25.38
C PRO F 183 -5.21 1.53 -25.04
N ILE F 184 -5.82 0.84 -26.01
CA ILE F 184 -6.23 -0.58 -25.86
C ILE F 184 -5.69 -1.43 -27.01
N GLY F 185 -4.86 -0.91 -27.92
CA GLY F 185 -4.54 -1.66 -29.16
C GLY F 185 -3.64 -2.86 -28.92
N ASP F 186 -2.96 -2.93 -27.77
CA ASP F 186 -1.96 -3.99 -27.46
C ASP F 186 -0.75 -3.89 -28.41
N ASN F 187 0.19 -4.81 -28.21
CA ASN F 187 1.48 -4.95 -28.94
C ASN F 187 2.43 -3.79 -28.63
N PHE F 188 1.95 -2.56 -28.75
CA PHE F 188 2.75 -1.31 -28.60
C PHE F 188 2.38 -0.55 -27.33
N THR F 189 1.25 -0.92 -26.71
CA THR F 189 0.68 -0.23 -25.56
C THR F 189 -0.05 -1.30 -24.75
N MET F 190 -0.63 -0.90 -23.65
CA MET F 190 -1.65 -1.74 -22.99
C MET F 190 -2.65 -2.30 -24.02
N GLY F 191 -3.08 -3.53 -23.77
CA GLY F 191 -4.26 -4.13 -24.42
C GLY F 191 -5.54 -3.96 -23.58
N ILE F 192 -6.56 -4.74 -23.88
CA ILE F 192 -7.90 -4.63 -23.26
C ILE F 192 -7.77 -4.83 -21.75
N ASP F 193 -7.09 -5.89 -21.37
CA ASP F 193 -7.02 -6.32 -19.94
C ASP F 193 -6.32 -5.25 -19.13
N ASP F 194 -5.12 -4.85 -19.58
CA ASP F 194 -4.33 -3.86 -18.79
C ASP F 194 -5.06 -2.49 -18.78
N ALA F 195 -5.61 -2.05 -19.90
CA ALA F 195 -6.30 -0.74 -19.96
C ALA F 195 -7.51 -0.74 -19.00
N SER F 196 -8.33 -1.80 -19.02
CA SER F 196 -9.51 -1.90 -18.13
C SER F 196 -9.07 -1.93 -16.65
N TYR F 197 -7.99 -2.63 -16.34
CA TYR F 197 -7.43 -2.62 -14.98
C TYR F 197 -6.95 -1.21 -14.61
N ALA F 198 -6.23 -0.52 -15.49
CA ALA F 198 -5.80 0.86 -15.25
C ALA F 198 -6.98 1.72 -14.83
N ILE F 199 -8.09 1.65 -15.57
CA ILE F 199 -9.34 2.43 -15.30
C ILE F 199 -9.99 1.99 -13.99
N ASN F 200 -10.14 0.70 -13.75
CA ASN F 200 -10.88 0.16 -12.58
C ASN F 200 -10.06 0.38 -11.30
N GLU F 201 -8.74 0.11 -11.34
CA GLU F 201 -7.92 0.03 -10.10
C GLU F 201 -7.28 1.39 -9.79
N PHE F 202 -6.79 2.09 -10.82
CA PHE F 202 -5.87 3.24 -10.63
C PHE F 202 -6.59 4.55 -10.93
N ILE F 203 -7.21 4.70 -12.10
CA ILE F 203 -7.61 6.05 -12.61
C ILE F 203 -9.01 6.42 -12.14
N LYS F 204 -9.99 5.53 -12.30
CA LYS F 204 -11.38 5.74 -11.82
C LYS F 204 -11.93 7.09 -12.30
N PRO F 205 -11.95 7.33 -13.64
CA PRO F 205 -12.44 8.60 -14.12
C PRO F 205 -13.97 8.61 -14.14
N LYS F 206 -14.57 9.77 -14.37
CA LYS F 206 -16.04 9.82 -14.69
C LYS F 206 -16.30 9.10 -16.01
N ILE F 207 -15.48 9.37 -17.04
CA ILE F 207 -15.67 8.88 -18.43
C ILE F 207 -14.34 8.34 -18.92
N SER F 208 -14.34 7.16 -19.52
CA SER F 208 -13.19 6.55 -20.23
C SER F 208 -13.51 6.46 -21.71
N VAL F 209 -12.55 6.80 -22.56
CA VAL F 209 -12.62 6.57 -24.03
C VAL F 209 -11.43 5.70 -24.43
N PRO F 210 -11.63 4.51 -25.02
CA PRO F 210 -10.52 3.74 -25.53
C PRO F 210 -9.96 4.38 -26.80
N ILE F 211 -8.64 4.39 -26.94
CA ILE F 211 -7.92 4.99 -28.12
C ILE F 211 -6.90 4.01 -28.65
N HIS F 212 -6.28 4.37 -29.76
CA HIS F 212 -5.06 3.68 -30.22
C HIS F 212 -5.39 2.22 -30.53
N TYR F 213 -6.46 1.98 -31.32
CA TYR F 213 -6.82 0.64 -31.86
C TYR F 213 -7.34 0.82 -33.29
N ASP F 214 -7.29 -0.29 -34.05
CA ASP F 214 -7.88 -0.45 -35.40
C ASP F 214 -7.04 0.29 -36.46
N THR F 215 -6.17 1.23 -36.10
CA THR F 215 -5.46 2.02 -37.14
C THR F 215 -4.63 1.13 -38.06
N PHE F 216 -4.03 0.06 -37.54
CA PHE F 216 -3.18 -0.92 -38.23
C PHE F 216 -3.64 -2.32 -37.85
N PRO F 217 -3.50 -3.30 -38.75
CA PRO F 217 -3.95 -4.66 -38.46
C PRO F 217 -3.52 -5.16 -37.08
N LEU F 218 -2.28 -4.85 -36.69
CA LEU F 218 -1.64 -5.34 -35.44
C LEU F 218 -2.43 -4.91 -34.19
N ILE F 219 -3.10 -3.75 -34.21
CA ILE F 219 -3.80 -3.16 -33.03
C ILE F 219 -5.31 -3.16 -33.25
N GLU F 220 -5.83 -4.02 -34.15
CA GLU F 220 -7.30 -4.15 -34.28
C GLU F 220 -7.82 -4.71 -32.95
N GLN F 221 -8.82 -4.08 -32.39
CA GLN F 221 -9.42 -4.60 -31.14
C GLN F 221 -10.89 -4.30 -31.14
N ASP F 222 -11.61 -5.05 -30.32
CA ASP F 222 -13.07 -4.88 -30.08
C ASP F 222 -13.24 -4.00 -28.85
N PRO F 223 -13.59 -2.70 -28.99
CA PRO F 223 -13.63 -1.81 -27.83
C PRO F 223 -14.82 -2.13 -26.93
N GLN F 224 -15.79 -2.91 -27.42
CA GLN F 224 -16.86 -3.47 -26.52
C GLN F 224 -16.25 -4.36 -25.42
N GLN F 225 -15.17 -5.12 -25.70
CA GLN F 225 -14.47 -5.95 -24.67
C GLN F 225 -13.91 -5.02 -23.58
N PHE F 226 -13.40 -3.87 -23.95
CA PHE F 226 -12.94 -2.87 -22.95
C PHE F 226 -14.13 -2.35 -22.15
N LYS F 227 -15.21 -1.96 -22.85
CA LYS F 227 -16.36 -1.34 -22.16
C LYS F 227 -16.95 -2.38 -21.16
N ASP F 228 -17.04 -3.65 -21.55
CA ASP F 228 -17.61 -4.71 -20.67
C ASP F 228 -16.68 -4.90 -19.45
N ALA F 229 -15.36 -4.70 -19.61
CA ALA F 229 -14.37 -4.96 -18.55
C ALA F 229 -14.31 -3.78 -17.56
N VAL F 230 -14.78 -2.61 -17.95
CA VAL F 230 -14.72 -1.41 -17.06
C VAL F 230 -15.96 -1.35 -16.16
N ASN F 231 -15.75 -1.20 -14.87
CA ASN F 231 -16.85 -1.28 -13.86
C ASN F 231 -17.06 0.09 -13.20
N VAL F 232 -16.29 1.09 -13.58
CA VAL F 232 -16.27 2.42 -12.90
C VAL F 232 -16.57 3.50 -13.95
N GLY F 233 -17.42 4.44 -13.56
CA GLY F 233 -17.85 5.56 -14.42
C GLY F 233 -18.51 5.05 -15.70
N ASP F 234 -18.36 5.83 -16.76
CA ASP F 234 -19.03 5.67 -18.08
C ASP F 234 -17.93 5.42 -19.11
N VAL F 235 -18.14 4.50 -20.02
CA VAL F 235 -17.26 4.33 -21.19
C VAL F 235 -17.98 4.90 -22.40
N GLN F 236 -17.30 5.76 -23.16
CA GLN F 236 -17.81 6.23 -24.49
C GLN F 236 -16.90 5.74 -25.59
N ILE F 237 -17.33 4.71 -26.34
CA ILE F 237 -16.59 4.23 -27.54
C ILE F 237 -16.83 5.27 -28.65
N LEU F 238 -15.86 6.12 -28.89
CA LEU F 238 -16.00 7.21 -29.87
C LEU F 238 -15.38 6.72 -31.16
N LYS F 239 -16.09 6.99 -32.24
CA LYS F 239 -15.57 6.85 -33.59
C LYS F 239 -14.84 8.14 -33.90
N PRO F 240 -13.88 8.13 -34.85
CA PRO F 240 -13.23 9.36 -35.31
C PRO F 240 -14.31 10.36 -35.74
N GLY F 241 -14.31 11.55 -35.16
CA GLY F 241 -15.23 12.66 -35.47
C GLY F 241 -16.18 12.91 -34.32
N GLU F 242 -16.35 11.92 -33.42
CA GLU F 242 -17.36 11.98 -32.35
C GLU F 242 -16.82 12.64 -31.11
N SER F 243 -17.71 13.32 -30.40
CA SER F 243 -17.41 14.18 -29.24
C SER F 243 -17.77 13.48 -27.93
N VAL F 244 -17.06 13.79 -26.85
CA VAL F 244 -17.46 13.34 -25.50
C VAL F 244 -18.77 14.04 -25.08
N GLN F 245 -19.70 13.28 -24.49
CA GLN F 245 -20.99 13.77 -24.00
C GLN F 245 -20.94 13.84 -22.48
N PHE F 246 -21.06 15.04 -21.90
CA PHE F 246 -20.88 15.30 -20.46
C PHE F 246 -22.21 15.24 -19.69
#